data_7JG2
#
_entry.id   7JG2
#
_cell.length_a   1.00
_cell.length_b   1.00
_cell.length_c   1.00
_cell.angle_alpha   90.00
_cell.angle_beta   90.00
_cell.angle_gamma   90.00
#
_symmetry.space_group_name_H-M   'P 1'
#
loop_
_entity.id
_entity.type
_entity.pdbx_description
1 polymer 'Igh protein'
2 polymer 'Polymeric immunoglobulin receptor'
3 polymer 'Immunoglobulin J chain'
4 branched alpha-D-mannopyranose-(1-3)-alpha-D-mannopyranose-(1-6)-beta-D-mannopyranose-(1-4)-2-acetamido-2-deoxy-beta-D-glucopyranose-(1-4)-2-acetamido-2-deoxy-beta-D-glucopyranose
5 branched beta-D-mannopyranose-(1-4)-2-acetamido-2-deoxy-beta-D-glucopyranose-(1-4)-2-acetamido-2-deoxy-beta-D-glucopyranose
6 branched 2-acetamido-2-deoxy-beta-D-glucopyranose-(1-4)-2-acetamido-2-deoxy-beta-D-glucopyranose
7 non-polymer 2-acetamido-2-deoxy-beta-D-glucopyranose
#
loop_
_entity_poly.entity_id
_entity_poly.type
_entity_poly.pdbx_seq_one_letter_code
_entity_poly.pdbx_strand_id
1 'polypeptide(L)'
;WGQGTLVTVSAESARNPTIYPLTLPPALSSDPVIIGCLIHDYFPSGTMNVTWGKSGKDITTVNFPPALASGGRYTMSSQL
TLPAVECPEGESVKCSVQHDSNPVQELDVNCSGPTPPPPITIPSCQPSLSLQRPALEDLLLGSDASITCTLNGLRNPEGA
VFTWEPSTGKDAVQKKAVQNSCGCYSVSSVLPGCAERWNSGASFKCTVTHPESGTLTGTIAKVTVNTFPPQVHLLPPPSE
ELALNELLSLTCLVRAFNPKEVLVRWLHGNEELSPESYLVFEPLKEPGEGATTYLVTSVLRVSAETWKQGDQYSCMVGHE
ALPMNFTQKTIDRLSGKPTNVSVSVIMSEGDGICY
;
A,B,C,D
2 'polypeptide(L)'
;KSPIFGPQEVSSIEGDSVSITCYYPDTSVNRHTRKYWCRQGASGMCTTLISSNGYLSKEYSGRANLINFPENNTFVINIE
QLTQDDTGSYKCGLGTSNRGLSFDVSLEVSQVPELPSDTHVYTKDIGRNVTIECPFKRENAPSKKSLCKKTNQSCELVID
STEKVNPSYIGRAKLFMKGTDLTVFYVNISHLTHNDAGLYICQAGEGPSADKKNVDLQVLAPEPELLYKDLRSSVTFECD
LGREVANEAKYLCRMNKETCDVIINTLGKRDPDFEGRILITPKDDNGRFSVLITGLRKEDAGHYQCGAHSSGLPQEGWPI
QTWQLFVNEESTIPNRRSVVKGVTGGSVAIACPYNPKESSSLKYWCRWEGDGNGHCPVLVGTQAQVQEEYEGRLALFDQP
GNGTYTVILNQLTTEDAGFYWCLTNGDSRWRTTIELQVAEATREPNLEVTPQNATAVLGETFTVSCHYPCKFYSQEKYWC
KWSNKGCHILPSHDEGARQSSVSCDQSSQLVSMTLNPVSKEDEGWYWCGVKQGQTYGETTAIYIAVEER
;
E
3 'polypeptide(L)'
;DDEATILADNKCMCTRVTSRIIPSTEDPNEDIVERNIRIVVPLNNRENISDPTSPLRRNFVYHLSDVCKKCDPVEVELED
QVVTATQSNICNEDDGVPETCYMYDRNKCYTTMVPLRYHGETKMVQAALTPDSCYPD
;
J
#
loop_
_chem_comp.id
_chem_comp.type
_chem_comp.name
_chem_comp.formula
BMA D-saccharide, beta linking beta-D-mannopyranose 'C6 H12 O6'
MAN D-saccharide, alpha linking alpha-D-mannopyranose 'C6 H12 O6'
NAG D-saccharide, beta linking 2-acetamido-2-deoxy-beta-D-glucopyranose 'C8 H15 N O6'
#
# COMPACT_ATOMS: atom_id res chain seq x y z
N CYS A 125 -17.20 55.98 19.22
CA CYS A 125 -17.63 56.55 17.95
C CYS A 125 -16.45 56.97 17.09
N GLN A 126 -15.23 56.76 17.61
CA GLN A 126 -14.04 57.13 16.89
C GLN A 126 -13.85 56.22 15.68
N PRO A 127 -13.03 56.63 14.70
CA PRO A 127 -12.82 55.79 13.52
C PRO A 127 -12.27 54.42 13.90
N SER A 128 -12.61 53.43 13.08
CA SER A 128 -12.16 52.07 13.32
C SER A 128 -12.43 51.18 12.10
N LEU A 129 -11.39 50.85 11.36
CA LEU A 129 -11.52 49.98 10.20
C LEU A 129 -11.23 48.54 10.58
N SER A 130 -12.02 47.62 10.04
CA SER A 130 -11.87 46.20 10.34
C SER A 130 -12.26 45.38 9.12
N LEU A 131 -11.42 44.41 8.77
CA LEU A 131 -11.68 43.52 7.65
C LEU A 131 -12.40 42.28 8.18
N GLN A 132 -13.67 42.13 7.82
CA GLN A 132 -14.47 41.01 8.28
C GLN A 132 -14.15 39.76 7.46
N ARG A 133 -13.82 38.67 8.16
CA ARG A 133 -13.54 37.42 7.48
C ARG A 133 -14.81 36.93 6.78
N PRO A 134 -14.70 36.44 5.53
CA PRO A 134 -15.90 35.98 4.83
C PRO A 134 -16.56 34.82 5.56
N ALA A 135 -17.88 34.73 5.43
CA ALA A 135 -18.63 33.67 6.10
C ALA A 135 -18.18 32.30 5.60
N LEU A 136 -18.05 31.36 6.53
CA LEU A 136 -17.64 30.01 6.16
C LEU A 136 -18.66 29.35 5.24
N GLU A 137 -19.94 29.47 5.57
CA GLU A 137 -20.99 28.94 4.69
C GLU A 137 -20.93 29.58 3.31
N ASP A 138 -20.49 30.84 3.23
CA ASP A 138 -20.29 31.52 1.96
C ASP A 138 -18.96 31.17 1.31
N LEU A 139 -18.16 30.32 1.94
CA LEU A 139 -16.86 29.91 1.42
C LEU A 139 -16.79 28.44 1.06
N LEU A 140 -17.35 27.56 1.90
CA LEU A 140 -17.34 26.13 1.64
C LEU A 140 -18.56 25.71 0.82
N LEU A 141 -19.76 25.92 1.37
CA LEU A 141 -20.97 25.57 0.66
C LEU A 141 -21.12 26.33 -0.65
N GLY A 142 -20.45 27.47 -0.78
CA GLY A 142 -20.50 28.25 -2.00
C GLY A 142 -19.12 28.43 -2.63
N SER A 143 -19.00 29.49 -3.43
CA SER A 143 -17.75 29.84 -4.08
C SER A 143 -17.73 31.36 -4.28
N ASP A 144 -18.11 32.13 -3.26
CA ASP A 144 -17.90 33.58 -3.21
C ASP A 144 -17.37 33.99 -1.83
N ALA A 145 -16.08 34.29 -1.70
CA ALA A 145 -15.49 34.63 -0.41
C ALA A 145 -15.57 36.15 -0.17
N SER A 146 -16.80 36.65 -0.24
CA SER A 146 -17.05 38.09 -0.12
C SER A 146 -16.41 38.67 1.13
N ILE A 147 -15.31 39.39 0.95
CA ILE A 147 -14.64 40.08 2.05
C ILE A 147 -15.29 41.45 2.23
N THR A 148 -15.32 41.93 3.48
CA THR A 148 -15.92 43.21 3.81
C THR A 148 -14.91 44.06 4.57
N CYS A 149 -14.73 45.30 4.12
CA CYS A 149 -13.84 46.26 4.77
C CYS A 149 -14.72 47.30 5.45
N THR A 150 -15.16 46.99 6.67
CA THR A 150 -16.10 47.83 7.38
C THR A 150 -15.38 49.00 8.05
N LEU A 151 -15.86 50.20 7.78
CA LEU A 151 -15.33 51.43 8.39
C LEU A 151 -16.36 51.92 9.40
N ASN A 152 -16.33 51.34 10.59
CA ASN A 152 -17.29 51.63 11.65
C ASN A 152 -16.76 52.70 12.59
N GLY A 153 -17.69 53.37 13.27
CA GLY A 153 -17.35 54.40 14.23
C GLY A 153 -17.11 55.75 13.59
N LEU A 154 -18.18 56.35 13.04
CA LEU A 154 -18.10 57.64 12.38
C LEU A 154 -19.23 58.52 12.91
N ARG A 155 -18.88 59.54 13.70
CA ARG A 155 -19.88 60.47 14.21
C ARG A 155 -20.45 61.37 13.12
N ASN A 156 -19.76 61.51 12.00
CA ASN A 156 -20.15 62.40 10.92
C ASN A 156 -20.79 61.61 9.79
N PRO A 157 -21.47 62.30 8.86
CA PRO A 157 -22.09 61.58 7.73
C PRO A 157 -21.08 60.82 6.90
N GLU A 158 -21.57 60.12 5.88
CA GLU A 158 -20.71 59.33 5.00
C GLU A 158 -19.98 60.23 4.01
N GLY A 159 -19.37 59.63 2.99
CA GLY A 159 -18.66 60.37 1.98
C GLY A 159 -17.19 59.98 1.91
N ALA A 160 -16.93 58.68 2.00
CA ALA A 160 -15.59 58.13 1.95
C ALA A 160 -15.37 57.36 0.66
N VAL A 161 -14.13 56.96 0.43
CA VAL A 161 -13.73 56.20 -0.75
C VAL A 161 -12.89 55.01 -0.31
N PHE A 162 -13.14 53.86 -0.92
CA PHE A 162 -12.44 52.63 -0.61
C PHE A 162 -11.52 52.25 -1.76
N THR A 163 -10.47 51.51 -1.44
CA THR A 163 -9.50 51.06 -2.44
C THR A 163 -8.88 49.75 -1.98
N TRP A 164 -8.56 48.90 -2.95
CA TRP A 164 -7.96 47.60 -2.69
C TRP A 164 -6.71 47.45 -3.54
N GLU A 165 -5.84 46.52 -3.14
CA GLU A 165 -4.60 46.27 -3.85
C GLU A 165 -4.79 45.21 -4.93
N PRO A 166 -5.35 44.03 -4.60
CA PRO A 166 -5.53 43.01 -5.65
C PRO A 166 -6.74 43.29 -6.55
N SER A 167 -6.58 44.25 -7.45
CA SER A 167 -7.64 44.65 -8.37
C SER A 167 -7.69 43.64 -9.51
N THR A 168 -8.52 42.61 -9.34
CA THR A 168 -8.70 41.57 -10.36
C THR A 168 -9.84 41.89 -11.31
N GLY A 169 -10.15 43.16 -11.52
CA GLY A 169 -11.22 43.58 -12.40
C GLY A 169 -12.58 43.69 -11.72
N LYS A 170 -12.80 42.93 -10.65
CA LYS A 170 -14.07 42.97 -9.93
C LYS A 170 -14.14 44.24 -9.11
N ASP A 171 -15.03 45.15 -9.48
CA ASP A 171 -15.20 46.40 -8.74
C ASP A 171 -15.85 46.13 -7.39
N ALA A 172 -15.34 46.79 -6.35
CA ALA A 172 -15.85 46.62 -4.99
C ALA A 172 -17.22 47.29 -4.90
N VAL A 173 -18.27 46.47 -4.91
CA VAL A 173 -19.64 46.98 -4.81
C VAL A 173 -19.61 47.59 -3.41
N GLN A 174 -19.58 48.92 -3.33
CA GLN A 174 -19.55 49.60 -2.04
C GLN A 174 -21.00 49.61 -1.58
N LYS A 175 -21.18 49.44 -0.27
CA LYS A 175 -22.50 49.43 0.35
C LYS A 175 -22.77 50.77 1.03
N LYS A 176 -24.03 50.96 1.42
CA LYS A 176 -24.42 52.19 2.11
C LYS A 176 -23.88 52.19 3.53
N ALA A 177 -24.17 53.27 4.25
CA ALA A 177 -23.73 53.45 5.63
C ALA A 177 -24.91 53.26 6.57
N VAL A 178 -24.73 52.41 7.57
CA VAL A 178 -25.77 52.13 8.57
C VAL A 178 -25.47 52.94 9.82
N GLN A 179 -26.47 53.62 10.34
CA GLN A 179 -26.34 54.45 11.54
C GLN A 179 -26.93 53.69 12.71
N ASN A 180 -26.07 53.08 13.53
CA ASN A 180 -26.53 52.34 14.68
C ASN A 180 -27.26 53.27 15.65
N SER A 181 -27.96 52.64 16.61
CA SER A 181 -28.73 53.43 17.58
C SER A 181 -27.83 54.31 18.43
N CYS A 182 -26.57 53.93 18.60
CA CYS A 182 -25.64 54.72 19.41
C CYS A 182 -25.38 56.09 18.80
N GLY A 183 -25.60 56.25 17.50
CA GLY A 183 -25.41 57.52 16.84
C GLY A 183 -24.15 57.62 16.00
N CYS A 184 -23.70 56.53 15.40
CA CYS A 184 -22.51 56.54 14.55
C CYS A 184 -22.77 55.71 13.32
N TYR A 185 -22.08 56.05 12.24
CA TYR A 185 -22.25 55.39 10.95
C TYR A 185 -21.20 54.29 10.77
N SER A 186 -21.44 53.43 9.78
CA SER A 186 -20.53 52.34 9.47
C SER A 186 -20.70 51.96 8.01
N VAL A 187 -19.65 52.14 7.22
CA VAL A 187 -19.67 51.84 5.79
C VAL A 187 -19.06 50.47 5.58
N SER A 188 -19.31 49.90 4.40
CA SER A 188 -18.80 48.59 4.04
C SER A 188 -18.40 48.57 2.57
N SER A 189 -17.58 47.60 2.21
CA SER A 189 -17.10 47.44 0.84
C SER A 189 -16.87 45.97 0.57
N VAL A 190 -17.55 45.43 -0.44
CA VAL A 190 -17.52 44.01 -0.74
C VAL A 190 -16.49 43.74 -1.83
N LEU A 191 -15.97 42.52 -1.85
CA LEU A 191 -15.02 42.09 -2.87
C LEU A 191 -15.36 40.66 -3.27
N PRO A 192 -16.04 40.46 -4.40
CA PRO A 192 -16.35 39.10 -4.85
C PRO A 192 -15.22 38.49 -5.67
N GLY A 193 -15.26 37.17 -5.77
CA GLY A 193 -14.30 36.44 -6.57
C GLY A 193 -12.89 36.44 -5.99
N CYS A 194 -12.76 36.33 -4.67
CA CYS A 194 -11.45 36.27 -4.02
C CYS A 194 -11.25 34.93 -3.32
N ALA A 195 -11.78 33.85 -3.92
CA ALA A 195 -11.60 32.53 -3.33
C ALA A 195 -10.18 32.02 -3.52
N GLU A 196 -9.60 32.26 -4.70
CA GLU A 196 -8.24 31.82 -4.95
C GLU A 196 -7.25 32.50 -4.00
N ARG A 197 -7.51 33.77 -3.65
CA ARG A 197 -6.62 34.47 -2.74
C ARG A 197 -6.66 33.86 -1.35
N TRP A 198 -7.86 33.55 -0.85
CA TRP A 198 -7.98 32.96 0.48
C TRP A 198 -7.37 31.56 0.51
N ASN A 199 -7.65 30.75 -0.51
CA ASN A 199 -7.08 29.40 -0.55
C ASN A 199 -5.57 29.45 -0.63
N SER A 200 -5.02 30.42 -1.36
CA SER A 200 -3.57 30.57 -1.49
C SER A 200 -2.96 31.35 -0.33
N GLY A 201 -3.77 31.99 0.50
CA GLY A 201 -3.25 32.75 1.62
C GLY A 201 -2.78 34.15 1.28
N ALA A 202 -3.11 34.66 0.09
CA ALA A 202 -2.68 36.00 -0.28
C ALA A 202 -3.32 37.03 0.63
N SER A 203 -2.49 37.86 1.26
CA SER A 203 -2.99 38.87 2.18
C SER A 203 -3.82 39.91 1.45
N PHE A 204 -4.88 40.38 2.12
CA PHE A 204 -5.77 41.39 1.58
C PHE A 204 -5.57 42.70 2.35
N LYS A 205 -5.33 43.78 1.62
CA LYS A 205 -5.11 45.10 2.20
C LYS A 205 -6.18 46.06 1.69
N CYS A 206 -6.87 46.72 2.62
CA CYS A 206 -7.91 47.68 2.31
C CYS A 206 -7.48 49.07 2.77
N THR A 207 -7.73 50.06 1.91
CA THR A 207 -7.41 51.45 2.21
C THR A 207 -8.67 52.30 2.06
N VAL A 208 -8.97 53.09 3.09
CA VAL A 208 -10.14 53.97 3.10
C VAL A 208 -9.68 55.36 3.49
N THR A 209 -10.28 56.38 2.88
CA THR A 209 -9.95 57.77 3.14
C THR A 209 -11.20 58.54 3.53
N HIS A 210 -11.06 59.41 4.52
CA HIS A 210 -12.17 60.22 5.01
C HIS A 210 -11.59 61.42 5.73
N PRO A 211 -12.26 62.59 5.66
CA PRO A 211 -11.72 63.77 6.37
C PRO A 211 -11.42 63.51 7.84
N GLU A 212 -12.34 62.87 8.56
CA GLU A 212 -12.11 62.59 9.98
C GLU A 212 -11.21 61.39 10.20
N SER A 213 -11.05 60.51 9.21
CA SER A 213 -10.20 59.32 9.32
C SER A 213 -9.51 59.12 7.96
N GLY A 214 -8.49 59.93 7.69
CA GLY A 214 -7.76 59.85 6.45
C GLY A 214 -7.03 58.53 6.29
N THR A 215 -5.99 58.32 7.10
CA THR A 215 -5.20 57.11 7.03
C THR A 215 -5.88 56.00 7.82
N LEU A 216 -6.16 54.88 7.16
CA LEU A 216 -6.79 53.73 7.83
C LEU A 216 -6.60 52.51 6.94
N THR A 217 -5.90 51.51 7.45
CA THR A 217 -5.59 50.30 6.69
C THR A 217 -5.98 49.06 7.49
N GLY A 218 -6.34 48.01 6.77
CA GLY A 218 -6.67 46.73 7.38
C GLY A 218 -6.01 45.59 6.63
N THR A 219 -5.58 44.55 7.35
CA THR A 219 -4.85 43.44 6.77
C THR A 219 -5.54 42.13 7.11
N ILE A 220 -5.65 41.26 6.10
CA ILE A 220 -6.18 39.91 6.27
C ILE A 220 -5.04 38.93 6.02
N ALA A 221 -5.00 37.85 6.82
CA ALA A 221 -3.98 36.82 6.67
C ALA A 221 -4.58 35.51 7.14
N LYS A 222 -4.76 34.57 6.21
CA LYS A 222 -5.33 33.27 6.57
C LYS A 222 -4.44 32.57 7.58
N VAL A 223 -5.07 31.90 8.54
CA VAL A 223 -4.33 31.18 9.58
C VAL A 223 -3.76 29.91 8.96
N THR A 224 -2.44 29.85 8.83
CA THR A 224 -1.75 28.69 8.28
C THR A 224 -0.46 28.43 9.03
N VAL A 225 -0.51 28.51 10.36
CA VAL A 225 0.68 28.33 11.18
C VAL A 225 0.42 27.24 12.23
N ASN A 226 -0.82 27.16 12.71
CA ASN A 226 -1.18 26.19 13.74
C ASN A 226 -2.64 25.80 13.60
N THR A 227 -3.05 25.41 12.39
CA THR A 227 -4.41 24.97 12.14
C THR A 227 -4.51 23.46 12.34
N PHE A 228 -5.68 23.02 12.81
CA PHE A 228 -5.93 21.62 13.06
C PHE A 228 -7.32 21.27 12.56
N PRO A 229 -7.54 20.03 12.14
CA PRO A 229 -8.87 19.64 11.63
C PRO A 229 -9.79 19.25 12.77
N PRO A 230 -11.08 19.56 12.66
CA PRO A 230 -12.01 19.19 13.74
C PRO A 230 -12.19 17.68 13.85
N GLN A 231 -12.38 17.22 15.08
CA GLN A 231 -12.62 15.81 15.38
C GLN A 231 -14.08 15.66 15.77
N VAL A 232 -14.86 15.02 14.90
CA VAL A 232 -16.30 14.87 15.11
C VAL A 232 -16.56 13.60 15.91
N HIS A 233 -17.53 13.68 16.82
CA HIS A 233 -17.92 12.55 17.65
C HIS A 233 -19.44 12.62 17.85
N LEU A 234 -20.16 11.81 17.09
CA LEU A 234 -21.63 11.76 17.16
C LEU A 234 -22.02 10.80 18.26
N LEU A 235 -22.40 11.34 19.42
CA LEU A 235 -22.76 10.51 20.55
C LEU A 235 -24.21 10.05 20.45
N PRO A 236 -24.54 8.92 21.07
CA PRO A 236 -25.92 8.42 21.03
C PRO A 236 -26.75 9.06 22.13
N PRO A 237 -28.06 8.81 22.14
CA PRO A 237 -28.91 9.38 23.20
C PRO A 237 -28.58 8.75 24.54
N PRO A 238 -29.11 9.31 25.63
CA PRO A 238 -28.86 8.72 26.96
C PRO A 238 -29.67 7.47 27.22
N SER A 239 -29.66 6.97 28.45
CA SER A 239 -30.40 5.77 28.81
C SER A 239 -31.81 6.07 29.29
N GLU A 240 -32.07 7.27 29.79
CA GLU A 240 -33.40 7.60 30.29
C GLU A 240 -34.35 7.98 29.16
N GLU A 241 -33.86 8.79 28.20
CA GLU A 241 -34.73 9.20 27.10
C GLU A 241 -35.23 8.00 26.31
N LEU A 242 -34.48 6.90 26.28
CA LEU A 242 -34.93 5.71 25.59
C LEU A 242 -36.14 5.10 26.30
N ALA A 243 -36.14 5.11 27.63
CA ALA A 243 -37.26 4.55 28.37
C ALA A 243 -38.52 5.41 28.23
N LEU A 244 -38.35 6.73 28.07
CA LEU A 244 -39.50 7.61 27.92
C LEU A 244 -40.21 7.37 26.59
N ASN A 245 -39.47 7.01 25.55
CA ASN A 245 -40.03 6.78 24.22
C ASN A 245 -40.74 8.00 23.66
N GLU A 246 -40.38 9.19 24.13
CA GLU A 246 -41.01 10.43 23.68
C GLU A 246 -40.10 11.15 22.69
N LEU A 247 -38.97 11.64 23.17
CA LEU A 247 -38.01 12.37 22.33
C LEU A 247 -36.60 12.03 22.78
N LEU A 248 -35.70 11.90 21.80
CA LEU A 248 -34.30 11.62 22.06
C LEU A 248 -33.45 12.81 21.68
N SER A 249 -32.30 12.95 22.35
CA SER A 249 -31.39 14.06 22.15
C SER A 249 -30.06 13.53 21.63
N LEU A 250 -29.71 13.91 20.40
CA LEU A 250 -28.44 13.54 19.80
C LEU A 250 -27.49 14.73 19.83
N THR A 251 -26.22 14.45 20.11
CA THR A 251 -25.20 15.49 20.22
C THR A 251 -24.04 15.17 19.28
N CYS A 252 -23.52 16.21 18.62
CA CYS A 252 -22.39 16.10 17.71
C CYS A 252 -21.25 16.94 18.28
N LEU A 253 -20.28 16.27 18.91
CA LEU A 253 -19.16 16.94 19.57
C LEU A 253 -18.06 17.15 18.54
N VAL A 254 -17.80 18.41 18.19
CA VAL A 254 -16.73 18.77 17.28
C VAL A 254 -15.60 19.37 18.12
N ARG A 255 -14.42 18.77 18.03
CA ARG A 255 -13.31 19.09 18.92
C ARG A 255 -12.04 19.32 18.12
N ALA A 256 -11.15 20.14 18.68
CA ALA A 256 -9.81 20.33 18.16
C ALA A 256 -9.81 21.01 16.78
N PHE A 257 -9.79 22.34 16.77
CA PHE A 257 -9.69 23.10 15.53
C PHE A 257 -9.39 24.56 15.83
N ASN A 258 -8.22 25.03 15.39
CA ASN A 258 -7.83 26.41 15.68
C ASN A 258 -8.75 27.44 15.05
N PRO A 259 -9.13 27.32 13.76
CA PRO A 259 -10.06 28.29 13.18
C PRO A 259 -11.41 28.28 13.90
N LYS A 260 -11.74 29.39 14.57
CA LYS A 260 -12.96 29.43 15.36
C LYS A 260 -14.19 29.14 14.50
N GLU A 261 -14.29 29.78 13.34
CA GLU A 261 -15.45 29.59 12.48
C GLU A 261 -15.55 28.13 12.04
N VAL A 262 -16.75 27.56 12.17
CA VAL A 262 -17.00 26.17 11.80
C VAL A 262 -18.45 26.04 11.40
N LEU A 263 -18.72 25.10 10.49
CA LEU A 263 -20.06 24.83 9.99
C LEU A 263 -20.52 23.46 10.47
N VAL A 264 -21.78 23.38 10.89
CA VAL A 264 -22.37 22.14 11.39
C VAL A 264 -23.81 22.06 10.92
N ARG A 265 -24.19 20.90 10.38
CA ARG A 265 -25.56 20.65 9.93
C ARG A 265 -25.91 19.21 10.25
N TRP A 266 -27.19 18.89 10.07
CA TRP A 266 -27.71 17.55 10.31
C TRP A 266 -28.49 17.08 9.09
N LEU A 267 -28.60 15.76 8.96
CA LEU A 267 -29.29 15.15 7.84
C LEU A 267 -30.05 13.92 8.32
N HIS A 268 -31.21 13.68 7.72
CA HIS A 268 -32.02 12.50 8.03
C HIS A 268 -31.64 11.34 7.12
N GLY A 269 -30.36 10.97 7.17
CA GLY A 269 -29.82 9.95 6.30
C GLY A 269 -29.40 10.53 4.97
N ASN A 270 -30.33 11.17 4.27
CA ASN A 270 -30.02 11.83 3.01
C ASN A 270 -30.76 13.15 2.83
N GLU A 271 -31.68 13.51 3.71
CA GLU A 271 -32.43 14.76 3.61
C GLU A 271 -31.92 15.73 4.67
N GLU A 272 -31.46 16.89 4.23
CA GLU A 272 -30.95 17.89 5.16
C GLU A 272 -32.07 18.45 6.01
N LEU A 273 -31.80 18.65 7.29
CA LEU A 273 -32.77 19.19 8.22
C LEU A 273 -32.62 20.71 8.30
N SER A 274 -33.75 21.39 8.51
CA SER A 274 -33.74 22.84 8.59
C SER A 274 -32.98 23.30 9.83
N PRO A 275 -32.33 24.46 9.78
CA PRO A 275 -31.63 24.95 10.98
C PRO A 275 -32.54 25.16 12.18
N GLU A 276 -33.85 25.35 11.96
CA GLU A 276 -34.79 25.56 13.05
C GLU A 276 -35.13 24.27 13.79
N SER A 277 -34.72 23.11 13.28
CA SER A 277 -35.02 21.83 13.92
C SER A 277 -33.94 21.40 14.91
N TYR A 278 -32.72 21.92 14.78
CA TYR A 278 -31.62 21.59 15.67
C TYR A 278 -30.99 22.89 16.17
N LEU A 279 -30.02 22.75 17.07
CA LEU A 279 -29.34 23.89 17.68
C LEU A 279 -27.84 23.75 17.50
N VAL A 280 -27.17 24.90 17.40
CA VAL A 280 -25.71 24.96 17.25
C VAL A 280 -25.20 26.05 18.17
N PHE A 281 -24.39 25.68 19.16
CA PHE A 281 -23.88 26.63 20.13
C PHE A 281 -22.69 27.39 19.56
N GLU A 282 -22.24 28.40 20.31
CA GLU A 282 -21.13 29.23 19.89
C GLU A 282 -19.81 28.56 20.24
N PRO A 283 -18.80 28.61 19.35
CA PRO A 283 -17.51 28.01 19.68
C PRO A 283 -16.86 28.69 20.88
N LEU A 284 -16.13 27.91 21.65
CA LEU A 284 -15.41 28.39 22.82
C LEU A 284 -14.04 27.75 22.86
N LYS A 285 -13.03 28.54 23.25
CA LYS A 285 -11.67 28.01 23.30
C LYS A 285 -11.57 26.88 24.32
N GLU A 286 -10.88 25.82 23.93
CA GLU A 286 -10.70 24.68 24.82
C GLU A 286 -9.59 24.98 25.82
N PRO A 287 -9.80 24.74 27.11
CA PRO A 287 -8.75 25.00 28.10
C PRO A 287 -7.69 23.91 28.06
N GLY A 288 -6.72 24.04 28.96
CA GLY A 288 -5.63 23.09 29.06
C GLY A 288 -4.34 23.62 28.46
N GLU A 289 -3.25 22.91 28.75
CA GLU A 289 -1.93 23.28 28.27
C GLU A 289 -1.71 22.71 26.87
N GLY A 290 -1.34 23.57 25.95
CA GLY A 290 -1.09 23.16 24.58
C GLY A 290 -1.41 24.29 23.63
N ALA A 291 -1.73 23.92 22.39
CA ALA A 291 -2.07 24.88 21.35
C ALA A 291 -3.47 25.42 21.57
N THR A 292 -3.91 26.29 20.66
CA THR A 292 -5.23 26.90 20.73
C THR A 292 -6.22 26.10 19.90
N THR A 293 -7.34 25.73 20.52
CA THR A 293 -8.38 24.96 19.84
C THR A 293 -9.74 25.44 20.34
N TYR A 294 -10.78 25.06 19.61
CA TYR A 294 -12.15 25.43 19.93
C TYR A 294 -13.00 24.17 20.01
N LEU A 295 -14.27 24.36 20.41
CA LEU A 295 -15.16 23.23 20.63
C LEU A 295 -16.60 23.71 20.54
N VAL A 296 -17.43 22.93 19.85
CA VAL A 296 -18.85 23.21 19.71
C VAL A 296 -19.64 21.94 19.95
N THR A 297 -20.93 22.09 20.23
CA THR A 297 -21.83 20.98 20.47
C THR A 297 -23.20 21.33 19.91
N SER A 298 -23.64 20.56 18.91
CA SER A 298 -24.94 20.76 18.28
C SER A 298 -25.91 19.68 18.76
N VAL A 299 -27.11 20.09 19.12
CA VAL A 299 -28.14 19.19 19.66
C VAL A 299 -29.24 19.03 18.62
N LEU A 300 -29.76 17.82 18.50
CA LEU A 300 -30.84 17.51 17.58
C LEU A 300 -31.86 16.65 18.31
N ARG A 301 -33.14 17.05 18.24
CA ARG A 301 -34.22 16.30 18.85
C ARG A 301 -34.82 15.35 17.82
N VAL A 302 -35.04 14.10 18.23
CA VAL A 302 -35.55 13.06 17.35
C VAL A 302 -36.64 12.30 18.07
N SER A 303 -37.62 11.82 17.29
CA SER A 303 -38.70 11.00 17.84
C SER A 303 -38.23 9.56 17.99
N ALA A 304 -38.63 8.93 19.09
CA ALA A 304 -38.23 7.55 19.35
C ALA A 304 -38.75 6.61 18.26
N GLU A 305 -39.85 6.98 17.60
CA GLU A 305 -40.39 6.13 16.55
C GLU A 305 -39.39 5.97 15.42
N THR A 306 -38.79 7.08 14.97
CA THR A 306 -37.82 7.00 13.89
C THR A 306 -36.50 6.39 14.36
N TRP A 307 -36.20 6.50 15.65
CA TRP A 307 -34.97 5.91 16.17
C TRP A 307 -35.02 4.40 16.13
N LYS A 308 -36.07 3.80 16.72
CA LYS A 308 -36.20 2.35 16.69
C LYS A 308 -36.39 1.84 15.27
N GLN A 309 -37.05 2.62 14.42
CA GLN A 309 -37.32 2.21 13.04
C GLN A 309 -36.14 2.31 12.05
N GLY A 310 -34.92 2.06 12.50
CA GLY A 310 -33.75 2.11 11.61
C GLY A 310 -33.63 3.24 10.59
N ASP A 311 -33.53 4.46 11.11
CA ASP A 311 -33.37 5.69 10.35
C ASP A 311 -32.03 6.30 10.70
N GLN A 312 -31.16 6.40 9.70
CA GLN A 312 -29.81 6.90 9.91
C GLN A 312 -29.82 8.42 10.02
N TYR A 313 -29.34 8.93 11.14
CA TYR A 313 -29.18 10.36 11.37
C TYR A 313 -27.70 10.70 11.41
N SER A 314 -27.30 11.68 10.61
CA SER A 314 -25.88 12.02 10.44
C SER A 314 -25.64 13.46 10.84
N CYS A 315 -24.37 13.76 11.15
CA CYS A 315 -23.92 15.10 11.48
C CYS A 315 -22.82 15.49 10.51
N MET A 316 -23.01 16.60 9.80
CA MET A 316 -22.07 17.08 8.81
C MET A 316 -21.34 18.31 9.35
N VAL A 317 -20.00 18.25 9.34
CA VAL A 317 -19.16 19.32 9.83
C VAL A 317 -18.38 19.89 8.65
N GLY A 318 -18.43 21.21 8.49
CA GLY A 318 -17.72 21.91 7.44
C GLY A 318 -16.60 22.76 8.02
N HIS A 319 -15.39 22.55 7.51
CA HIS A 319 -14.22 23.26 7.99
C HIS A 319 -13.25 23.43 6.84
N GLU A 320 -12.28 24.34 7.04
CA GLU A 320 -11.29 24.61 6.00
C GLU A 320 -10.13 23.62 6.05
N ALA A 321 -9.63 23.31 7.25
CA ALA A 321 -8.49 22.42 7.38
C ALA A 321 -8.80 20.98 7.01
N LEU A 322 -10.08 20.63 6.82
CA LEU A 322 -10.42 19.26 6.49
C LEU A 322 -10.10 18.96 5.03
N PRO A 323 -9.82 17.70 4.70
CA PRO A 323 -9.65 17.31 3.29
C PRO A 323 -11.01 17.24 2.62
N MET A 324 -11.18 18.04 1.57
CA MET A 324 -12.42 18.23 0.82
C MET A 324 -13.38 19.15 1.56
N ASN A 325 -13.00 19.69 2.72
CA ASN A 325 -13.71 20.69 3.50
C ASN A 325 -14.82 20.11 4.36
N PHE A 326 -15.15 18.82 4.24
CA PHE A 326 -16.30 18.26 4.94
C PHE A 326 -15.97 16.88 5.48
N THR A 327 -16.62 16.53 6.59
CA THR A 327 -16.53 15.21 7.20
C THR A 327 -17.90 14.86 7.77
N GLN A 328 -18.29 13.59 7.59
CA GLN A 328 -19.62 13.13 7.95
C GLN A 328 -19.54 12.01 8.98
N LYS A 329 -20.50 11.99 9.89
CA LYS A 329 -20.63 10.93 10.89
C LYS A 329 -22.09 10.52 10.98
N THR A 330 -22.34 9.21 11.04
CA THR A 330 -23.68 8.66 11.07
C THR A 330 -23.88 7.81 12.32
N ILE A 331 -25.15 7.63 12.69
CA ILE A 331 -25.50 6.85 13.86
C ILE A 331 -26.97 6.47 13.75
N ASP A 332 -27.36 5.42 14.47
CA ASP A 332 -28.74 4.96 14.50
C ASP A 332 -28.95 4.19 15.80
N ARG A 333 -30.02 3.39 15.87
CA ARG A 333 -30.24 2.56 17.05
C ARG A 333 -29.03 1.69 17.35
N LEU A 334 -28.32 1.23 16.32
CA LEU A 334 -27.10 0.46 16.48
C LEU A 334 -25.91 1.40 16.54
N SER A 335 -25.84 2.15 17.64
CA SER A 335 -24.77 3.14 17.81
C SER A 335 -23.40 2.50 17.75
N GLY A 336 -23.29 1.23 18.14
CA GLY A 336 -22.02 0.53 18.14
C GLY A 336 -21.80 -0.25 19.41
N LYS A 337 -22.06 -1.56 19.36
CA LYS A 337 -21.93 -2.42 20.52
C LYS A 337 -22.92 -1.98 21.60
N PRO A 338 -24.23 -2.01 21.32
CA PRO A 338 -25.21 -1.55 22.32
C PRO A 338 -25.65 -2.67 23.26
N THR A 339 -24.70 -3.50 23.69
CA THR A 339 -24.98 -4.59 24.63
C THR A 339 -25.65 -5.78 23.97
N ASN A 340 -26.17 -5.59 22.75
CA ASN A 340 -26.84 -6.65 22.00
C ASN A 340 -26.23 -6.69 20.61
N VAL A 341 -25.32 -7.63 20.39
CA VAL A 341 -24.62 -7.79 19.12
C VAL A 341 -24.63 -9.26 18.74
N SER A 342 -25.05 -9.55 17.50
CA SER A 342 -25.08 -10.90 16.96
C SER A 342 -24.06 -10.98 15.84
N VAL A 343 -22.81 -11.25 16.20
CA VAL A 343 -21.70 -11.30 15.25
C VAL A 343 -21.55 -12.73 14.76
N SER A 344 -21.00 -12.85 13.54
CA SER A 344 -20.72 -14.14 12.93
C SER A 344 -19.40 -14.06 12.19
N VAL A 345 -18.74 -15.21 12.06
CA VAL A 345 -17.46 -15.30 11.36
C VAL A 345 -17.38 -16.66 10.67
N ILE A 346 -17.06 -16.65 9.39
CA ILE A 346 -16.94 -17.87 8.59
C ILE A 346 -15.63 -17.79 7.82
N MET A 347 -14.64 -18.57 8.24
CA MET A 347 -13.32 -18.62 7.59
C MET A 347 -13.27 -19.90 6.77
N SER A 348 -13.78 -19.84 5.54
CA SER A 348 -13.82 -21.00 4.68
C SER A 348 -12.50 -21.15 3.93
N GLU A 349 -12.19 -22.39 3.55
CA GLU A 349 -10.97 -22.71 2.80
C GLU A 349 -9.73 -22.27 3.58
N GLY A 350 -9.78 -22.39 4.90
CA GLY A 350 -8.64 -22.02 5.72
C GLY A 350 -7.40 -22.82 5.41
N ASP A 351 -7.57 -24.09 5.04
CA ASP A 351 -6.46 -24.97 4.70
C ASP A 351 -6.30 -25.14 3.20
N GLY A 352 -6.90 -24.26 2.40
CA GLY A 352 -6.81 -24.37 0.95
C GLY A 352 -5.46 -23.95 0.41
N ILE A 353 -5.45 -23.34 -0.77
CA ILE A 353 -4.24 -22.89 -1.44
C ILE A 353 -4.27 -21.38 -1.48
N CYS A 354 -3.23 -20.75 -0.93
CA CYS A 354 -3.09 -19.30 -0.89
C CYS A 354 -2.02 -18.90 -1.90
N TYR A 355 -2.44 -18.65 -3.14
CA TYR A 355 -1.51 -18.27 -4.20
C TYR A 355 -0.82 -16.96 -3.88
N CYS B 125 -28.64 59.38 22.93
CA CYS B 125 -28.72 58.70 24.22
C CYS B 125 -30.05 58.99 24.91
N GLN B 126 -30.99 58.05 24.82
CA GLN B 126 -32.29 58.20 25.45
C GLN B 126 -32.31 57.44 26.76
N PRO B 127 -32.51 58.09 27.90
CA PRO B 127 -32.53 57.35 29.17
C PRO B 127 -33.59 56.26 29.17
N SER B 128 -33.23 55.11 29.72
CA SER B 128 -34.14 53.97 29.80
C SER B 128 -33.77 53.14 31.02
N LEU B 129 -34.78 52.78 31.81
CA LEU B 129 -34.57 52.02 33.03
C LEU B 129 -34.63 50.53 32.73
N SER B 130 -33.60 49.80 33.18
CA SER B 130 -33.50 48.37 32.99
C SER B 130 -33.23 47.71 34.33
N LEU B 131 -34.14 46.86 34.78
CA LEU B 131 -34.04 46.19 36.06
C LEU B 131 -33.48 44.79 35.87
N GLN B 132 -32.51 44.41 36.70
CA GLN B 132 -31.83 43.14 36.60
C GLN B 132 -32.17 42.27 37.80
N ARG B 133 -32.44 40.99 37.55
CA ARG B 133 -32.73 40.04 38.61
C ARG B 133 -31.44 39.47 39.19
N PRO B 134 -31.41 39.18 40.49
CA PRO B 134 -30.20 38.58 41.08
C PRO B 134 -29.82 37.31 40.35
N ALA B 135 -28.52 37.00 40.36
CA ALA B 135 -27.99 35.85 39.67
C ALA B 135 -28.17 34.59 40.53
N LEU B 136 -27.90 33.44 39.91
CA LEU B 136 -28.01 32.16 40.62
C LEU B 136 -26.93 31.98 41.67
N GLU B 137 -25.92 32.86 41.71
CA GLU B 137 -24.84 32.74 42.69
C GLU B 137 -25.28 33.14 44.09
N ASP B 138 -26.53 33.55 44.28
CA ASP B 138 -26.99 33.94 45.62
C ASP B 138 -27.29 32.74 46.49
N LEU B 139 -27.83 31.67 45.91
CA LEU B 139 -28.17 30.47 46.66
C LEU B 139 -26.95 29.61 46.98
N LEU B 140 -25.79 30.07 46.54
CA LEU B 140 -24.56 29.40 46.74
C LEU B 140 -24.09 29.52 48.23
N LEU B 141 -22.86 29.15 48.47
CA LEU B 141 -22.39 29.28 49.85
C LEU B 141 -22.54 30.71 50.33
N GLY B 142 -22.75 31.66 49.43
CA GLY B 142 -22.96 33.04 49.83
C GLY B 142 -24.14 33.19 50.76
N SER B 143 -24.29 34.41 51.28
CA SER B 143 -25.32 34.71 52.26
C SER B 143 -26.54 35.39 51.62
N ASP B 144 -26.36 36.58 51.08
CA ASP B 144 -27.46 37.38 50.54
C ASP B 144 -27.37 37.45 49.02
N ALA B 145 -28.40 38.06 48.44
CA ALA B 145 -28.51 38.29 47.00
C ALA B 145 -28.28 39.77 46.70
N SER B 146 -28.79 40.22 45.56
CA SER B 146 -28.63 41.63 45.17
C SER B 146 -29.44 41.96 43.93
N ILE B 147 -30.44 42.82 44.08
CA ILE B 147 -31.20 43.35 42.96
C ILE B 147 -30.49 44.60 42.44
N THR B 148 -30.57 44.81 41.13
CA THR B 148 -29.83 45.89 40.49
C THR B 148 -30.73 46.65 39.53
N CYS B 149 -30.56 47.98 39.50
CA CYS B 149 -31.22 48.86 38.57
C CYS B 149 -30.18 49.61 37.76
N THR B 150 -30.55 50.00 36.54
CA THR B 150 -29.63 50.73 35.67
C THR B 150 -30.42 51.65 34.75
N LEU B 151 -29.84 52.82 34.48
CA LEU B 151 -30.43 53.82 33.60
C LEU B 151 -29.43 54.08 32.47
N ASN B 152 -29.70 53.52 31.30
CA ASN B 152 -28.82 53.65 30.13
C ASN B 152 -29.36 54.70 29.18
N GLY B 153 -28.45 55.50 28.62
CA GLY B 153 -28.83 56.52 27.67
C GLY B 153 -28.90 57.91 28.28
N LEU B 154 -27.93 58.25 29.12
CA LEU B 154 -27.89 59.53 29.80
C LEU B 154 -26.65 60.30 29.36
N ARG B 155 -26.85 61.60 29.07
CA ARG B 155 -25.74 62.48 28.73
C ARG B 155 -25.33 63.39 29.88
N ASN B 156 -26.12 63.42 30.97
CA ASN B 156 -25.82 64.25 32.14
C ASN B 156 -25.11 63.42 33.21
N PRO B 157 -24.30 64.06 34.05
CA PRO B 157 -23.58 63.29 35.09
C PRO B 157 -24.51 62.74 36.15
N GLU B 158 -23.95 61.99 37.11
CA GLU B 158 -24.74 61.40 38.17
C GLU B 158 -25.35 62.49 39.06
N GLY B 159 -26.18 62.08 40.02
CA GLY B 159 -26.81 63.02 40.92
C GLY B 159 -28.20 62.61 41.33
N ALA B 160 -28.77 61.64 40.62
CA ALA B 160 -30.12 61.16 40.91
C ALA B 160 -30.10 60.34 42.21
N VAL B 161 -31.24 59.76 42.55
CA VAL B 161 -31.38 58.94 43.74
C VAL B 161 -32.21 57.71 43.39
N PHE B 162 -31.68 56.53 43.71
CA PHE B 162 -32.35 55.26 43.40
C PHE B 162 -33.17 54.86 44.63
N THR B 163 -34.39 55.38 44.71
CA THR B 163 -35.29 55.07 45.81
C THR B 163 -36.13 53.84 45.48
N TRP B 164 -36.45 53.07 46.52
CA TRP B 164 -37.21 51.84 46.38
C TRP B 164 -38.44 51.88 47.29
N GLU B 165 -39.31 50.89 47.13
CA GLU B 165 -40.50 50.77 47.95
C GLU B 165 -40.26 49.82 49.12
N PRO B 166 -39.70 48.60 48.89
CA PRO B 166 -39.47 47.65 49.98
C PRO B 166 -38.12 47.88 50.69
N SER B 167 -37.86 49.13 51.08
CA SER B 167 -36.62 49.48 51.76
C SER B 167 -36.79 49.24 53.26
N THR B 168 -36.82 47.96 53.62
CA THR B 168 -36.98 47.52 55.01
C THR B 168 -35.61 47.08 55.52
N GLY B 169 -34.90 48.01 56.16
CA GLY B 169 -33.59 47.71 56.69
C GLY B 169 -32.55 47.36 55.65
N LYS B 170 -32.79 47.71 54.38
CA LYS B 170 -31.87 47.43 53.28
C LYS B 170 -31.32 48.74 52.76
N ASP B 171 -30.01 48.90 52.79
CA ASP B 171 -29.35 50.12 52.33
C ASP B 171 -29.28 50.11 50.81
N ALA B 172 -29.91 51.10 50.19
CA ALA B 172 -29.91 51.23 48.72
C ALA B 172 -28.60 51.86 48.28
N VAL B 173 -27.53 51.06 48.36
CA VAL B 173 -26.21 51.52 47.97
C VAL B 173 -26.18 51.80 46.48
N GLN B 174 -25.50 52.88 46.10
CA GLN B 174 -25.34 53.26 44.70
C GLN B 174 -23.98 52.79 44.19
N LYS B 175 -23.80 52.91 42.87
CA LYS B 175 -22.58 52.48 42.22
C LYS B 175 -22.17 53.50 41.16
N LYS B 176 -20.92 53.40 40.73
CA LYS B 176 -20.40 54.31 39.71
C LYS B 176 -21.12 54.08 38.38
N ALA B 177 -21.23 55.16 37.61
CA ALA B 177 -21.85 55.13 36.29
C ALA B 177 -20.77 55.09 35.21
N VAL B 178 -20.99 54.26 34.19
CA VAL B 178 -20.05 54.12 33.09
C VAL B 178 -20.63 54.82 31.87
N GLN B 179 -19.88 54.80 30.76
CA GLN B 179 -20.29 55.45 29.52
C GLN B 179 -20.29 54.44 28.39
N ASN B 180 -20.92 54.84 27.28
CA ASN B 180 -20.99 54.02 26.07
C ASN B 180 -19.92 54.48 25.08
N SER B 181 -19.90 53.84 23.92
CA SER B 181 -18.94 54.20 22.88
C SER B 181 -19.26 55.54 22.23
N CYS B 182 -20.38 56.18 22.58
CA CYS B 182 -20.76 57.46 22.00
C CYS B 182 -21.11 58.51 23.04
N GLY B 183 -20.84 58.25 24.32
CA GLY B 183 -21.10 59.19 25.38
C GLY B 183 -22.32 58.90 26.21
N CYS B 184 -23.09 57.87 25.88
CA CYS B 184 -24.28 57.53 26.65
C CYS B 184 -23.87 56.93 27.99
N TYR B 185 -24.26 57.59 29.08
CA TYR B 185 -23.90 57.14 30.41
C TYR B 185 -24.79 55.97 30.84
N SER B 186 -24.46 55.39 31.99
CA SER B 186 -25.20 54.24 32.51
C SER B 186 -25.07 54.24 34.03
N VAL B 187 -26.11 54.71 34.71
CA VAL B 187 -26.13 54.68 36.16
C VAL B 187 -26.48 53.27 36.65
N SER B 188 -26.20 53.02 37.93
CA SER B 188 -26.48 51.70 38.50
C SER B 188 -26.67 51.82 40.00
N SER B 189 -27.28 50.79 40.58
CA SER B 189 -27.50 50.73 42.02
C SER B 189 -27.67 49.26 42.40
N VAL B 190 -27.67 49.00 43.71
CA VAL B 190 -27.77 47.65 44.24
C VAL B 190 -28.63 47.67 45.49
N LEU B 191 -29.19 46.51 45.82
CA LEU B 191 -30.01 46.33 47.02
C LEU B 191 -29.61 45.01 47.68
N PRO B 192 -28.73 45.05 48.67
CA PRO B 192 -28.33 43.82 49.36
C PRO B 192 -29.32 43.43 50.45
N GLY B 193 -29.32 42.13 50.76
CA GLY B 193 -30.18 41.60 51.80
C GLY B 193 -31.60 41.32 51.36
N CYS B 194 -31.81 41.01 50.08
CA CYS B 194 -33.12 40.70 49.55
C CYS B 194 -33.19 39.27 49.00
N ALA B 195 -32.44 38.36 49.61
CA ALA B 195 -32.43 36.98 49.15
C ALA B 195 -33.71 36.26 49.56
N GLU B 196 -34.04 36.28 50.85
CA GLU B 196 -35.24 35.59 51.33
C GLU B 196 -36.51 36.21 50.74
N ARG B 197 -36.51 37.53 50.57
CA ARG B 197 -37.69 38.20 50.03
C ARG B 197 -37.95 37.76 48.59
N TRP B 198 -36.92 37.79 47.75
CA TRP B 198 -37.08 37.36 46.37
C TRP B 198 -37.44 35.89 46.28
N ASN B 199 -36.86 35.07 47.17
CA ASN B 199 -37.18 33.65 47.18
C ASN B 199 -38.66 33.41 47.46
N SER B 200 -39.30 34.31 48.20
CA SER B 200 -40.72 34.20 48.50
C SER B 200 -41.60 34.88 47.46
N GLY B 201 -41.06 35.21 46.29
CA GLY B 201 -41.85 35.86 45.26
C GLY B 201 -42.23 37.28 45.57
N ALA B 202 -41.48 37.95 46.43
CA ALA B 202 -41.79 39.34 46.78
C ALA B 202 -41.50 40.26 45.61
N SER B 203 -42.41 41.20 45.37
CA SER B 203 -42.27 42.15 44.28
C SER B 203 -41.44 43.35 44.73
N PHE B 204 -40.67 43.90 43.79
CA PHE B 204 -39.82 45.05 44.04
C PHE B 204 -40.05 46.11 42.99
N LYS B 205 -40.00 47.38 43.40
CA LYS B 205 -40.20 48.50 42.51
C LYS B 205 -39.01 49.45 42.60
N CYS B 206 -38.50 49.86 41.44
CA CYS B 206 -37.38 50.79 41.37
C CYS B 206 -37.91 52.17 40.98
N THR B 207 -37.29 53.21 41.53
CA THR B 207 -37.70 54.58 41.27
C THR B 207 -36.48 55.48 41.27
N VAL B 208 -36.32 56.24 40.18
CA VAL B 208 -35.22 57.20 40.05
C VAL B 208 -35.76 58.46 39.38
N THR B 209 -35.05 59.57 39.60
CA THR B 209 -35.47 60.85 39.05
C THR B 209 -34.22 61.64 38.68
N HIS B 210 -34.12 62.01 37.41
CA HIS B 210 -33.03 62.84 36.91
C HIS B 210 -33.60 63.85 35.92
N PRO B 211 -32.89 64.95 35.67
CA PRO B 211 -33.47 66.00 34.82
C PRO B 211 -33.73 65.57 33.38
N GLU B 212 -32.80 64.82 32.78
CA GLU B 212 -32.91 64.51 31.35
C GLU B 212 -34.18 63.74 31.01
N SER B 213 -34.82 63.10 32.00
CA SER B 213 -36.04 62.35 31.71
C SER B 213 -37.04 62.35 32.87
N GLY B 214 -36.98 63.33 33.77
CA GLY B 214 -37.92 63.36 34.87
C GLY B 214 -37.76 62.16 35.76
N THR B 215 -38.86 61.45 36.00
CA THR B 215 -38.89 60.28 36.87
C THR B 215 -39.12 59.03 36.05
N LEU B 216 -38.35 57.99 36.33
CA LEU B 216 -38.49 56.68 35.68
C LEU B 216 -38.60 55.62 36.75
N THR B 217 -39.58 54.73 36.60
CA THR B 217 -39.83 53.69 37.58
C THR B 217 -40.08 52.36 36.87
N GLY B 218 -39.85 51.27 37.60
CA GLY B 218 -40.06 49.94 37.07
C GLY B 218 -40.36 48.97 38.19
N THR B 219 -40.85 47.78 37.80
CA THR B 219 -41.22 46.75 38.75
C THR B 219 -40.73 45.40 38.25
N ILE B 220 -40.43 44.51 39.20
CA ILE B 220 -39.96 43.16 38.90
C ILE B 220 -40.42 42.23 40.03
N ALA B 221 -40.28 40.94 39.80
CA ALA B 221 -40.65 39.92 40.77
C ALA B 221 -40.21 38.56 40.25
N LYS B 222 -39.91 37.66 41.18
CA LYS B 222 -39.48 36.32 40.79
C LYS B 222 -40.56 35.64 39.96
N VAL B 223 -40.16 35.15 38.79
CA VAL B 223 -41.10 34.52 37.86
C VAL B 223 -41.26 33.06 38.25
N THR B 224 -42.51 32.64 38.53
CA THR B 224 -42.80 31.26 38.88
C THR B 224 -44.12 30.80 38.29
N VAL B 225 -44.64 31.48 37.27
CA VAL B 225 -45.92 31.11 36.68
C VAL B 225 -45.77 29.88 35.79
N ASN B 226 -44.66 29.80 35.04
CA ASN B 226 -44.39 28.69 34.13
C ASN B 226 -42.97 28.20 34.42
N THR B 227 -42.82 27.42 35.48
CA THR B 227 -41.54 26.89 35.92
C THR B 227 -41.44 25.41 35.59
N PHE B 228 -40.27 24.99 35.10
CA PHE B 228 -40.01 23.60 34.77
C PHE B 228 -38.59 23.28 35.19
N PRO B 229 -38.37 22.17 35.90
CA PRO B 229 -37.00 21.84 36.35
C PRO B 229 -36.21 21.18 35.24
N PRO B 230 -34.88 21.31 35.26
CA PRO B 230 -34.07 20.69 34.21
C PRO B 230 -34.09 19.17 34.33
N GLN B 231 -33.57 18.52 33.28
CA GLN B 231 -33.46 17.07 33.20
C GLN B 231 -32.04 16.73 32.78
N VAL B 232 -31.17 16.46 33.75
CA VAL B 232 -29.77 16.19 33.45
C VAL B 232 -29.64 14.83 32.78
N HIS B 233 -28.68 14.73 31.86
CA HIS B 233 -28.41 13.48 31.16
C HIS B 233 -26.92 13.43 30.86
N LEU B 234 -26.17 12.66 31.65
CA LEU B 234 -24.74 12.53 31.46
C LEU B 234 -24.45 11.52 30.35
N LEU B 235 -23.74 11.96 29.30
CA LEU B 235 -23.38 11.09 28.21
C LEU B 235 -21.98 10.53 28.40
N PRO B 236 -21.72 9.30 27.95
CA PRO B 236 -20.38 8.73 28.11
C PRO B 236 -19.43 9.25 27.04
N PRO B 237 -18.13 9.06 27.21
CA PRO B 237 -17.19 9.52 26.19
C PRO B 237 -17.24 8.65 24.96
N PRO B 238 -16.92 9.19 23.79
CA PRO B 238 -16.96 8.37 22.58
C PRO B 238 -15.81 7.37 22.52
N SER B 239 -16.06 6.25 21.83
CA SER B 239 -15.05 5.21 21.70
C SER B 239 -13.88 5.64 20.82
N GLU B 240 -13.99 6.76 20.11
CA GLU B 240 -12.89 7.20 19.25
C GLU B 240 -11.75 7.77 20.08
N GLU B 241 -12.07 8.54 21.12
CA GLU B 241 -11.03 9.13 21.96
C GLU B 241 -10.29 8.09 22.80
N LEU B 242 -10.89 6.92 23.02
CA LEU B 242 -10.23 5.89 23.82
C LEU B 242 -8.95 5.41 23.14
N ALA B 243 -8.95 5.35 21.81
CA ALA B 243 -7.77 4.89 21.09
C ALA B 243 -6.62 5.90 21.15
N LEU B 244 -6.91 7.16 21.45
CA LEU B 244 -5.88 8.18 21.52
C LEU B 244 -5.16 8.19 22.87
N ASN B 245 -5.79 7.70 23.92
CA ASN B 245 -5.23 7.67 25.28
C ASN B 245 -5.01 9.07 25.84
N GLU B 246 -5.54 10.11 25.19
CA GLU B 246 -5.41 11.48 25.69
C GLU B 246 -6.55 11.79 26.64
N LEU B 247 -7.15 12.97 26.50
CA LEU B 247 -8.28 13.34 27.33
C LEU B 247 -9.58 12.79 26.75
N LEU B 248 -10.60 12.70 27.60
CA LEU B 248 -11.91 12.20 27.21
C LEU B 248 -12.95 13.27 27.47
N SER B 249 -13.81 13.51 26.48
CA SER B 249 -14.82 14.57 26.55
C SER B 249 -16.08 14.01 27.19
N LEU B 250 -16.37 14.44 28.42
CA LEU B 250 -17.59 14.07 29.12
C LEU B 250 -18.60 15.19 28.99
N THR B 251 -19.82 14.83 28.58
CA THR B 251 -20.89 15.81 28.33
C THR B 251 -21.98 15.66 29.39
N CYS B 252 -22.56 16.79 29.79
CA CYS B 252 -23.65 16.84 30.75
C CYS B 252 -24.80 17.61 30.09
N LEU B 253 -25.72 16.88 29.45
CA LEU B 253 -26.79 17.49 28.70
C LEU B 253 -27.91 17.92 29.64
N VAL B 254 -28.26 19.20 29.62
CA VAL B 254 -29.39 19.73 30.37
C VAL B 254 -30.50 20.06 29.38
N ARG B 255 -31.72 20.10 29.90
CA ARG B 255 -32.88 20.30 29.04
C ARG B 255 -34.11 20.54 29.91
N ALA B 256 -35.10 21.23 29.33
CA ALA B 256 -36.40 21.42 29.94
C ALA B 256 -36.37 22.39 31.11
N PHE B 257 -36.47 23.69 30.81
CA PHE B 257 -36.58 24.71 31.84
C PHE B 257 -36.84 26.08 31.23
N ASN B 258 -37.70 26.87 31.86
CA ASN B 258 -38.07 28.18 31.33
C ASN B 258 -36.98 29.20 31.60
N PRO B 259 -36.54 29.37 32.85
CA PRO B 259 -35.45 30.32 33.12
C PRO B 259 -34.13 29.86 32.51
N LYS B 260 -33.68 30.57 31.47
CA LYS B 260 -32.45 30.17 30.79
C LYS B 260 -31.24 30.21 31.72
N GLU B 261 -31.29 31.00 32.79
CA GLU B 261 -30.18 31.05 33.73
C GLU B 261 -30.04 29.72 34.45
N VAL B 262 -28.86 29.10 34.33
CA VAL B 262 -28.60 27.79 34.92
C VAL B 262 -27.17 27.76 35.42
N LEU B 263 -26.95 27.05 36.54
CA LEU B 263 -25.63 26.85 37.11
C LEU B 263 -25.11 25.48 36.71
N VAL B 264 -23.82 25.40 36.43
CA VAL B 264 -23.17 24.16 36.02
C VAL B 264 -21.83 24.05 36.76
N ARG B 265 -21.62 22.94 37.45
CA ARG B 265 -20.39 22.72 38.19
C ARG B 265 -20.05 21.24 38.15
N TRP B 266 -18.85 20.92 37.69
CA TRP B 266 -18.39 19.54 37.62
C TRP B 266 -17.70 19.14 38.92
N LEU B 267 -17.61 17.84 39.14
CA LEU B 267 -17.01 17.28 40.34
C LEU B 267 -16.17 16.06 39.99
N HIS B 268 -14.99 15.98 40.61
CA HIS B 268 -14.10 14.81 40.45
C HIS B 268 -14.41 13.77 41.54
N GLY B 269 -15.67 13.40 41.66
CA GLY B 269 -16.09 12.47 42.67
C GLY B 269 -15.82 13.04 44.06
N ASN B 270 -16.53 14.13 44.36
CA ASN B 270 -16.46 14.91 45.59
C ASN B 270 -15.16 15.72 45.72
N GLU B 271 -14.99 16.62 44.75
CA GLU B 271 -13.86 17.54 44.64
C GLU B 271 -14.38 18.61 43.70
N GLU B 272 -14.17 19.89 43.98
CA GLU B 272 -14.75 20.91 43.12
C GLU B 272 -13.72 21.35 42.08
N LEU B 273 -14.05 21.19 40.80
CA LEU B 273 -13.14 21.59 39.73
C LEU B 273 -13.27 23.09 39.47
N SER B 274 -12.18 23.68 38.99
CA SER B 274 -12.17 25.10 38.69
C SER B 274 -13.01 25.39 37.45
N PRO B 275 -13.54 26.62 37.33
CA PRO B 275 -14.35 26.94 36.15
C PRO B 275 -13.55 26.91 34.86
N GLU B 276 -12.32 27.41 34.86
CA GLU B 276 -11.50 27.39 33.65
C GLU B 276 -11.15 25.97 33.23
N SER B 277 -11.20 25.00 34.16
CA SER B 277 -10.88 23.63 33.80
C SER B 277 -11.89 23.06 32.80
N TYR B 278 -13.16 23.01 33.21
CA TYR B 278 -14.22 22.51 32.33
C TYR B 278 -14.75 23.64 31.46
N LEU B 279 -15.66 23.30 30.55
CA LEU B 279 -16.23 24.26 29.61
C LEU B 279 -17.75 24.21 29.69
N VAL B 280 -18.37 25.36 29.50
CA VAL B 280 -19.82 25.51 29.55
C VAL B 280 -20.26 26.44 28.43
N PHE B 281 -21.38 26.11 27.80
CA PHE B 281 -21.93 26.91 26.71
C PHE B 281 -23.07 27.78 27.24
N GLU B 282 -23.71 28.54 26.32
CA GLU B 282 -24.80 29.42 26.68
C GLU B 282 -26.14 28.76 26.41
N PRO B 283 -27.20 29.14 27.13
CA PRO B 283 -28.50 28.52 26.90
C PRO B 283 -29.12 28.98 25.59
N LEU B 284 -29.83 28.07 24.93
CA LEU B 284 -30.53 28.36 23.69
C LEU B 284 -31.90 27.69 23.72
N LYS B 285 -32.87 28.35 23.10
CA LYS B 285 -34.23 27.83 23.07
C LYS B 285 -34.28 26.51 22.29
N GLU B 286 -35.23 25.66 22.66
CA GLU B 286 -35.38 24.37 22.00
C GLU B 286 -36.06 24.55 20.64
N PRO B 287 -35.82 23.62 19.69
CA PRO B 287 -36.46 23.70 18.38
C PRO B 287 -37.83 23.00 18.35
N GLY B 288 -38.68 23.36 19.31
CA GLY B 288 -40.00 22.76 19.40
C GLY B 288 -41.10 23.78 19.55
N GLU B 289 -42.30 23.33 19.91
CA GLU B 289 -43.46 24.20 20.08
C GLU B 289 -44.26 23.73 21.28
N GLY B 290 -44.87 24.69 21.97
CA GLY B 290 -45.67 24.40 23.14
C GLY B 290 -45.31 25.27 24.32
N ALA B 291 -44.02 25.56 24.48
CA ALA B 291 -43.53 26.39 25.58
C ALA B 291 -42.06 26.68 25.33
N THR B 292 -41.50 27.56 26.16
CA THR B 292 -40.09 27.93 26.07
C THR B 292 -39.30 27.02 27.01
N THR B 293 -38.49 26.13 26.45
CA THR B 293 -37.69 25.26 27.26
C THR B 293 -36.28 25.35 26.71
N TYR B 294 -35.39 26.10 27.33
CA TYR B 294 -33.99 26.24 26.94
C TYR B 294 -33.20 25.01 27.35
N LEU B 295 -31.96 24.95 26.89
CA LEU B 295 -31.07 23.84 27.24
C LEU B 295 -29.62 24.33 27.16
N VAL B 296 -28.75 23.68 27.93
CA VAL B 296 -27.34 24.02 27.99
C VAL B 296 -26.53 22.73 27.91
N THR B 297 -25.22 22.90 27.70
CA THR B 297 -24.30 21.78 27.63
C THR B 297 -23.00 22.17 28.33
N SER B 298 -22.16 21.17 28.58
CA SER B 298 -20.88 21.40 29.23
C SER B 298 -19.98 20.20 28.97
N VAL B 299 -18.76 20.48 28.49
CA VAL B 299 -17.79 19.45 28.15
C VAL B 299 -16.63 19.52 29.13
N LEU B 300 -16.15 18.37 29.56
CA LEU B 300 -15.04 18.27 30.50
C LEU B 300 -14.03 17.27 29.97
N ARG B 301 -12.77 17.69 29.87
CA ARG B 301 -11.69 16.83 29.37
C ARG B 301 -11.07 16.11 30.55
N VAL B 302 -11.38 14.82 30.69
CA VAL B 302 -10.87 13.99 31.77
C VAL B 302 -9.71 13.16 31.26
N SER B 303 -8.69 13.01 32.10
CA SER B 303 -7.55 12.18 31.73
C SER B 303 -7.98 10.72 31.58
N ALA B 304 -7.56 10.10 30.47
CA ALA B 304 -7.95 8.71 30.23
C ALA B 304 -7.48 7.79 31.34
N GLU B 305 -6.36 8.12 31.98
CA GLU B 305 -5.86 7.28 33.08
C GLU B 305 -6.84 7.25 34.23
N THR B 306 -7.27 8.42 34.69
CA THR B 306 -8.24 8.48 35.79
C THR B 306 -9.57 7.86 35.39
N TRP B 307 -9.96 8.01 34.12
CA TRP B 307 -11.22 7.44 33.67
C TRP B 307 -11.19 5.92 33.73
N LYS B 308 -10.04 5.31 33.46
CA LYS B 308 -9.92 3.86 33.51
C LYS B 308 -9.72 3.36 34.93
N GLN B 309 -9.16 4.19 35.81
CA GLN B 309 -8.96 3.77 37.20
C GLN B 309 -10.26 3.61 37.96
N GLY B 310 -11.32 4.30 37.53
CA GLY B 310 -12.61 4.20 38.19
C GLY B 310 -12.87 5.34 39.16
N ASP B 311 -12.98 6.55 38.63
CA ASP B 311 -13.26 7.74 39.43
C ASP B 311 -14.51 8.40 38.89
N GLN B 312 -15.50 8.60 39.77
CA GLN B 312 -16.77 9.18 39.34
C GLN B 312 -16.58 10.66 39.04
N TYR B 313 -17.15 11.10 37.91
CA TYR B 313 -17.13 12.50 37.49
C TYR B 313 -18.58 12.96 37.41
N SER B 314 -19.05 13.61 38.48
CA SER B 314 -20.44 14.02 38.57
C SER B 314 -20.64 15.40 37.95
N CYS B 315 -21.92 15.71 37.66
CA CYS B 315 -22.31 16.99 37.09
C CYS B 315 -23.43 17.56 37.95
N MET B 316 -23.19 18.74 38.52
CA MET B 316 -24.15 19.41 39.41
C MET B 316 -24.78 20.58 38.67
N VAL B 317 -26.10 20.57 38.59
CA VAL B 317 -26.87 21.62 37.93
C VAL B 317 -27.67 22.36 38.99
N GLY B 318 -27.72 23.69 38.87
CA GLY B 318 -28.43 24.52 39.81
C GLY B 318 -29.60 25.27 39.19
N HIS B 319 -30.76 25.21 39.84
CA HIS B 319 -31.95 25.89 39.33
C HIS B 319 -32.95 26.03 40.46
N GLU B 320 -33.65 27.17 40.50
CA GLU B 320 -34.63 27.41 41.54
C GLU B 320 -35.79 26.43 41.48
N ALA B 321 -36.01 25.79 40.32
CA ALA B 321 -37.14 24.88 40.19
C ALA B 321 -36.90 23.56 40.90
N LEU B 322 -35.65 23.17 41.08
CA LEU B 322 -35.34 21.88 41.69
C LEU B 322 -35.47 21.96 43.21
N PRO B 323 -35.77 20.83 43.86
CA PRO B 323 -35.75 20.81 45.33
C PRO B 323 -34.33 20.92 45.85
N MET B 324 -34.13 21.81 46.82
CA MET B 324 -32.84 22.19 47.36
C MET B 324 -32.01 23.03 46.38
N ASN B 325 -32.57 23.38 45.22
CA ASN B 325 -31.89 24.21 44.24
C ASN B 325 -30.64 23.55 43.67
N PHE B 326 -30.62 22.21 43.64
CA PHE B 326 -29.46 21.50 43.14
C PHE B 326 -29.88 20.09 42.74
N THR B 327 -29.33 19.62 41.60
CA THR B 327 -29.50 18.25 41.15
C THR B 327 -28.16 17.73 40.68
N GLN B 328 -27.90 16.45 40.92
CA GLN B 328 -26.61 15.84 40.63
C GLN B 328 -26.79 14.57 39.82
N LYS B 329 -25.84 14.32 38.92
CA LYS B 329 -25.78 13.10 38.14
C LYS B 329 -24.34 12.62 38.09
N THR B 330 -24.17 11.30 38.04
CA THR B 330 -22.84 10.69 38.05
C THR B 330 -22.73 9.70 36.91
N ILE B 331 -21.49 9.46 36.45
CA ILE B 331 -21.20 8.52 35.37
C ILE B 331 -19.70 8.24 35.25
N ASP B 332 -19.30 6.97 35.10
CA ASP B 332 -17.89 6.62 34.93
C ASP B 332 -17.65 5.29 34.22
N ARG B 333 -17.90 4.14 34.85
CA ARG B 333 -17.70 2.92 34.07
C ARG B 333 -19.02 2.16 34.23
N LEU B 334 -20.12 2.90 34.38
CA LEU B 334 -21.44 2.34 34.61
C LEU B 334 -22.27 2.49 33.35
N SER B 335 -22.57 1.36 32.65
CA SER B 335 -23.34 1.30 31.40
C SER B 335 -23.59 -0.19 31.14
N GLY B 336 -24.49 -0.52 30.21
CA GLY B 336 -24.71 -1.91 29.87
C GLY B 336 -23.34 -2.33 29.37
N LYS B 337 -22.60 -3.10 30.16
CA LYS B 337 -21.31 -3.65 29.74
C LYS B 337 -21.62 -4.48 28.51
N PRO B 338 -20.80 -4.33 27.46
CA PRO B 338 -21.05 -5.28 26.35
C PRO B 338 -20.48 -6.71 26.49
N THR B 339 -20.86 -7.43 27.55
CA THR B 339 -20.40 -8.79 27.77
C THR B 339 -21.32 -9.84 27.17
N ASN B 340 -22.46 -9.42 26.61
CA ASN B 340 -23.41 -10.34 25.99
C ASN B 340 -23.20 -10.49 24.48
N VAL B 341 -22.22 -9.81 23.92
CA VAL B 341 -21.96 -9.92 22.48
C VAL B 341 -21.63 -11.36 22.14
N SER B 342 -22.28 -11.89 21.10
CA SER B 342 -22.10 -13.27 20.68
C SER B 342 -21.28 -13.30 19.41
N VAL B 343 -20.17 -14.04 19.44
CA VAL B 343 -19.28 -14.21 18.30
C VAL B 343 -19.34 -15.68 17.88
N SER B 344 -19.53 -15.91 16.58
CA SER B 344 -19.64 -17.25 16.02
C SER B 344 -18.51 -17.44 15.01
N VAL B 345 -17.51 -18.23 15.38
CA VAL B 345 -16.37 -18.53 14.51
C VAL B 345 -16.58 -19.90 13.89
N ILE B 346 -16.51 -19.95 12.56
CA ILE B 346 -16.69 -21.19 11.81
C ILE B 346 -15.55 -21.30 10.81
N MET B 347 -14.74 -22.35 10.94
CA MET B 347 -13.62 -22.59 10.03
C MET B 347 -13.94 -23.83 9.18
N SER B 348 -14.89 -23.66 8.27
CA SER B 348 -15.29 -24.74 7.38
C SER B 348 -14.15 -25.14 6.45
N CYS C 125 -8.73 -38.84 -55.09
CA CYS C 125 -9.41 -38.11 -54.03
C CYS C 125 -10.17 -36.92 -54.60
N GLN C 126 -11.22 -36.50 -53.89
CA GLN C 126 -12.04 -35.38 -54.32
C GLN C 126 -11.44 -34.06 -53.82
N PRO C 127 -11.23 -33.07 -54.67
CA PRO C 127 -10.65 -31.81 -54.19
C PRO C 127 -11.58 -31.11 -53.21
N SER C 128 -10.99 -30.26 -52.37
CA SER C 128 -11.74 -29.52 -51.37
C SER C 128 -10.88 -28.40 -50.84
N LEU C 129 -11.54 -27.38 -50.30
CA LEU C 129 -10.89 -26.21 -49.74
C LEU C 129 -10.96 -26.25 -48.22
N SER C 130 -9.94 -25.69 -47.57
CA SER C 130 -9.88 -25.65 -46.12
C SER C 130 -9.08 -24.42 -45.70
N LEU C 131 -9.69 -23.56 -44.89
CA LEU C 131 -9.06 -22.35 -44.39
C LEU C 131 -8.61 -22.59 -42.96
N GLN C 132 -7.30 -22.61 -42.74
CA GLN C 132 -6.72 -22.87 -41.43
C GLN C 132 -6.38 -21.54 -40.77
N ARG C 133 -7.05 -21.24 -39.66
CA ARG C 133 -6.77 -20.01 -38.93
C ARG C 133 -5.34 -20.04 -38.38
N PRO C 134 -4.75 -18.87 -38.12
CA PRO C 134 -3.38 -18.85 -37.61
C PRO C 134 -3.27 -19.51 -36.25
N ALA C 135 -2.07 -20.00 -35.94
CA ALA C 135 -1.83 -20.67 -34.67
C ALA C 135 -1.91 -19.66 -33.52
N LEU C 136 -1.71 -20.16 -32.30
CA LEU C 136 -1.75 -19.33 -31.11
C LEU C 136 -0.38 -18.81 -30.73
N GLU C 137 0.62 -19.70 -30.66
CA GLU C 137 1.99 -19.24 -30.39
C GLU C 137 2.46 -18.27 -31.47
N ASP C 138 2.00 -18.45 -32.70
CA ASP C 138 2.32 -17.53 -33.79
C ASP C 138 1.43 -16.29 -33.78
N LEU C 139 0.54 -16.16 -32.79
CA LEU C 139 -0.35 -15.02 -32.67
C LEU C 139 -0.17 -14.24 -31.38
N LEU C 140 -0.02 -14.94 -30.25
CA LEU C 140 0.18 -14.27 -28.97
C LEU C 140 1.66 -14.06 -28.68
N LEU C 141 2.45 -15.12 -28.79
CA LEU C 141 3.90 -14.97 -28.60
C LEU C 141 4.48 -14.22 -29.79
N GLY C 142 3.84 -14.36 -30.95
CA GLY C 142 4.24 -13.69 -32.17
C GLY C 142 3.01 -12.96 -32.68
N SER C 143 3.21 -11.87 -33.39
CA SER C 143 2.07 -11.09 -33.88
C SER C 143 1.81 -11.19 -35.37
N ASP C 144 2.32 -12.22 -36.03
CA ASP C 144 2.05 -12.36 -37.45
C ASP C 144 0.84 -13.28 -37.43
N ALA C 145 -0.17 -13.05 -38.22
CA ALA C 145 -1.28 -13.99 -38.24
C ALA C 145 -1.14 -14.68 -39.60
N SER C 146 -0.18 -15.60 -39.76
CA SER C 146 -0.07 -16.26 -41.06
C SER C 146 -1.28 -17.15 -41.33
N ILE C 147 -2.37 -16.56 -41.81
CA ILE C 147 -3.56 -17.34 -42.14
C ILE C 147 -3.30 -18.14 -43.41
N THR C 148 -3.65 -19.43 -43.37
CA THR C 148 -3.36 -20.35 -44.45
C THR C 148 -4.64 -20.71 -45.20
N CYS C 149 -4.49 -20.98 -46.50
CA CYS C 149 -5.59 -21.39 -47.37
C CYS C 149 -5.12 -22.59 -48.17
N THR C 150 -5.53 -23.79 -47.76
CA THR C 150 -5.05 -25.02 -48.36
C THR C 150 -6.09 -25.60 -49.31
N LEU C 151 -5.61 -26.17 -50.42
CA LEU C 151 -6.45 -26.82 -51.42
C LEU C 151 -6.02 -28.28 -51.48
N ASN C 152 -6.69 -29.12 -50.69
CA ASN C 152 -6.35 -30.53 -50.57
C ASN C 152 -7.34 -31.38 -51.37
N GLY C 153 -7.11 -32.69 -51.35
CA GLY C 153 -7.98 -33.62 -52.05
C GLY C 153 -7.71 -33.72 -53.53
N LEU C 154 -6.52 -33.34 -54.00
CA LEU C 154 -6.19 -33.35 -55.41
C LEU C 154 -5.33 -34.55 -55.72
N ARG C 155 -5.77 -35.37 -56.69
CA ARG C 155 -4.99 -36.50 -57.17
C ARG C 155 -4.33 -36.21 -58.51
N ASN C 156 -4.09 -34.94 -58.82
CA ASN C 156 -3.49 -34.51 -60.07
C ASN C 156 -2.38 -33.51 -59.78
N PRO C 157 -1.52 -33.26 -60.75
CA PRO C 157 -0.42 -32.29 -60.53
C PRO C 157 -0.95 -30.93 -60.12
N GLU C 158 -0.02 -30.09 -59.67
CA GLU C 158 -0.37 -28.74 -59.22
C GLU C 158 -0.54 -27.82 -60.43
N GLY C 159 -0.70 -26.53 -60.17
CA GLY C 159 -0.87 -25.56 -61.23
C GLY C 159 -2.12 -24.70 -61.04
N ALA C 160 -2.43 -24.38 -59.79
CA ALA C 160 -3.59 -23.57 -59.45
C ALA C 160 -3.17 -22.13 -59.18
N VAL C 161 -4.14 -21.31 -58.78
CA VAL C 161 -3.91 -19.90 -58.47
C VAL C 161 -4.67 -19.56 -57.20
N PHE C 162 -4.06 -18.73 -56.36
CA PHE C 162 -4.65 -18.30 -55.10
C PHE C 162 -4.79 -16.78 -55.11
N THR C 163 -5.94 -16.29 -54.66
CA THR C 163 -6.22 -14.87 -54.60
C THR C 163 -6.94 -14.56 -53.29
N TRP C 164 -6.66 -13.39 -52.73
CA TRP C 164 -7.23 -12.94 -51.47
C TRP C 164 -7.93 -11.61 -51.67
N GLU C 165 -8.94 -11.35 -50.83
CA GLU C 165 -9.70 -10.11 -50.90
C GLU C 165 -8.97 -8.99 -50.17
N PRO C 166 -8.53 -9.20 -48.91
CA PRO C 166 -7.83 -8.10 -48.22
C PRO C 166 -6.38 -7.95 -48.67
N SER C 167 -6.22 -7.43 -49.88
CA SER C 167 -4.89 -7.22 -50.47
C SER C 167 -4.27 -5.98 -49.86
N THR C 168 -3.53 -6.17 -48.76
CA THR C 168 -2.86 -5.08 -48.06
C THR C 168 -1.42 -4.90 -48.52
N GLY C 169 -1.12 -5.23 -49.78
CA GLY C 169 0.22 -5.12 -50.31
C GLY C 169 1.06 -6.37 -50.13
N LYS C 170 0.84 -7.11 -49.04
CA LYS C 170 1.60 -8.33 -48.79
C LYS C 170 1.22 -9.39 -49.81
N ASP C 171 2.14 -9.70 -50.72
CA ASP C 171 1.87 -10.69 -51.75
C ASP C 171 1.71 -12.07 -51.13
N ALA C 172 0.60 -12.73 -51.45
CA ALA C 172 0.34 -14.06 -50.92
C ALA C 172 1.31 -15.07 -51.53
N VAL C 173 1.95 -15.86 -50.69
CA VAL C 173 2.93 -16.85 -51.14
C VAL C 173 2.20 -18.15 -51.44
N GLN C 174 2.42 -18.67 -52.65
CA GLN C 174 1.83 -19.94 -53.08
C GLN C 174 2.87 -21.03 -52.85
N LYS C 175 2.83 -21.62 -51.65
CA LYS C 175 3.81 -22.65 -51.30
C LYS C 175 3.66 -23.86 -52.22
N LYS C 176 4.68 -24.71 -52.20
CA LYS C 176 4.69 -25.90 -53.03
C LYS C 176 3.57 -26.85 -52.60
N ALA C 177 3.42 -27.94 -53.34
CA ALA C 177 2.38 -28.93 -53.10
C ALA C 177 3.02 -30.21 -52.57
N VAL C 178 2.45 -30.77 -51.52
CA VAL C 178 2.92 -32.01 -50.93
C VAL C 178 2.05 -33.15 -51.46
N GLN C 179 2.45 -34.38 -51.14
CA GLN C 179 1.76 -35.59 -51.60
C GLN C 179 1.33 -36.40 -50.39
N ASN C 180 0.03 -36.61 -50.25
CA ASN C 180 -0.51 -37.41 -49.16
C ASN C 180 -0.63 -38.86 -49.63
N SER C 181 -1.31 -39.69 -48.84
CA SER C 181 -1.50 -41.09 -49.20
C SER C 181 -2.25 -41.19 -50.52
N CYS C 182 -2.27 -42.41 -51.07
CA CYS C 182 -2.90 -42.69 -52.36
C CYS C 182 -2.67 -41.57 -53.37
N GLY C 183 -1.46 -41.02 -53.38
CA GLY C 183 -1.10 -39.98 -54.33
C GLY C 183 -2.08 -38.82 -54.35
N CYS C 184 -2.40 -38.27 -53.18
CA CYS C 184 -3.33 -37.15 -53.06
C CYS C 184 -2.53 -35.88 -52.81
N TYR C 185 -2.43 -35.03 -53.84
CA TYR C 185 -1.70 -33.78 -53.71
C TYR C 185 -2.38 -32.86 -52.70
N SER C 186 -1.67 -31.82 -52.29
CA SER C 186 -2.19 -30.85 -51.34
C SER C 186 -1.40 -29.56 -51.48
N VAL C 187 -2.07 -28.47 -51.83
CA VAL C 187 -1.44 -27.18 -52.00
C VAL C 187 -1.81 -26.30 -50.81
N SER C 188 -0.96 -25.30 -50.55
CA SER C 188 -1.15 -24.39 -49.44
C SER C 188 -0.74 -22.98 -49.86
N SER C 189 -1.38 -21.99 -49.26
CA SER C 189 -1.08 -20.59 -49.53
C SER C 189 -1.30 -19.79 -48.26
N VAL C 190 -0.24 -19.16 -47.76
CA VAL C 190 -0.29 -18.42 -46.52
C VAL C 190 -0.40 -16.94 -46.82
N LEU C 191 -0.77 -16.16 -45.81
CA LEU C 191 -0.91 -14.70 -45.94
C LEU C 191 -0.62 -14.07 -44.59
N PRO C 192 0.58 -13.50 -44.39
CA PRO C 192 0.88 -12.87 -43.09
C PRO C 192 0.18 -11.53 -42.91
N GLY C 193 -1.10 -11.60 -42.55
CA GLY C 193 -1.92 -10.43 -42.33
C GLY C 193 -1.71 -9.73 -41.01
N CYS C 194 -0.69 -10.13 -40.24
CA CYS C 194 -0.39 -9.52 -38.95
C CYS C 194 -1.53 -9.76 -37.95
N ALA C 195 -1.22 -9.72 -36.65
CA ALA C 195 -2.22 -10.01 -35.64
C ALA C 195 -3.27 -8.90 -35.57
N GLU C 196 -2.86 -7.64 -35.78
CA GLU C 196 -3.80 -6.53 -35.66
C GLU C 196 -4.96 -6.67 -36.64
N ARG C 197 -4.67 -7.04 -37.89
CA ARG C 197 -5.72 -7.19 -38.89
C ARG C 197 -6.69 -8.30 -38.48
N TRP C 198 -6.18 -9.51 -38.27
CA TRP C 198 -7.02 -10.60 -37.84
C TRP C 198 -7.68 -10.34 -36.49
N ASN C 199 -7.11 -9.44 -35.69
CA ASN C 199 -7.68 -9.14 -34.38
C ASN C 199 -8.90 -8.22 -34.50
N SER C 200 -8.86 -7.26 -35.43
CA SER C 200 -9.96 -6.31 -35.57
C SER C 200 -11.27 -6.96 -35.96
N GLY C 201 -11.25 -8.24 -36.36
CA GLY C 201 -12.46 -8.92 -36.76
C GLY C 201 -12.77 -8.87 -38.24
N ALA C 202 -11.86 -8.35 -39.06
CA ALA C 202 -12.09 -8.29 -40.49
C ALA C 202 -12.27 -9.70 -41.06
N SER C 203 -13.18 -9.83 -42.02
CA SER C 203 -13.47 -11.11 -42.64
C SER C 203 -12.58 -11.31 -43.85
N PHE C 204 -11.77 -12.38 -43.82
CA PHE C 204 -10.88 -12.71 -44.92
C PHE C 204 -11.51 -13.81 -45.79
N LYS C 205 -11.01 -13.91 -47.01
CA LYS C 205 -11.51 -14.89 -47.97
C LYS C 205 -10.35 -15.43 -48.78
N CYS C 206 -10.65 -16.46 -49.59
CA CYS C 206 -9.62 -17.10 -50.42
C CYS C 206 -10.32 -17.67 -51.65
N THR C 207 -10.15 -16.99 -52.79
CA THR C 207 -10.70 -17.44 -54.06
C THR C 207 -9.59 -18.13 -54.84
N VAL C 208 -9.78 -19.41 -55.14
CA VAL C 208 -8.78 -20.24 -55.81
C VAL C 208 -9.36 -20.76 -57.11
N THR C 209 -8.51 -20.83 -58.14
CA THR C 209 -8.88 -21.39 -59.45
C THR C 209 -7.88 -22.49 -59.77
N HIS C 210 -8.37 -23.72 -59.83
CA HIS C 210 -7.54 -24.90 -60.05
C HIS C 210 -7.74 -25.45 -61.46
N PRO C 211 -6.78 -26.24 -61.96
CA PRO C 211 -6.89 -26.74 -63.34
C PRO C 211 -7.79 -27.96 -63.46
N GLU C 212 -7.83 -28.80 -62.42
CA GLU C 212 -8.60 -30.04 -62.51
C GLU C 212 -10.08 -29.79 -62.65
N SER C 213 -10.56 -28.61 -62.29
CA SER C 213 -11.99 -28.29 -62.38
C SER C 213 -12.13 -26.77 -62.52
N GLY C 214 -13.30 -26.25 -62.16
CA GLY C 214 -13.57 -24.83 -62.29
C GLY C 214 -12.89 -23.87 -61.33
N THR C 215 -13.50 -23.66 -60.16
CA THR C 215 -12.99 -22.71 -59.19
C THR C 215 -13.59 -23.04 -57.84
N LEU C 216 -13.11 -22.38 -56.79
CA LEU C 216 -13.59 -22.61 -55.43
C LEU C 216 -13.32 -21.36 -54.61
N THR C 217 -14.07 -21.21 -53.51
CA THR C 217 -13.98 -20.03 -52.68
C THR C 217 -14.30 -20.41 -51.24
N GLY C 218 -13.68 -19.67 -50.30
CA GLY C 218 -13.93 -19.88 -48.89
C GLY C 218 -13.89 -18.57 -48.14
N THR C 219 -14.28 -18.64 -46.86
CA THR C 219 -14.33 -17.47 -46.00
C THR C 219 -13.85 -17.86 -44.60
N ILE C 220 -13.25 -16.90 -43.91
CA ILE C 220 -12.74 -17.12 -42.57
C ILE C 220 -12.70 -15.77 -41.85
N ALA C 221 -12.98 -15.81 -40.55
CA ALA C 221 -12.99 -14.60 -39.75
C ALA C 221 -12.87 -14.98 -38.28
N LYS C 222 -12.42 -14.03 -37.47
CA LYS C 222 -12.28 -14.26 -36.04
C LYS C 222 -13.64 -14.47 -35.39
N VAL C 223 -13.63 -15.21 -34.29
CA VAL C 223 -14.85 -15.56 -33.57
C VAL C 223 -14.80 -14.92 -32.18
N THR C 224 -15.93 -14.37 -31.75
CA THR C 224 -16.03 -13.75 -30.43
C THR C 224 -17.47 -13.81 -29.94
N VAL C 225 -18.15 -14.93 -30.20
CA VAL C 225 -19.54 -15.10 -29.79
C VAL C 225 -19.58 -15.68 -28.38
N ASN C 226 -19.37 -17.00 -28.27
CA ASN C 226 -19.36 -17.69 -26.99
C ASN C 226 -17.94 -17.89 -26.48
N THR C 227 -17.11 -16.85 -26.56
CA THR C 227 -15.72 -16.94 -26.14
C THR C 227 -15.61 -16.68 -24.64
N PHE C 228 -14.97 -17.61 -23.93
CA PHE C 228 -14.80 -17.52 -22.49
C PHE C 228 -13.33 -17.65 -22.13
N PRO C 229 -12.90 -17.03 -21.04
CA PRO C 229 -11.50 -17.15 -20.62
C PRO C 229 -11.28 -18.37 -19.75
N PRO C 230 -10.08 -18.96 -19.77
CA PRO C 230 -9.84 -20.15 -18.97
C PRO C 230 -9.78 -19.85 -17.48
N GLN C 231 -10.18 -20.84 -16.69
CA GLN C 231 -10.15 -20.75 -15.23
C GLN C 231 -9.00 -21.63 -14.75
N VAL C 232 -7.80 -21.04 -14.67
CA VAL C 232 -6.61 -21.78 -14.28
C VAL C 232 -6.72 -22.22 -12.83
N HIS C 233 -6.24 -23.42 -12.54
CA HIS C 233 -6.25 -23.98 -11.18
C HIS C 233 -4.97 -24.77 -11.01
N LEU C 234 -3.97 -24.17 -10.37
CA LEU C 234 -2.67 -24.79 -10.16
C LEU C 234 -2.77 -25.69 -8.92
N LEU C 235 -2.94 -26.99 -9.13
CA LEU C 235 -3.05 -27.91 -8.03
C LEU C 235 -1.66 -28.26 -7.48
N PRO C 236 -1.55 -28.48 -6.17
CA PRO C 236 -0.24 -28.83 -5.59
C PRO C 236 0.02 -30.32 -5.72
N PRO C 237 1.23 -30.77 -5.42
CA PRO C 237 1.53 -32.21 -5.50
C PRO C 237 0.73 -32.98 -4.47
N PRO C 238 0.49 -34.28 -4.69
CA PRO C 238 -0.25 -35.07 -3.72
C PRO C 238 0.63 -35.52 -2.57
N SER C 239 -0.02 -35.77 -1.42
CA SER C 239 0.70 -36.21 -0.24
C SER C 239 1.38 -37.56 -0.45
N GLU C 240 0.92 -38.34 -1.43
CA GLU C 240 1.53 -39.64 -1.68
C GLU C 240 3.00 -39.49 -2.07
N GLU C 241 3.34 -38.42 -2.80
CA GLU C 241 4.72 -38.19 -3.23
C GLU C 241 5.51 -37.37 -2.22
N LEU C 242 4.85 -36.52 -1.43
CA LEU C 242 5.57 -35.73 -0.44
C LEU C 242 6.23 -36.60 0.62
N ALA C 243 5.65 -37.77 0.90
CA ALA C 243 6.23 -38.67 1.88
C ALA C 243 7.61 -39.16 1.46
N LEU C 244 7.90 -39.16 0.16
CA LEU C 244 9.19 -39.58 -0.36
C LEU C 244 10.03 -38.35 -0.71
N ASN C 245 11.10 -38.57 -1.48
CA ASN C 245 11.96 -37.49 -1.93
C ASN C 245 12.17 -37.50 -3.44
N GLU C 246 11.36 -38.25 -4.18
CA GLU C 246 11.48 -38.32 -5.63
C GLU C 246 10.85 -37.09 -6.27
N LEU C 247 10.41 -37.22 -7.53
CA LEU C 247 9.81 -36.10 -8.24
C LEU C 247 8.40 -35.85 -7.73
N LEU C 248 7.95 -34.59 -7.88
CA LEU C 248 6.61 -34.18 -7.50
C LEU C 248 5.87 -33.72 -8.74
N SER C 249 4.63 -34.17 -8.90
CA SER C 249 3.83 -33.88 -10.08
C SER C 249 3.00 -32.63 -9.83
N LEU C 250 3.27 -31.56 -10.59
CA LEU C 250 2.51 -30.33 -10.53
C LEU C 250 1.54 -30.30 -11.70
N THR C 251 0.26 -30.03 -11.40
CA THR C 251 -0.80 -30.01 -12.40
C THR C 251 -1.36 -28.61 -12.53
N CYS C 252 -1.55 -28.17 -13.78
CA CYS C 252 -2.11 -26.86 -14.09
C CYS C 252 -3.42 -27.11 -14.85
N LEU C 253 -4.53 -27.12 -14.11
CA LEU C 253 -5.84 -27.41 -14.70
C LEU C 253 -6.39 -26.16 -15.37
N VAL C 254 -6.64 -26.25 -16.67
CA VAL C 254 -7.26 -25.18 -17.45
C VAL C 254 -8.70 -25.60 -17.74
N ARG C 255 -9.64 -24.72 -17.42
CA ARG C 255 -11.06 -25.06 -17.53
C ARG C 255 -11.83 -23.86 -18.06
N ALA C 256 -12.93 -24.16 -18.75
CA ALA C 256 -13.87 -23.15 -19.22
C ALA C 256 -13.24 -22.22 -20.24
N PHE C 257 -13.26 -22.63 -21.52
CA PHE C 257 -12.81 -21.78 -22.62
C PHE C 257 -13.27 -22.40 -23.91
N ASN C 258 -13.84 -21.58 -24.80
CA ASN C 258 -14.40 -22.07 -26.05
C ASN C 258 -13.31 -22.20 -27.12
N PRO C 259 -12.45 -21.19 -27.30
CA PRO C 259 -11.35 -21.34 -28.26
C PRO C 259 -10.49 -22.54 -27.93
N LYS C 260 -10.47 -23.52 -28.84
CA LYS C 260 -9.79 -24.78 -28.58
C LYS C 260 -8.30 -24.56 -28.29
N GLU C 261 -7.60 -23.91 -29.21
CA GLU C 261 -6.16 -23.72 -29.07
C GLU C 261 -5.83 -22.97 -27.79
N VAL C 262 -4.85 -23.48 -27.05
CA VAL C 262 -4.42 -22.87 -25.79
C VAL C 262 -2.93 -23.13 -25.63
N LEU C 263 -2.22 -22.13 -25.11
CA LEU C 263 -0.80 -22.24 -24.82
C LEU C 263 -0.59 -22.44 -23.33
N VAL C 264 0.43 -23.23 -22.99
CA VAL C 264 0.76 -23.54 -21.60
C VAL C 264 2.28 -23.55 -21.45
N ARG C 265 2.78 -22.76 -20.49
CA ARG C 265 4.20 -22.68 -20.23
C ARG C 265 4.43 -22.66 -18.72
N TRP C 266 5.66 -22.97 -18.34
CA TRP C 266 6.06 -23.00 -16.94
C TRP C 266 7.32 -22.16 -16.74
N LEU C 267 7.58 -21.79 -15.49
CA LEU C 267 8.73 -20.98 -15.14
C LEU C 267 9.28 -21.45 -13.81
N HIS C 268 10.59 -21.70 -13.71
CA HIS C 268 11.19 -22.10 -12.47
C HIS C 268 11.89 -20.85 -11.95
N GLY C 269 11.18 -20.04 -11.17
CA GLY C 269 11.75 -18.82 -10.61
C GLY C 269 12.36 -17.91 -11.68
N ASN C 270 11.51 -17.41 -12.56
CA ASN C 270 11.89 -16.53 -13.68
C ASN C 270 12.94 -17.20 -14.59
N GLU C 271 12.55 -18.32 -15.17
CA GLU C 271 13.39 -19.10 -16.07
C GLU C 271 12.46 -20.10 -16.77
N GLU C 272 12.28 -19.98 -18.09
CA GLU C 272 11.36 -20.87 -18.77
C GLU C 272 12.06 -22.18 -19.12
N LEU C 273 11.47 -23.30 -18.72
CA LEU C 273 12.03 -24.60 -19.02
C LEU C 273 11.65 -25.04 -20.43
N SER C 274 12.48 -25.89 -21.02
CA SER C 274 12.23 -26.36 -22.37
C SER C 274 10.93 -27.16 -22.41
N PRO C 275 10.19 -27.10 -23.52
CA PRO C 275 8.93 -27.86 -23.61
C PRO C 275 9.13 -29.37 -23.55
N GLU C 276 10.36 -29.86 -23.65
CA GLU C 276 10.62 -31.29 -23.55
C GLU C 276 10.47 -31.84 -22.14
N SER C 277 10.12 -31.00 -21.17
CA SER C 277 9.93 -31.43 -19.79
C SER C 277 8.47 -31.35 -19.34
N TYR C 278 7.59 -30.76 -20.14
CA TYR C 278 6.19 -30.66 -19.78
C TYR C 278 5.41 -31.85 -20.33
N LEU C 279 4.10 -31.86 -20.09
CA LEU C 279 3.22 -32.93 -20.56
C LEU C 279 1.84 -32.32 -20.80
N VAL C 280 1.70 -31.60 -21.92
CA VAL C 280 0.46 -30.97 -22.30
C VAL C 280 -0.38 -31.97 -23.09
N PHE C 281 -1.69 -31.97 -22.83
CA PHE C 281 -2.62 -32.89 -23.48
C PHE C 281 -3.55 -32.11 -24.41
N GLU C 282 -4.02 -32.79 -25.44
CA GLU C 282 -4.92 -32.15 -26.40
C GLU C 282 -6.22 -31.77 -25.70
N PRO C 283 -6.79 -30.60 -26.03
CA PRO C 283 -8.05 -30.20 -25.38
C PRO C 283 -9.18 -31.16 -25.72
N LEU C 284 -10.08 -31.36 -24.75
CA LEU C 284 -11.25 -32.19 -24.93
C LEU C 284 -12.47 -31.46 -24.38
N LYS C 285 -13.59 -31.58 -25.09
CA LYS C 285 -14.80 -30.89 -24.68
C LYS C 285 -15.31 -31.45 -23.36
N GLU C 286 -15.92 -30.57 -22.55
CA GLU C 286 -16.46 -30.97 -21.28
C GLU C 286 -17.65 -31.91 -21.48
N PRO C 287 -18.00 -32.69 -20.45
CA PRO C 287 -19.16 -33.58 -20.55
C PRO C 287 -20.48 -32.94 -20.18
N GLY C 288 -20.47 -31.75 -19.59
CA GLY C 288 -21.69 -31.09 -19.19
C GLY C 288 -22.49 -30.60 -20.39
N GLU C 289 -23.45 -29.74 -20.10
CA GLU C 289 -24.35 -29.17 -21.09
C GLU C 289 -24.24 -27.64 -21.06
N GLY C 290 -24.96 -27.00 -21.95
CA GLY C 290 -24.96 -25.54 -22.04
C GLY C 290 -23.93 -25.04 -23.04
N ALA C 291 -22.98 -24.24 -22.57
CA ALA C 291 -21.95 -23.69 -23.44
C ALA C 291 -20.91 -24.75 -23.79
N THR C 292 -20.12 -24.45 -24.82
CA THR C 292 -19.08 -25.35 -25.29
C THR C 292 -17.73 -24.89 -24.75
N THR C 293 -17.07 -25.77 -24.00
CA THR C 293 -15.77 -25.47 -23.41
C THR C 293 -14.88 -26.70 -23.55
N TYR C 294 -13.59 -26.50 -23.26
CA TYR C 294 -12.60 -27.56 -23.34
C TYR C 294 -11.71 -27.50 -22.10
N LEU C 295 -10.95 -28.57 -21.89
CA LEU C 295 -10.10 -28.70 -20.72
C LEU C 295 -8.76 -29.30 -21.10
N VAL C 296 -7.72 -28.91 -20.37
CA VAL C 296 -6.38 -29.47 -20.52
C VAL C 296 -5.72 -29.50 -19.15
N THR C 297 -4.78 -30.43 -18.98
CA THR C 297 -4.09 -30.62 -17.70
C THR C 297 -2.61 -30.85 -17.99
N SER C 298 -1.83 -29.78 -17.96
CA SER C 298 -0.39 -29.89 -18.14
C SER C 298 0.26 -30.34 -16.84
N VAL C 299 1.22 -31.26 -16.97
CA VAL C 299 1.91 -31.83 -15.81
C VAL C 299 3.39 -31.52 -15.93
N LEU C 300 4.03 -31.34 -14.77
CA LEU C 300 5.45 -31.03 -14.69
C LEU C 300 6.03 -31.71 -13.46
N ARG C 301 7.11 -32.47 -13.67
CA ARG C 301 7.79 -33.16 -12.58
C ARG C 301 8.87 -32.26 -12.01
N VAL C 302 8.87 -32.09 -10.69
CA VAL C 302 9.82 -31.23 -9.99
C VAL C 302 10.49 -32.05 -8.89
N SER C 303 11.78 -31.80 -8.68
CA SER C 303 12.52 -32.50 -7.64
C SER C 303 12.00 -32.09 -6.27
N ALA C 304 11.86 -33.09 -5.38
CA ALA C 304 11.38 -32.81 -4.04
C ALA C 304 12.33 -31.89 -3.29
N GLU C 305 13.63 -32.03 -3.53
CA GLU C 305 14.61 -31.16 -2.88
C GLU C 305 14.36 -29.71 -3.26
N THR C 306 14.28 -29.42 -4.56
CA THR C 306 13.98 -28.06 -5.00
C THR C 306 12.65 -27.58 -4.43
N TRP C 307 11.69 -28.49 -4.26
CA TRP C 307 10.41 -28.11 -3.66
C TRP C 307 10.58 -27.71 -2.20
N LYS C 308 11.61 -28.23 -1.53
CA LYS C 308 11.87 -27.90 -0.14
C LYS C 308 12.77 -26.69 0.03
N GLN C 309 13.65 -26.43 -0.95
CA GLN C 309 14.56 -25.30 -0.88
C GLN C 309 13.84 -23.96 -0.99
N GLY C 310 12.57 -23.95 -1.40
CA GLY C 310 11.83 -22.71 -1.53
C GLY C 310 11.84 -22.09 -2.90
N ASP C 311 11.94 -22.90 -3.95
CA ASP C 311 11.95 -22.41 -5.32
C ASP C 311 10.55 -22.49 -5.92
N GLN C 312 10.18 -21.47 -6.67
CA GLN C 312 8.85 -21.40 -7.26
C GLN C 312 8.81 -22.15 -8.59
N TYR C 313 7.60 -22.57 -8.97
CA TYR C 313 7.36 -23.27 -10.24
C TYR C 313 5.96 -22.86 -10.71
N SER C 314 5.89 -21.69 -11.35
CA SER C 314 4.63 -21.13 -11.79
C SER C 314 4.20 -21.75 -13.12
N CYS C 315 2.94 -21.53 -13.48
CA CYS C 315 2.36 -22.02 -14.72
C CYS C 315 1.66 -20.87 -15.43
N MET C 316 2.04 -20.62 -16.67
CA MET C 316 1.48 -19.55 -17.47
C MET C 316 0.60 -20.15 -18.58
N VAL C 317 -0.51 -19.48 -18.87
CA VAL C 317 -1.46 -19.93 -19.88
C VAL C 317 -1.77 -18.76 -20.80
N GLY C 318 -1.80 -19.04 -22.11
CA GLY C 318 -2.11 -18.03 -23.11
C GLY C 318 -3.43 -18.36 -23.79
N HIS C 319 -4.28 -17.33 -23.91
CA HIS C 319 -5.59 -17.50 -24.49
C HIS C 319 -6.04 -16.19 -25.12
N GLU C 320 -6.99 -16.28 -26.05
CA GLU C 320 -7.48 -15.09 -26.74
C GLU C 320 -8.38 -14.26 -25.83
N ALA C 321 -9.32 -14.91 -25.14
CA ALA C 321 -10.26 -14.19 -24.30
C ALA C 321 -9.55 -13.46 -23.16
N LEU C 322 -8.41 -13.96 -22.72
CA LEU C 322 -7.72 -13.38 -21.58
C LEU C 322 -7.36 -11.93 -21.84
N PRO C 323 -7.80 -10.98 -21.03
CA PRO C 323 -7.29 -9.60 -21.16
C PRO C 323 -5.81 -9.58 -20.81
N MET C 324 -5.00 -9.08 -21.75
CA MET C 324 -3.54 -9.15 -21.78
C MET C 324 -3.08 -10.47 -22.37
N ASN C 325 -3.97 -11.44 -22.60
CA ASN C 325 -3.68 -12.68 -23.31
C ASN C 325 -2.71 -13.58 -22.56
N PHE C 326 -2.56 -13.39 -21.24
CA PHE C 326 -1.69 -14.25 -20.45
C PHE C 326 -2.15 -14.23 -19.01
N THR C 327 -2.18 -15.41 -18.38
CA THR C 327 -2.49 -15.56 -16.97
C THR C 327 -1.42 -16.44 -16.33
N GLN C 328 -1.18 -16.20 -15.05
CA GLN C 328 -0.11 -16.89 -14.33
C GLN C 328 -0.59 -17.31 -12.96
N LYS C 329 -0.04 -18.41 -12.47
CA LYS C 329 -0.30 -18.90 -11.12
C LYS C 329 0.99 -19.49 -10.57
N THR C 330 1.52 -19.00 -9.45
CA THR C 330 2.79 -19.54 -8.98
C THR C 330 2.74 -20.18 -7.59
N ILE C 331 3.24 -21.40 -7.40
CA ILE C 331 3.10 -22.02 -6.09
C ILE C 331 4.34 -22.65 -5.42
N ASP C 332 4.84 -22.01 -4.36
CA ASP C 332 5.91 -22.58 -3.55
C ASP C 332 5.24 -23.45 -2.46
N ARG C 333 6.04 -24.12 -1.65
CA ARG C 333 5.52 -25.01 -0.61
C ARG C 333 4.56 -24.39 0.43
N LEU C 334 4.80 -23.14 0.80
CA LEU C 334 4.02 -22.44 1.81
C LEU C 334 2.63 -22.18 1.28
N SER C 335 2.42 -21.81 -0.02
CA SER C 335 1.07 -21.71 -0.56
C SER C 335 0.27 -23.00 -0.59
N GLY C 336 0.96 -24.14 -0.51
CA GLY C 336 0.30 -25.43 -0.55
C GLY C 336 -0.55 -25.70 0.68
N LYS C 337 -0.68 -26.97 1.05
CA LYS C 337 -1.50 -27.37 2.19
C LYS C 337 -0.62 -27.44 3.43
N PRO C 338 -0.82 -26.58 4.44
CA PRO C 338 -0.03 -26.70 5.68
C PRO C 338 -0.56 -27.78 6.60
N THR C 339 0.01 -27.87 7.81
CA THR C 339 -0.42 -28.87 8.79
C THR C 339 -0.97 -28.18 10.03
N ASN C 340 -0.10 -27.71 10.91
CA ASN C 340 -0.50 -27.04 12.14
C ASN C 340 -0.82 -25.59 11.80
N VAL C 341 -2.11 -25.27 11.70
CA VAL C 341 -2.56 -23.92 11.37
C VAL C 341 -2.91 -23.19 12.66
N SER C 342 -2.71 -21.87 12.64
CA SER C 342 -2.99 -21.01 13.80
C SER C 342 -3.77 -19.80 13.32
N VAL C 343 -5.05 -19.75 13.68
CA VAL C 343 -5.92 -18.63 13.32
C VAL C 343 -6.01 -17.68 14.51
N SER C 344 -6.07 -16.39 14.23
CA SER C 344 -6.13 -15.36 15.27
C SER C 344 -7.16 -14.31 14.84
N VAL C 345 -8.35 -14.39 15.40
CA VAL C 345 -9.42 -13.44 15.12
C VAL C 345 -9.33 -12.29 16.11
N ILE C 346 -9.58 -11.08 15.63
CA ILE C 346 -9.52 -9.87 16.44
C ILE C 346 -10.83 -9.10 16.27
N MET C 347 -11.30 -8.49 17.35
CA MET C 347 -12.54 -7.71 17.35
C MET C 347 -12.18 -6.26 17.64
N SER C 348 -11.91 -5.50 16.58
CA SER C 348 -11.54 -4.10 16.72
C SER C 348 -12.81 -3.26 16.84
N GLU C 349 -12.93 -2.53 17.95
CA GLU C 349 -14.09 -1.69 18.21
C GLU C 349 -13.84 -0.22 17.86
N GLY C 350 -12.68 0.10 17.28
CA GLY C 350 -12.38 1.46 16.91
C GLY C 350 -12.78 1.79 15.49
N ASP C 351 -11.83 2.27 14.70
CA ASP C 351 -12.08 2.60 13.30
C ASP C 351 -11.88 1.38 12.42
N GLY C 352 -12.46 1.44 11.22
CA GLY C 352 -12.38 0.34 10.28
C GLY C 352 -11.21 0.44 9.32
N ILE C 353 -10.02 0.66 9.86
CA ILE C 353 -8.79 0.76 9.08
C ILE C 353 -7.94 -0.47 9.36
N CYS C 354 -7.38 -1.05 8.31
CA CYS C 354 -6.60 -2.28 8.44
C CYS C 354 -5.13 -2.02 8.72
N TYR C 355 -4.59 -0.90 8.27
CA TYR C 355 -3.17 -0.59 8.46
C TYR C 355 -2.30 -1.71 7.90
N CYS D 125 -2.84 -46.37 -52.68
CA CYS D 125 -3.13 -47.45 -51.74
C CYS D 125 -2.07 -48.55 -51.85
N GLN D 126 -1.25 -48.69 -50.82
CA GLN D 126 -0.19 -49.69 -50.79
C GLN D 126 -0.56 -50.80 -49.81
N PRO D 127 -0.80 -52.03 -50.28
CA PRO D 127 -1.12 -53.11 -49.34
C PRO D 127 0.00 -53.31 -48.33
N SER D 128 -0.38 -53.38 -47.05
CA SER D 128 0.58 -53.54 -45.98
C SER D 128 -0.08 -54.28 -44.82
N LEU D 129 0.68 -55.18 -44.20
CA LEU D 129 0.17 -55.95 -43.07
C LEU D 129 0.13 -55.10 -41.82
N SER D 130 -0.80 -55.45 -40.91
CA SER D 130 -0.95 -54.73 -39.67
C SER D 130 -1.64 -55.63 -38.65
N LEU D 131 -1.10 -55.67 -37.43
CA LEU D 131 -1.66 -56.46 -36.34
C LEU D 131 -2.12 -55.53 -35.24
N GLN D 132 -3.38 -55.69 -34.82
CA GLN D 132 -3.98 -54.85 -33.79
C GLN D 132 -3.96 -55.57 -32.46
N ARG D 133 -3.56 -54.86 -31.41
CA ARG D 133 -3.53 -55.45 -30.08
C ARG D 133 -4.92 -55.38 -29.45
N PRO D 134 -5.35 -56.41 -28.72
CA PRO D 134 -6.68 -56.36 -28.10
C PRO D 134 -6.75 -55.24 -27.07
N ALA D 135 -7.92 -54.60 -27.01
CA ALA D 135 -8.12 -53.53 -26.04
C ALA D 135 -8.02 -54.08 -24.62
N LEU D 136 -7.39 -53.29 -23.74
CA LEU D 136 -7.23 -53.73 -22.35
C LEU D 136 -8.57 -53.91 -21.65
N GLU D 137 -9.65 -53.36 -22.19
CA GLU D 137 -10.96 -53.52 -21.58
C GLU D 137 -11.34 -54.98 -21.46
N ASP D 138 -11.34 -55.70 -22.59
CA ASP D 138 -11.73 -57.11 -22.57
C ASP D 138 -10.77 -57.94 -21.75
N LEU D 139 -9.47 -57.61 -21.80
CA LEU D 139 -8.48 -58.40 -21.08
C LEU D 139 -8.67 -58.32 -19.57
N LEU D 140 -9.14 -57.18 -19.07
CA LEU D 140 -9.34 -56.97 -17.64
C LEU D 140 -10.82 -57.02 -17.25
N LEU D 141 -11.61 -57.82 -17.97
CA LEU D 141 -13.03 -57.97 -17.66
C LEU D 141 -13.53 -59.40 -17.72
N GLY D 142 -12.74 -60.36 -18.21
CA GLY D 142 -13.16 -61.73 -18.30
C GLY D 142 -13.22 -62.25 -19.71
N SER D 143 -12.19 -61.95 -20.50
CA SER D 143 -12.09 -62.40 -21.89
C SER D 143 -10.69 -62.94 -22.15
N ASP D 144 -10.63 -64.08 -22.83
CA ASP D 144 -9.36 -64.71 -23.16
C ASP D 144 -8.49 -63.78 -23.99
N ALA D 145 -8.85 -63.59 -25.25
CA ALA D 145 -8.11 -62.72 -26.15
C ALA D 145 -8.96 -62.46 -27.38
N SER D 146 -8.49 -61.55 -28.23
CA SER D 146 -9.21 -61.20 -29.44
C SER D 146 -8.33 -60.38 -30.38
N ILE D 147 -7.19 -60.94 -30.78
CA ILE D 147 -6.30 -60.24 -31.70
C ILE D 147 -6.95 -60.17 -33.07
N THR D 148 -6.69 -59.07 -33.78
CA THR D 148 -7.23 -58.83 -35.11
C THR D 148 -6.08 -58.64 -36.09
N CYS D 149 -6.03 -59.51 -37.10
CA CYS D 149 -5.02 -59.43 -38.15
C CYS D 149 -5.64 -58.74 -39.36
N THR D 150 -5.16 -57.55 -39.69
CA THR D 150 -5.73 -56.73 -40.75
C THR D 150 -4.68 -56.51 -41.84
N LEU D 151 -5.17 -56.36 -43.08
CA LEU D 151 -4.33 -56.08 -44.25
C LEU D 151 -4.90 -54.83 -44.91
N ASN D 152 -4.38 -53.67 -44.53
CA ASN D 152 -4.88 -52.40 -45.02
C ASN D 152 -4.20 -52.04 -46.35
N GLY D 153 -4.66 -50.94 -46.94
CA GLY D 153 -4.11 -50.49 -48.21
C GLY D 153 -4.31 -51.47 -49.34
N LEU D 154 -5.35 -52.29 -49.28
CA LEU D 154 -5.59 -53.29 -50.30
C LEU D 154 -6.25 -52.68 -51.53
N ARG D 155 -5.93 -53.17 -52.72
CA ARG D 155 -6.57 -52.70 -53.95
C ARG D 155 -7.31 -53.91 -54.55
N ASN D 156 -8.42 -53.68 -55.24
CA ASN D 156 -9.37 -54.69 -55.81
C ASN D 156 -10.19 -55.47 -54.75
N PRO D 157 -11.53 -55.54 -54.94
CA PRO D 157 -12.35 -56.27 -53.96
C PRO D 157 -12.37 -57.78 -54.20
N GLU D 158 -11.78 -58.57 -53.30
CA GLU D 158 -11.75 -60.02 -53.41
C GLU D 158 -11.26 -60.57 -52.08
N GLY D 159 -11.80 -61.73 -51.60
CA GLY D 159 -11.44 -62.43 -50.38
C GLY D 159 -9.94 -62.79 -50.16
N ALA D 160 -9.67 -63.32 -48.98
CA ALA D 160 -8.32 -63.56 -48.50
C ALA D 160 -8.35 -64.73 -47.53
N VAL D 161 -7.15 -65.13 -47.09
CA VAL D 161 -6.98 -66.24 -46.16
C VAL D 161 -6.05 -65.78 -45.04
N PHE D 162 -6.31 -66.26 -43.82
CA PHE D 162 -5.53 -65.89 -42.66
C PHE D 162 -5.23 -67.13 -41.84
N THR D 163 -3.96 -67.41 -41.62
CA THR D 163 -3.50 -68.51 -40.79
C THR D 163 -2.62 -67.98 -39.68
N TRP D 164 -2.43 -68.79 -38.64
CA TRP D 164 -1.65 -68.39 -37.48
C TRP D 164 -1.43 -69.61 -36.60
N GLU D 165 -0.74 -69.39 -35.48
CA GLU D 165 -0.50 -70.47 -34.53
C GLU D 165 -1.84 -70.93 -33.95
N PRO D 166 -2.14 -72.23 -33.98
CA PRO D 166 -3.45 -72.69 -33.50
C PRO D 166 -3.59 -72.45 -32.00
N SER D 167 -4.58 -71.63 -31.64
CA SER D 167 -4.87 -71.35 -30.23
C SER D 167 -5.58 -72.56 -29.62
N THR D 168 -6.19 -72.35 -28.45
CA THR D 168 -6.88 -73.42 -27.73
C THR D 168 -8.35 -73.39 -28.12
N GLY D 169 -8.75 -74.25 -29.05
CA GLY D 169 -10.14 -74.40 -29.42
C GLY D 169 -10.54 -73.63 -30.67
N LYS D 170 -10.75 -72.32 -30.53
CA LYS D 170 -11.25 -71.52 -31.64
C LYS D 170 -10.29 -71.59 -32.82
N ASP D 171 -10.85 -71.47 -34.03
CA ASP D 171 -10.08 -71.55 -35.26
C ASP D 171 -9.82 -70.16 -35.82
N ALA D 172 -10.57 -69.77 -36.86
CA ALA D 172 -10.38 -68.49 -37.51
C ALA D 172 -11.74 -67.93 -37.94
N VAL D 173 -11.81 -66.61 -38.04
CA VAL D 173 -13.03 -65.91 -38.44
C VAL D 173 -12.63 -64.73 -39.31
N GLN D 174 -13.19 -64.67 -40.51
CA GLN D 174 -12.91 -63.59 -41.46
C GLN D 174 -14.00 -62.53 -41.33
N LYS D 175 -13.60 -61.32 -40.98
CA LYS D 175 -14.53 -60.22 -40.80
C LYS D 175 -14.76 -59.48 -42.12
N LYS D 176 -15.82 -58.70 -42.15
CA LYS D 176 -16.18 -57.96 -43.35
C LYS D 176 -15.16 -56.86 -43.63
N ALA D 177 -14.95 -56.58 -44.91
CA ALA D 177 -14.03 -55.55 -45.36
C ALA D 177 -14.80 -54.30 -45.76
N VAL D 178 -14.09 -53.18 -45.80
CA VAL D 178 -14.64 -51.88 -46.16
C VAL D 178 -13.64 -51.16 -47.07
N GLN D 179 -14.01 -49.96 -47.50
CA GLN D 179 -13.20 -49.14 -48.36
C GLN D 179 -12.61 -47.98 -47.57
N ASN D 180 -11.95 -47.06 -48.28
CA ASN D 180 -11.34 -45.88 -47.68
C ASN D 180 -11.82 -44.64 -48.43
N SER D 181 -11.26 -43.48 -48.07
CA SER D 181 -11.67 -42.23 -48.70
C SER D 181 -11.33 -42.23 -50.19
N CYS D 182 -10.07 -42.48 -50.52
CA CYS D 182 -9.62 -42.46 -51.91
C CYS D 182 -9.78 -43.80 -52.62
N GLY D 183 -10.36 -44.80 -51.96
CA GLY D 183 -10.65 -46.08 -52.57
C GLY D 183 -9.90 -47.25 -51.97
N CYS D 184 -8.97 -47.02 -51.05
CA CYS D 184 -8.23 -48.12 -50.46
C CYS D 184 -9.18 -49.05 -49.69
N TYR D 185 -8.78 -50.31 -49.60
CA TYR D 185 -9.58 -51.33 -48.93
C TYR D 185 -8.77 -51.96 -47.80
N SER D 186 -9.48 -52.67 -46.92
CA SER D 186 -8.85 -53.31 -45.76
C SER D 186 -9.64 -54.55 -45.39
N VAL D 187 -8.94 -55.67 -45.26
CA VAL D 187 -9.53 -56.95 -44.86
C VAL D 187 -9.00 -57.31 -43.47
N SER D 188 -9.89 -57.79 -42.60
CA SER D 188 -9.55 -58.08 -41.22
C SER D 188 -9.98 -59.48 -40.85
N SER D 189 -9.30 -60.04 -39.84
CA SER D 189 -9.63 -61.35 -39.31
C SER D 189 -9.29 -61.36 -37.82
N VAL D 190 -10.18 -61.95 -37.02
CA VAL D 190 -10.05 -61.96 -35.58
C VAL D 190 -9.63 -63.35 -35.11
N LEU D 191 -8.91 -63.39 -33.99
CA LEU D 191 -8.42 -64.63 -33.40
C LEU D 191 -8.74 -64.62 -31.91
N PRO D 192 -9.90 -65.16 -31.51
CA PRO D 192 -10.16 -65.31 -30.07
C PRO D 192 -9.18 -66.27 -29.42
N GLY D 193 -8.03 -65.76 -29.01
CA GLY D 193 -6.97 -66.60 -28.49
C GLY D 193 -7.16 -66.99 -27.03
N CYS D 194 -6.07 -66.97 -26.27
CA CYS D 194 -6.06 -67.39 -24.88
C CYS D 194 -5.38 -66.34 -24.02
N ALA D 195 -5.87 -66.16 -22.80
CA ALA D 195 -5.24 -65.22 -21.88
C ALA D 195 -3.97 -65.80 -21.27
N GLU D 196 -3.89 -67.12 -21.15
CA GLU D 196 -2.68 -67.75 -20.61
C GLU D 196 -1.48 -67.50 -21.52
N ARG D 197 -1.68 -67.63 -22.83
CA ARG D 197 -0.60 -67.34 -23.78
C ARG D 197 -0.20 -65.87 -23.76
N TRP D 198 -1.11 -64.98 -23.35
CA TRP D 198 -0.78 -63.57 -23.23
C TRP D 198 0.09 -63.31 -22.01
N ASN D 199 -0.35 -63.81 -20.84
CA ASN D 199 0.43 -63.62 -19.62
C ASN D 199 1.81 -64.24 -19.73
N SER D 200 1.90 -65.39 -20.41
CA SER D 200 3.19 -66.06 -20.58
C SER D 200 4.07 -65.38 -21.62
N GLY D 201 3.48 -64.63 -22.55
CA GLY D 201 4.23 -63.94 -23.57
C GLY D 201 4.25 -64.60 -24.92
N ALA D 202 3.45 -65.65 -25.14
CA ALA D 202 3.43 -66.31 -26.43
C ALA D 202 2.87 -65.37 -27.49
N SER D 203 3.28 -65.61 -28.73
CA SER D 203 2.91 -64.76 -29.86
C SER D 203 1.90 -65.45 -30.75
N PHE D 204 0.99 -64.65 -31.33
CA PHE D 204 0.00 -65.14 -32.27
C PHE D 204 0.41 -64.75 -33.69
N LYS D 205 1.49 -65.38 -34.15
CA LYS D 205 2.02 -65.10 -35.47
C LYS D 205 0.94 -65.25 -36.53
N CYS D 206 0.64 -64.17 -37.24
CA CYS D 206 -0.36 -64.17 -38.29
C CYS D 206 0.30 -64.39 -39.65
N THR D 207 -0.55 -64.65 -40.65
CA THR D 207 -0.07 -64.88 -42.01
C THR D 207 -1.25 -64.69 -42.95
N VAL D 208 -1.18 -63.66 -43.79
CA VAL D 208 -2.24 -63.33 -44.74
C VAL D 208 -1.78 -63.69 -46.14
N THR D 209 -2.72 -64.17 -46.96
CA THR D 209 -2.41 -64.56 -48.33
C THR D 209 -3.65 -64.34 -49.19
N HIS D 210 -3.45 -63.74 -50.35
CA HIS D 210 -4.53 -63.50 -51.31
C HIS D 210 -3.92 -63.01 -52.61
N PRO D 211 -4.63 -63.16 -53.73
CA PRO D 211 -4.08 -62.70 -55.00
C PRO D 211 -3.81 -61.20 -55.00
N GLU D 212 -2.87 -60.78 -55.84
CA GLU D 212 -2.42 -59.41 -56.04
C GLU D 212 -1.45 -58.96 -54.95
N SER D 213 -1.33 -59.67 -53.84
CA SER D 213 -0.44 -59.31 -52.75
C SER D 213 0.36 -60.53 -52.31
N GLY D 214 1.55 -60.28 -51.78
CA GLY D 214 2.41 -61.35 -51.31
C GLY D 214 1.99 -61.86 -49.95
N THR D 215 2.73 -62.87 -49.48
CA THR D 215 2.48 -63.50 -48.20
C THR D 215 3.21 -62.71 -47.11
N LEU D 216 2.44 -61.95 -46.33
CA LEU D 216 2.99 -61.16 -45.23
C LEU D 216 2.75 -61.87 -43.91
N THR D 217 3.75 -61.87 -43.04
CA THR D 217 3.69 -62.55 -41.75
C THR D 217 4.16 -61.59 -40.67
N GLY D 218 3.37 -61.48 -39.60
CA GLY D 218 3.73 -60.65 -38.47
C GLY D 218 3.61 -61.42 -37.17
N THR D 219 4.16 -60.82 -36.11
CA THR D 219 4.16 -61.44 -34.79
C THR D 219 3.99 -60.37 -33.73
N ILE D 220 3.15 -60.65 -32.73
CA ILE D 220 2.94 -59.77 -31.59
C ILE D 220 2.63 -60.62 -30.37
N ALA D 221 2.98 -60.09 -29.20
CA ALA D 221 2.76 -60.80 -27.95
C ALA D 221 2.75 -59.78 -26.81
N LYS D 222 2.75 -60.28 -25.58
CA LYS D 222 2.77 -59.40 -24.41
C LYS D 222 4.18 -58.91 -24.14
N VAL D 223 4.29 -57.64 -23.75
CA VAL D 223 5.57 -57.03 -23.43
C VAL D 223 5.97 -57.45 -22.02
N THR D 224 6.53 -58.65 -21.88
CA THR D 224 6.92 -59.16 -20.58
C THR D 224 8.43 -59.06 -20.38
N VAL D 225 8.96 -57.85 -20.46
CA VAL D 225 10.39 -57.62 -20.27
C VAL D 225 10.59 -56.41 -19.37
N ASN D 226 9.73 -55.40 -19.52
CA ASN D 226 9.82 -54.18 -18.72
C ASN D 226 8.40 -53.65 -18.55
N THR D 227 7.78 -53.97 -17.41
CA THR D 227 6.43 -53.52 -17.09
C THR D 227 6.43 -52.88 -15.71
N PHE D 228 5.78 -51.73 -15.58
CA PHE D 228 5.70 -51.01 -14.33
C PHE D 228 4.24 -50.79 -13.94
N PRO D 229 3.92 -50.82 -12.65
CA PRO D 229 2.54 -50.61 -12.23
C PRO D 229 2.21 -49.13 -12.18
N PRO D 230 0.99 -48.73 -12.53
CA PRO D 230 0.64 -47.31 -12.52
C PRO D 230 0.56 -46.77 -11.11
N GLN D 231 1.29 -45.68 -10.86
CA GLN D 231 1.30 -45.02 -9.56
C GLN D 231 0.17 -44.00 -9.55
N VAL D 232 -1.02 -44.45 -9.11
CA VAL D 232 -2.18 -43.58 -9.10
C VAL D 232 -2.01 -42.49 -8.05
N HIS D 233 -2.60 -41.32 -8.33
CA HIS D 233 -2.52 -40.19 -7.41
C HIS D 233 -3.82 -39.41 -7.53
N LEU D 234 -4.67 -39.49 -6.51
CA LEU D 234 -5.94 -38.78 -6.50
C LEU D 234 -5.77 -37.46 -5.77
N LEU D 235 -6.00 -36.34 -6.47
CA LEU D 235 -5.80 -35.02 -5.91
C LEU D 235 -7.13 -34.39 -5.51
N PRO D 236 -7.14 -33.48 -4.54
CA PRO D 236 -8.38 -32.83 -4.15
C PRO D 236 -8.67 -31.65 -5.06
N PRO D 237 -9.86 -31.04 -4.89
CA PRO D 237 -10.16 -29.86 -5.70
C PRO D 237 -9.43 -28.62 -5.17
N PRO D 238 -9.43 -27.54 -6.02
CA PRO D 238 -8.80 -26.30 -5.57
C PRO D 238 -9.68 -25.55 -4.57
N SER D 239 -9.07 -24.54 -3.94
CA SER D 239 -9.80 -23.75 -2.97
C SER D 239 -10.80 -22.81 -3.64
N GLU D 240 -10.54 -22.41 -4.88
CA GLU D 240 -11.43 -21.51 -5.60
C GLU D 240 -12.78 -22.18 -5.86
N GLU D 241 -12.77 -23.24 -6.67
CA GLU D 241 -14.01 -23.93 -6.99
C GLU D 241 -14.72 -24.42 -5.72
N LEU D 242 -13.95 -24.79 -4.69
CA LEU D 242 -14.55 -25.22 -3.43
C LEU D 242 -15.36 -24.11 -2.77
N ALA D 243 -15.07 -22.84 -3.10
CA ALA D 243 -15.79 -21.71 -2.54
C ALA D 243 -16.95 -21.24 -3.40
N LEU D 244 -16.83 -21.34 -4.73
CA LEU D 244 -17.92 -20.90 -5.60
C LEU D 244 -19.17 -21.72 -5.38
N ASN D 245 -19.03 -22.96 -4.91
CA ASN D 245 -20.18 -23.85 -4.67
C ASN D 245 -21.00 -24.05 -5.93
N GLU D 246 -20.32 -24.49 -7.00
CA GLU D 246 -20.99 -24.75 -8.26
C GLU D 246 -20.61 -26.14 -8.78
N LEU D 247 -19.36 -26.30 -9.21
CA LEU D 247 -18.89 -27.58 -9.71
C LEU D 247 -17.39 -27.69 -9.45
N LEU D 248 -16.99 -28.79 -8.81
CA LEU D 248 -15.59 -29.03 -8.49
C LEU D 248 -14.97 -29.97 -9.52
N SER D 249 -13.65 -30.04 -9.52
CA SER D 249 -12.88 -30.85 -10.44
C SER D 249 -11.99 -31.80 -9.66
N LEU D 250 -12.00 -33.08 -10.06
CA LEU D 250 -11.17 -34.10 -9.44
C LEU D 250 -10.30 -34.74 -10.51
N THR D 251 -8.99 -34.80 -10.24
CA THR D 251 -8.02 -35.34 -11.18
C THR D 251 -7.47 -36.67 -10.65
N CYS D 252 -7.32 -37.63 -11.56
CA CYS D 252 -6.76 -38.94 -11.24
C CYS D 252 -5.42 -39.07 -11.95
N LEU D 253 -4.39 -38.44 -11.37
CA LEU D 253 -3.06 -38.43 -11.95
C LEU D 253 -2.47 -39.83 -11.88
N VAL D 254 -2.29 -40.47 -13.03
CA VAL D 254 -1.69 -41.79 -13.14
C VAL D 254 -0.37 -41.67 -13.87
N ARG D 255 0.64 -42.37 -13.39
CA ARG D 255 1.98 -42.30 -13.96
C ARG D 255 2.70 -43.61 -13.69
N ALA D 256 3.93 -43.71 -14.22
CA ALA D 256 4.78 -44.87 -14.02
C ALA D 256 4.16 -46.13 -14.61
N PHE D 257 4.33 -46.32 -15.92
CA PHE D 257 3.84 -47.52 -16.59
C PHE D 257 4.35 -47.57 -18.03
N ASN D 258 5.08 -48.64 -18.38
CA ASN D 258 5.65 -48.72 -19.71
C ASN D 258 4.59 -48.85 -20.79
N PRO D 259 3.58 -49.72 -20.67
CA PRO D 259 2.54 -49.81 -21.71
C PRO D 259 1.56 -48.64 -21.60
N LYS D 260 1.57 -47.78 -22.61
CA LYS D 260 0.73 -46.58 -22.57
C LYS D 260 -0.74 -46.93 -22.41
N GLU D 261 -1.15 -48.12 -22.86
CA GLU D 261 -2.55 -48.51 -22.74
C GLU D 261 -2.94 -48.63 -21.27
N VAL D 262 -4.19 -48.26 -20.98
CA VAL D 262 -4.70 -48.30 -19.61
C VAL D 262 -6.20 -48.07 -19.63
N LEU D 263 -6.91 -48.71 -18.70
CA LEU D 263 -8.35 -48.55 -18.57
C LEU D 263 -8.64 -47.67 -17.36
N VAL D 264 -9.37 -46.59 -17.58
CA VAL D 264 -9.69 -45.61 -16.54
C VAL D 264 -11.21 -45.49 -16.42
N ARG D 265 -11.69 -45.45 -15.18
CA ARG D 265 -13.11 -45.31 -14.91
C ARG D 265 -13.27 -44.63 -13.55
N TRP D 266 -14.49 -44.15 -13.30
CA TRP D 266 -14.82 -43.46 -12.06
C TRP D 266 -16.00 -44.14 -11.39
N LEU D 267 -16.19 -43.86 -10.11
CA LEU D 267 -17.27 -44.43 -9.31
C LEU D 267 -17.92 -43.35 -8.48
N HIS D 268 -19.23 -43.48 -8.27
CA HIS D 268 -19.98 -42.59 -7.40
C HIS D 268 -20.08 -43.20 -6.00
N GLY D 269 -18.92 -43.48 -5.44
CA GLY D 269 -18.82 -44.16 -4.15
C GLY D 269 -18.82 -45.67 -4.27
N ASN D 270 -19.77 -46.20 -5.05
CA ASN D 270 -19.85 -47.64 -5.28
C ASN D 270 -20.46 -47.94 -6.65
N GLU D 271 -21.32 -47.05 -7.13
CA GLU D 271 -21.96 -47.24 -8.42
C GLU D 271 -21.00 -46.89 -9.55
N GLU D 272 -21.21 -47.53 -10.70
CA GLU D 272 -20.36 -47.32 -11.87
C GLU D 272 -20.74 -46.01 -12.55
N LEU D 273 -19.79 -45.09 -12.64
CA LEU D 273 -20.02 -43.83 -13.31
C LEU D 273 -19.84 -43.99 -14.82
N SER D 274 -20.57 -43.15 -15.58
CA SER D 274 -20.54 -43.27 -17.03
C SER D 274 -19.38 -42.46 -17.63
N PRO D 275 -18.81 -42.92 -18.74
CA PRO D 275 -17.74 -42.14 -19.38
C PRO D 275 -18.22 -40.84 -20.02
N GLU D 276 -19.53 -40.68 -20.19
CA GLU D 276 -20.09 -39.44 -20.74
C GLU D 276 -20.15 -38.31 -19.73
N SER D 277 -19.69 -38.54 -18.50
CA SER D 277 -19.73 -37.53 -17.45
C SER D 277 -18.36 -37.01 -17.06
N TYR D 278 -17.28 -37.65 -17.52
CA TYR D 278 -15.92 -37.21 -17.22
C TYR D 278 -15.09 -37.30 -18.49
N LEU D 279 -13.81 -36.93 -18.37
CA LEU D 279 -12.89 -36.90 -19.50
C LEU D 279 -11.73 -37.87 -19.25
N VAL D 280 -11.10 -38.29 -20.34
CA VAL D 280 -9.95 -39.19 -20.27
C VAL D 280 -8.94 -38.77 -21.33
N PHE D 281 -7.99 -37.93 -20.94
CA PHE D 281 -6.98 -37.46 -21.88
C PHE D 281 -6.11 -38.63 -22.35
N GLU D 282 -5.57 -38.49 -23.55
CA GLU D 282 -4.75 -39.54 -24.12
C GLU D 282 -3.42 -39.63 -23.37
N PRO D 283 -2.88 -40.84 -23.15
CA PRO D 283 -1.59 -40.95 -22.46
C PRO D 283 -0.49 -40.25 -23.23
N LEU D 284 0.61 -39.98 -22.53
CA LEU D 284 1.77 -39.33 -23.12
C LEU D 284 3.02 -39.80 -22.40
N LYS D 285 4.12 -39.89 -23.14
CA LYS D 285 5.38 -40.34 -22.56
C LYS D 285 5.95 -39.26 -21.65
N GLU D 286 6.39 -39.67 -20.46
CA GLU D 286 6.98 -38.73 -19.52
C GLU D 286 8.37 -38.31 -20.01
N PRO D 287 8.87 -37.17 -19.52
CA PRO D 287 10.19 -36.71 -19.97
C PRO D 287 11.34 -37.29 -19.15
N GLY D 288 11.10 -38.43 -18.51
CA GLY D 288 12.12 -39.07 -17.70
C GLY D 288 13.27 -39.58 -18.54
N GLU D 289 14.20 -40.25 -17.86
CA GLU D 289 15.38 -40.83 -18.48
C GLU D 289 15.42 -42.32 -18.19
N GLY D 290 15.69 -43.12 -19.21
CA GLY D 290 15.77 -44.56 -19.05
C GLY D 290 14.53 -45.26 -19.59
N ALA D 291 13.68 -45.74 -18.69
CA ALA D 291 12.48 -46.44 -19.10
C ALA D 291 11.50 -45.49 -19.79
N THR D 292 10.56 -46.07 -20.53
CA THR D 292 9.56 -45.30 -21.27
C THR D 292 8.32 -45.17 -20.39
N THR D 293 8.42 -44.29 -19.39
CA THR D 293 7.32 -44.05 -18.48
C THR D 293 6.29 -43.13 -19.12
N TYR D 294 5.02 -43.48 -18.98
CA TYR D 294 3.91 -42.73 -19.54
C TYR D 294 3.14 -42.04 -18.41
N LEU D 295 2.09 -41.31 -18.79
CA LEU D 295 1.30 -40.55 -17.83
C LEU D 295 -0.06 -40.24 -18.45
N VAL D 296 -1.11 -40.28 -17.62
CA VAL D 296 -2.46 -39.97 -18.04
C VAL D 296 -3.12 -39.12 -16.97
N THR D 297 -4.20 -38.43 -17.37
CA THR D 297 -4.98 -37.62 -16.45
C THR D 297 -6.45 -37.74 -16.81
N SER D 298 -7.31 -37.71 -15.79
CA SER D 298 -8.75 -37.82 -15.97
C SER D 298 -9.44 -36.85 -15.05
N VAL D 299 -10.18 -35.90 -15.62
CA VAL D 299 -10.89 -34.87 -14.87
C VAL D 299 -12.35 -35.30 -14.70
N LEU D 300 -12.88 -35.14 -13.49
CA LEU D 300 -14.26 -35.47 -13.19
C LEU D 300 -14.94 -34.27 -12.56
N ARG D 301 -16.15 -33.96 -13.04
CA ARG D 301 -16.93 -32.85 -12.51
C ARG D 301 -17.88 -33.35 -11.44
N VAL D 302 -17.86 -32.71 -10.27
CA VAL D 302 -18.68 -33.10 -9.14
C VAL D 302 -19.37 -31.86 -8.59
N SER D 303 -20.59 -32.07 -8.09
CA SER D 303 -21.36 -30.98 -7.49
C SER D 303 -20.92 -30.77 -6.05
N ALA D 304 -20.75 -29.49 -5.67
CA ALA D 304 -20.34 -29.17 -4.31
C ALA D 304 -21.33 -29.65 -3.27
N GLU D 305 -22.59 -29.85 -3.65
CA GLU D 305 -23.59 -30.33 -2.71
C GLU D 305 -23.23 -31.71 -2.18
N THR D 306 -22.87 -32.63 -3.07
CA THR D 306 -22.48 -33.96 -2.64
C THR D 306 -21.29 -33.91 -1.71
N TRP D 307 -20.44 -32.92 -1.96
CA TRP D 307 -19.24 -32.66 -1.19
C TRP D 307 -19.59 -32.30 0.26
N LYS D 308 -20.60 -31.45 0.40
CA LYS D 308 -21.06 -30.98 1.70
C LYS D 308 -21.65 -32.11 2.53
N GLN D 309 -22.16 -33.15 1.89
CA GLN D 309 -22.73 -34.30 2.58
C GLN D 309 -21.68 -35.35 2.93
N GLY D 310 -20.49 -35.28 2.34
CA GLY D 310 -19.45 -36.24 2.62
C GLY D 310 -19.57 -37.51 1.78
N ASP D 311 -19.63 -37.35 0.47
CA ASP D 311 -19.74 -38.48 -0.43
C ASP D 311 -18.35 -38.99 -0.80
N GLN D 312 -18.27 -39.89 -1.78
CA GLN D 312 -17.01 -40.47 -2.22
C GLN D 312 -17.00 -40.58 -3.73
N TYR D 313 -15.81 -40.46 -4.31
CA TYR D 313 -15.63 -40.56 -5.76
C TYR D 313 -14.23 -41.13 -6.01
N SER D 314 -14.17 -42.43 -6.29
CA SER D 314 -12.92 -43.11 -6.54
C SER D 314 -12.61 -43.15 -8.04
N CYS D 315 -11.38 -43.58 -8.35
CA CYS D 315 -10.89 -43.63 -9.73
C CYS D 315 -10.40 -45.06 -10.00
N MET D 316 -11.14 -45.78 -10.83
CA MET D 316 -10.75 -47.14 -11.20
C MET D 316 -9.65 -47.09 -12.24
N VAL D 317 -8.64 -47.96 -12.07
CA VAL D 317 -7.50 -48.03 -12.98
C VAL D 317 -7.19 -49.51 -13.25
N GLY D 318 -7.05 -49.86 -14.52
CA GLY D 318 -6.72 -51.21 -14.90
C GLY D 318 -5.47 -51.28 -15.75
N HIS D 319 -4.51 -52.12 -15.36
CA HIS D 319 -3.24 -52.24 -16.06
C HIS D 319 -2.82 -53.71 -16.07
N GLU D 320 -1.85 -54.01 -16.93
CA GLU D 320 -1.36 -55.39 -17.04
C GLU D 320 -0.48 -55.75 -15.86
N ALA D 321 0.37 -54.84 -15.41
CA ALA D 321 1.28 -55.07 -14.28
C ALA D 321 0.62 -54.75 -12.95
N LEU D 322 -0.61 -55.19 -12.74
CA LEU D 322 -1.35 -54.92 -11.50
C LEU D 322 -1.98 -56.22 -11.00
N PRO D 323 -1.53 -56.77 -9.87
CA PRO D 323 -2.25 -57.90 -9.29
C PRO D 323 -3.72 -57.57 -9.10
N MET D 324 -4.58 -58.55 -9.36
CA MET D 324 -6.03 -58.44 -9.38
C MET D 324 -6.53 -57.59 -10.54
N ASN D 325 -5.65 -57.08 -11.39
CA ASN D 325 -6.03 -56.35 -12.60
C ASN D 325 -6.81 -55.08 -12.30
N PHE D 326 -6.67 -54.52 -11.10
CA PHE D 326 -7.41 -53.31 -10.76
C PHE D 326 -6.73 -52.62 -9.58
N THR D 327 -7.01 -51.32 -9.45
CA THR D 327 -6.49 -50.51 -8.36
C THR D 327 -7.24 -49.18 -8.31
N GLN D 328 -7.69 -48.78 -7.13
CA GLN D 328 -8.53 -47.61 -6.98
C GLN D 328 -8.17 -46.87 -5.69
N LYS D 329 -8.66 -45.64 -5.58
CA LYS D 329 -8.44 -44.82 -4.40
C LYS D 329 -9.64 -43.89 -4.24
N THR D 330 -10.18 -43.72 -3.02
CA THR D 330 -11.40 -42.88 -2.82
C THR D 330 -11.22 -41.39 -2.43
N ILE D 331 -12.31 -40.62 -2.47
CA ILE D 331 -12.29 -39.19 -2.10
C ILE D 331 -13.41 -38.73 -1.16
N ASP D 332 -13.31 -39.26 0.06
CA ASP D 332 -14.11 -38.85 1.17
C ASP D 332 -13.55 -37.48 1.51
N ARG D 333 -14.42 -36.55 1.86
CA ARG D 333 -14.02 -35.19 2.16
C ARG D 333 -12.79 -34.96 3.03
N LEU D 334 -12.49 -35.79 4.03
CA LEU D 334 -11.33 -35.47 4.86
C LEU D 334 -10.02 -35.53 4.06
N SER D 335 -9.72 -36.71 3.48
CA SER D 335 -8.50 -37.03 2.74
C SER D 335 -7.28 -36.44 3.43
N GLY D 336 -7.11 -36.82 4.70
CA GLY D 336 -6.00 -36.35 5.48
C GLY D 336 -6.06 -34.86 5.75
N LYS D 337 -7.02 -34.43 6.57
CA LYS D 337 -7.16 -33.02 6.89
C LYS D 337 -6.02 -32.58 7.82
N PRO D 338 -5.72 -31.29 7.84
CA PRO D 338 -4.64 -30.80 8.71
C PRO D 338 -4.95 -31.05 10.17
N THR D 339 -3.89 -31.28 10.95
CA THR D 339 -4.00 -31.54 12.38
C THR D 339 -3.77 -30.27 13.18
N ASN D 340 -4.47 -30.17 14.30
CA ASN D 340 -4.35 -29.02 15.21
C ASN D 340 -4.77 -27.73 14.50
N VAL D 341 -6.06 -27.68 14.13
CA VAL D 341 -6.63 -26.49 13.53
C VAL D 341 -6.98 -25.51 14.65
N SER D 342 -5.99 -24.74 15.10
CA SER D 342 -6.19 -23.84 16.23
C SER D 342 -7.04 -22.64 15.82
N VAL D 343 -7.39 -21.84 16.82
CA VAL D 343 -8.20 -20.63 16.62
C VAL D 343 -8.23 -19.84 17.92
N SER D 344 -8.26 -18.52 17.81
CA SER D 344 -8.27 -17.65 18.98
C SER D 344 -9.05 -16.39 18.65
N VAL D 345 -9.78 -15.88 19.65
CA VAL D 345 -10.57 -14.66 19.52
C VAL D 345 -10.02 -13.62 20.49
N ILE D 346 -9.89 -12.39 20.02
CA ILE D 346 -9.38 -11.28 20.82
C ILE D 346 -10.42 -10.17 20.80
N MET D 347 -10.92 -9.80 21.97
CA MET D 347 -11.93 -8.76 22.10
C MET D 347 -11.65 -7.94 23.36
N SER D 348 -10.43 -7.46 23.49
CA SER D 348 -10.02 -6.68 24.64
C SER D 348 -10.23 -5.19 24.38
N GLU D 349 -10.35 -4.43 25.48
CA GLU D 349 -10.50 -2.99 25.35
C GLU D 349 -9.34 -2.38 24.58
N GLY D 350 -8.12 -2.84 24.84
CA GLY D 350 -6.96 -2.39 24.10
C GLY D 350 -6.64 -3.33 22.96
N ASP D 351 -6.83 -2.85 21.72
CA ASP D 351 -6.60 -3.71 20.55
C ASP D 351 -5.17 -4.23 20.54
N GLY D 352 -4.19 -3.35 20.70
CA GLY D 352 -2.80 -3.76 20.68
C GLY D 352 -2.42 -4.48 19.40
N ILE D 353 -2.81 -3.92 18.26
CA ILE D 353 -2.53 -4.55 16.98
C ILE D 353 -1.06 -4.37 16.63
N CYS D 354 -0.51 -5.37 15.95
CA CYS D 354 0.87 -5.35 15.51
C CYS D 354 0.96 -4.99 14.03
N TYR D 355 2.17 -4.65 13.59
CA TYR D 355 2.41 -4.29 12.20
C TYR D 355 3.78 -4.75 11.75
N SER E 2 6.72 -0.91 12.60
CA SER E 2 7.96 -1.43 12.03
C SER E 2 8.63 -0.43 11.08
N PRO E 3 7.90 0.08 10.09
CA PRO E 3 8.52 1.02 9.14
C PRO E 3 9.03 2.29 9.81
N ILE E 4 8.53 2.63 11.00
CA ILE E 4 8.98 3.82 11.70
C ILE E 4 10.36 3.55 12.29
N PHE E 5 11.26 4.53 12.12
CA PHE E 5 12.63 4.41 12.58
C PHE E 5 13.02 5.65 13.38
N GLY E 6 13.88 5.46 14.37
CA GLY E 6 14.35 6.54 15.20
C GLY E 6 15.40 6.08 16.19
N PRO E 7 15.82 6.97 17.10
CA PRO E 7 16.80 6.58 18.11
C PRO E 7 16.25 5.53 19.07
N GLN E 8 16.79 4.32 19.02
CA GLN E 8 16.33 3.26 19.91
C GLN E 8 16.68 3.56 21.36
N GLU E 9 17.74 4.31 21.60
CA GLU E 9 18.17 4.66 22.95
C GLU E 9 18.74 6.07 22.93
N VAL E 10 18.29 6.90 23.87
CA VAL E 10 18.75 8.28 24.01
C VAL E 10 19.17 8.50 25.45
N SER E 11 20.27 9.22 25.64
CA SER E 11 20.80 9.51 26.97
C SER E 11 21.12 11.00 27.06
N SER E 12 20.46 11.69 27.99
CA SER E 12 20.61 13.11 28.23
C SER E 12 21.17 13.31 29.64
N ILE E 13 20.85 14.44 30.27
CA ILE E 13 21.32 14.75 31.60
C ILE E 13 20.33 15.69 32.27
N GLU E 14 20.39 15.76 33.60
CA GLU E 14 19.48 16.61 34.36
C GLU E 14 19.56 18.04 33.86
N GLY E 15 18.40 18.64 33.61
CA GLY E 15 18.34 20.00 33.12
C GLY E 15 19.00 20.18 31.77
N ASP E 16 18.49 19.47 30.76
CA ASP E 16 19.05 19.55 29.41
C ASP E 16 17.93 19.35 28.40
N SER E 17 18.17 19.85 27.19
CA SER E 17 17.21 19.75 26.10
C SER E 17 17.56 18.59 25.18
N VAL E 18 16.53 18.09 24.48
CA VAL E 18 16.68 16.97 23.56
C VAL E 18 15.79 17.22 22.36
N SER E 19 16.25 16.75 21.19
CA SER E 19 15.52 16.89 19.92
C SER E 19 15.52 15.53 19.24
N ILE E 20 14.47 14.74 19.49
CA ILE E 20 14.33 13.42 18.90
C ILE E 20 13.64 13.54 17.55
N THR E 21 14.13 12.78 16.58
CA THR E 21 13.58 12.76 15.22
C THR E 21 13.04 11.37 14.92
N CYS E 22 11.95 11.32 14.16
CA CYS E 22 11.31 10.07 13.78
C CYS E 22 10.88 10.14 12.32
N TYR E 23 11.25 9.12 11.55
CA TYR E 23 10.93 9.04 10.14
C TYR E 23 9.65 8.22 9.94
N TYR E 24 9.17 8.22 8.70
CA TYR E 24 8.02 7.42 8.32
C TYR E 24 7.93 7.41 6.79
N PRO E 25 7.22 6.44 6.22
CA PRO E 25 7.14 6.36 4.76
C PRO E 25 6.61 7.65 4.15
N ASP E 26 6.73 7.73 2.81
CA ASP E 26 6.36 8.91 2.05
C ASP E 26 4.97 8.69 1.46
N THR E 27 3.95 9.16 2.18
CA THR E 27 2.57 9.07 1.71
C THR E 27 1.79 10.26 2.24
N SER E 28 0.78 10.68 1.47
CA SER E 28 -0.05 11.80 1.90
C SER E 28 -0.73 11.51 3.23
N VAL E 29 -1.00 10.23 3.52
CA VAL E 29 -1.63 9.87 4.80
C VAL E 29 -0.65 10.10 5.94
N ASN E 30 0.49 9.41 5.91
CA ASN E 30 1.47 9.53 6.98
C ASN E 30 1.96 10.95 7.16
N ARG E 31 1.83 11.79 6.13
CA ARG E 31 2.24 13.20 6.26
C ARG E 31 1.17 14.03 6.94
N HIS E 32 -0.10 13.73 6.69
CA HIS E 32 -1.21 14.48 7.25
C HIS E 32 -1.92 13.74 8.38
N THR E 33 -1.49 12.53 8.71
CA THR E 33 -2.13 11.76 9.78
C THR E 33 -1.83 12.43 11.13
N ARG E 34 -2.07 11.70 12.21
CA ARG E 34 -1.88 12.21 13.56
C ARG E 34 -0.57 11.66 14.12
N LYS E 35 0.38 12.56 14.38
CA LYS E 35 1.60 12.19 15.06
C LYS E 35 1.38 12.21 16.57
N TYR E 36 2.08 11.33 17.28
CA TYR E 36 1.91 11.21 18.71
C TYR E 36 3.23 10.80 19.35
N TRP E 37 3.37 11.13 20.63
CA TRP E 37 4.54 10.77 21.43
C TRP E 37 4.03 10.34 22.80
N CYS E 38 3.84 9.04 22.98
CA CYS E 38 3.28 8.49 24.20
C CYS E 38 4.34 7.75 25.00
N ARG E 39 4.09 7.64 26.31
CA ARG E 39 4.97 6.94 27.23
C ARG E 39 4.32 5.62 27.63
N GLN E 40 5.09 4.54 27.59
CA GLN E 40 4.59 3.21 27.92
C GLN E 40 4.88 2.92 29.39
N GLY E 41 3.82 2.59 30.14
CA GLY E 41 3.93 2.27 31.55
C GLY E 41 3.95 0.78 31.79
N ALA E 42 3.72 0.40 33.05
CA ALA E 42 3.70 -1.00 33.43
C ALA E 42 2.42 -1.71 33.02
N SER E 43 1.34 -0.96 32.79
CA SER E 43 0.05 -1.53 32.40
C SER E 43 -0.06 -1.77 30.89
N GLY E 44 0.98 -1.45 30.12
CA GLY E 44 0.97 -1.62 28.69
C GLY E 44 0.37 -0.45 27.94
N MET E 45 -0.61 0.23 28.51
CA MET E 45 -1.22 1.38 27.86
C MET E 45 -0.19 2.49 27.69
N CYS E 46 -0.03 2.95 26.45
CA CYS E 46 0.93 4.01 26.14
C CYS E 46 0.25 5.36 26.41
N THR E 47 0.58 5.96 27.55
CA THR E 47 0.00 7.24 27.93
C THR E 47 0.48 8.32 26.96
N THR E 48 -0.46 8.90 26.21
CA THR E 48 -0.12 9.95 25.28
C THR E 48 0.31 11.21 26.01
N LEU E 49 1.29 11.91 25.45
CA LEU E 49 1.83 13.13 26.05
C LEU E 49 1.85 14.30 25.08
N ILE E 50 2.24 14.06 23.82
CA ILE E 50 2.27 15.10 22.79
C ILE E 50 1.68 14.53 21.51
N SER E 51 0.98 15.39 20.76
CA SER E 51 0.38 14.97 19.50
C SER E 51 0.31 16.18 18.58
N SER E 52 0.22 15.90 17.28
CA SER E 52 0.14 16.96 16.27
C SER E 52 -1.26 17.52 16.11
N ASN E 53 -2.22 17.08 16.92
CA ASN E 53 -3.58 17.59 16.83
C ASN E 53 -3.82 18.80 17.73
N GLY E 54 -2.98 19.02 18.73
CA GLY E 54 -3.14 20.14 19.63
C GLY E 54 -3.17 19.74 21.08
N TYR E 55 -2.63 18.56 21.40
CA TYR E 55 -2.59 18.05 22.75
C TYR E 55 -1.18 18.20 23.33
N LEU E 56 -1.11 18.52 24.62
CA LEU E 56 0.18 18.68 25.29
C LEU E 56 -0.05 18.43 26.78
N SER E 57 0.56 17.36 27.30
CA SER E 57 0.39 17.04 28.71
C SER E 57 0.91 18.16 29.59
N LYS E 58 0.38 18.24 30.81
CA LYS E 58 0.80 19.28 31.74
C LYS E 58 2.26 19.12 32.14
N GLU E 59 2.74 17.88 32.22
CA GLU E 59 4.14 17.65 32.59
C GLU E 59 5.08 18.26 31.57
N TYR E 60 4.72 18.24 30.29
CA TYR E 60 5.51 18.82 29.22
C TYR E 60 5.02 20.19 28.80
N SER E 61 4.23 20.86 29.64
CA SER E 61 3.70 22.17 29.31
C SER E 61 4.84 23.18 29.25
N GLY E 62 5.00 23.82 28.09
CA GLY E 62 6.05 24.80 27.90
C GLY E 62 7.45 24.24 27.78
N ARG E 63 7.65 22.94 27.98
CA ARG E 63 8.96 22.32 27.89
C ARG E 63 9.23 21.70 26.52
N ALA E 64 8.24 21.04 25.94
CA ALA E 64 8.39 20.34 24.68
C ALA E 64 7.52 20.98 23.60
N ASN E 65 7.73 20.54 22.37
CA ASN E 65 6.97 21.04 21.23
C ASN E 65 7.14 20.07 20.08
N LEU E 66 6.06 19.89 19.30
CA LEU E 66 6.04 18.97 18.18
C LEU E 66 6.00 19.74 16.86
N ILE E 67 6.76 19.25 15.88
CA ILE E 67 6.80 19.85 14.55
C ILE E 67 6.79 18.72 13.53
N ASN E 68 6.06 18.92 12.44
CA ASN E 68 5.95 17.95 11.36
C ASN E 68 6.59 18.54 10.11
N PHE E 69 7.59 17.84 9.56
CA PHE E 69 8.30 18.27 8.37
C PHE E 69 7.89 17.40 7.20
N PRO E 70 6.84 17.76 6.45
CA PRO E 70 6.47 16.93 5.29
C PRO E 70 7.53 16.89 4.22
N GLU E 71 8.33 17.96 4.06
CA GLU E 71 9.43 17.93 3.11
C GLU E 71 10.46 16.87 3.51
N ASN E 72 10.96 16.97 4.75
CA ASN E 72 11.82 15.91 5.27
C ASN E 72 11.10 14.57 5.27
N ASN E 73 9.79 14.58 5.45
CA ASN E 73 9.00 13.36 5.56
C ASN E 73 9.25 12.73 6.94
N THR E 74 9.46 13.58 7.93
CA THR E 74 9.72 13.16 9.31
C THR E 74 8.97 14.09 10.25
N PHE E 75 9.19 13.92 11.55
CA PHE E 75 8.62 14.81 12.55
C PHE E 75 9.52 14.78 13.78
N VAL E 76 9.93 15.96 14.22
CA VAL E 76 10.88 16.11 15.33
C VAL E 76 10.11 16.38 16.61
N ILE E 77 10.70 15.99 17.74
CA ILE E 77 10.12 16.19 19.06
C ILE E 77 11.17 16.87 19.92
N ASN E 78 10.98 18.16 20.21
CA ASN E 78 11.90 18.90 21.07
C ASN E 78 11.41 18.85 22.52
N ILE E 79 12.37 18.74 23.44
CA ILE E 79 12.07 18.69 24.87
C ILE E 79 13.08 19.56 25.60
N GLU E 80 12.64 20.15 26.71
CA GLU E 80 13.49 21.02 27.52
C GLU E 80 13.20 20.75 29.00
N GLN E 81 14.09 21.26 29.84
CA GLN E 81 13.94 21.14 31.30
C GLN E 81 13.70 19.68 31.70
N LEU E 82 14.53 18.79 31.17
CA LEU E 82 14.40 17.38 31.49
C LEU E 82 14.82 17.12 32.94
N THR E 83 14.43 15.95 33.43
CA THR E 83 14.75 15.55 34.80
C THR E 83 14.91 14.03 34.83
N GLN E 84 15.01 13.48 36.03
CA GLN E 84 15.18 12.03 36.18
C GLN E 84 13.86 11.29 36.03
N ASP E 85 12.73 11.92 36.39
CA ASP E 85 11.44 11.27 36.27
C ASP E 85 11.04 11.04 34.81
N ASP E 86 11.67 11.74 33.88
CA ASP E 86 11.36 11.57 32.46
C ASP E 86 11.90 10.26 31.89
N THR E 87 12.64 9.47 32.67
CA THR E 87 13.17 8.21 32.18
C THR E 87 12.07 7.17 32.07
N GLY E 88 12.14 6.36 31.03
CA GLY E 88 11.15 5.32 30.82
C GLY E 88 11.13 4.89 29.37
N SER E 89 10.23 3.96 29.09
CA SER E 89 10.05 3.43 27.74
C SER E 89 9.02 4.29 27.00
N TYR E 90 9.45 4.88 25.89
CA TYR E 90 8.61 5.77 25.09
C TYR E 90 8.39 5.16 23.71
N LYS E 91 7.53 5.82 22.94
CA LYS E 91 7.18 5.39 21.59
C LYS E 91 7.26 6.58 20.65
N CYS E 92 7.11 6.30 19.36
CA CYS E 92 7.16 7.34 18.33
C CYS E 92 6.57 6.80 17.03
N GLY E 93 5.31 7.13 16.76
CA GLY E 93 4.64 6.62 15.57
C GLY E 93 3.57 7.52 15.02
N LEU E 94 2.60 6.94 14.31
CA LEU E 94 1.53 7.67 13.67
C LEU E 94 0.19 7.07 14.07
N GLY E 95 -0.87 7.87 13.92
CA GLY E 95 -2.21 7.42 14.25
C GLY E 95 -2.41 7.21 15.74
N THR E 96 -2.51 5.95 16.16
CA THR E 96 -2.75 5.60 17.55
C THR E 96 -1.73 4.55 17.99
N SER E 97 -1.58 4.42 19.30
CA SER E 97 -0.65 3.45 19.86
C SER E 97 -1.18 2.02 19.79
N ASN E 98 -2.49 1.85 19.59
CA ASN E 98 -3.06 0.51 19.52
C ASN E 98 -2.57 -0.25 18.28
N ARG E 99 -2.08 0.45 17.27
CA ARG E 99 -1.59 -0.18 16.05
C ARG E 99 -0.10 -0.49 16.22
N GLY E 100 0.61 -0.68 15.11
CA GLY E 100 2.02 -1.04 15.15
C GLY E 100 2.93 0.05 14.62
N LEU E 101 2.39 0.92 13.77
CA LEU E 101 3.18 2.00 13.19
C LEU E 101 3.74 2.77 14.38
N SER E 102 5.01 2.55 14.70
CA SER E 102 5.65 3.22 15.83
C SER E 102 7.04 2.63 16.01
N PHE E 103 7.84 3.28 16.85
CA PHE E 103 9.20 2.86 17.14
C PHE E 103 9.47 3.08 18.62
N ASP E 104 9.78 2.00 19.34
CA ASP E 104 10.02 2.10 20.77
C ASP E 104 11.30 2.87 21.05
N VAL E 105 11.36 3.48 22.22
CA VAL E 105 12.51 4.26 22.66
C VAL E 105 12.75 4.00 24.13
N SER E 106 14.03 3.85 24.50
CA SER E 106 14.40 3.61 25.89
C SER E 106 15.19 4.80 26.44
N LEU E 107 14.55 5.96 26.50
CA LEU E 107 15.22 7.17 26.98
C LEU E 107 15.57 7.00 28.46
N GLU E 108 16.87 7.07 28.77
CA GLU E 108 17.37 6.99 30.13
C GLU E 108 18.15 8.27 30.42
N VAL E 109 17.48 9.25 31.02
CA VAL E 109 18.08 10.54 31.33
C VAL E 109 18.91 10.38 32.60
N SER E 110 20.19 10.72 32.52
CA SER E 110 21.08 10.66 33.66
C SER E 110 20.99 11.97 34.46
N GLN E 111 21.72 11.98 35.57
CA GLN E 111 21.83 13.15 36.39
C GLN E 111 23.29 13.50 36.44
N VAL E 112 23.65 14.77 36.64
CA VAL E 112 25.07 15.17 36.78
C VAL E 112 25.62 14.66 38.11
N PRO E 113 26.46 13.61 38.08
CA PRO E 113 26.86 13.05 39.39
C PRO E 113 27.77 13.88 40.27
N GLU E 114 28.87 14.41 39.72
CA GLU E 114 29.88 15.16 40.48
C GLU E 114 30.99 15.76 39.60
N LEU E 115 31.71 16.71 40.19
CA LEU E 115 32.92 17.34 39.64
C LEU E 115 34.00 17.36 40.70
N PRO E 116 34.38 16.17 41.20
CA PRO E 116 35.33 16.12 42.33
C PRO E 116 36.69 16.80 42.08
N SER E 117 37.24 16.50 40.90
CA SER E 117 38.46 17.12 40.44
C SER E 117 38.00 18.52 40.05
N ASP E 118 38.44 19.52 40.80
CA ASP E 118 38.01 20.88 40.54
C ASP E 118 38.59 21.60 39.31
N THR E 119 39.66 21.09 38.70
CA THR E 119 40.23 21.80 37.59
C THR E 119 39.81 21.49 36.15
N HIS E 120 40.10 20.30 35.62
CA HIS E 120 39.91 20.06 34.19
C HIS E 120 39.24 18.72 33.78
N VAL E 121 38.04 18.76 33.20
CA VAL E 121 37.36 17.58 32.70
C VAL E 121 37.54 17.51 31.19
N TYR E 122 37.64 16.29 30.67
CA TYR E 122 37.82 16.06 29.24
C TYR E 122 36.99 14.83 28.86
N THR E 123 35.78 15.07 28.37
CA THR E 123 34.86 14.02 27.93
C THR E 123 34.60 14.23 26.45
N LYS E 124 35.43 13.61 25.61
CA LYS E 124 35.36 13.76 24.16
C LYS E 124 35.00 12.41 23.53
N ASP E 125 35.17 12.34 22.21
CA ASP E 125 34.82 11.14 21.45
C ASP E 125 35.98 10.13 21.52
N ILE E 126 35.88 9.08 20.71
CA ILE E 126 36.89 8.02 20.67
C ILE E 126 37.74 8.20 19.42
N GLY E 127 38.99 7.77 19.51
CA GLY E 127 39.90 7.86 18.38
C GLY E 127 40.18 9.27 17.93
N ARG E 128 40.14 10.23 18.85
CA ARG E 128 40.38 11.64 18.55
C ARG E 128 41.61 12.11 19.34
N ASN E 129 41.89 13.41 19.24
CA ASN E 129 43.05 14.01 19.89
C ASN E 129 42.59 15.05 20.91
N VAL E 130 43.25 15.07 22.07
CA VAL E 130 42.89 15.96 23.16
C VAL E 130 44.16 16.62 23.67
N THR E 131 43.97 17.72 24.41
CA THR E 131 45.06 18.49 25.02
C THR E 131 44.84 18.49 26.52
N ILE E 132 45.58 17.64 27.23
CA ILE E 132 45.44 17.52 28.68
C ILE E 132 46.20 18.66 29.35
N GLU E 133 45.46 19.53 30.04
CA GLU E 133 46.04 20.66 30.76
C GLU E 133 46.20 20.29 32.23
N CYS E 134 47.34 20.68 32.82
CA CYS E 134 47.63 20.37 34.21
C CYS E 134 48.57 21.42 34.75
N PRO E 135 48.04 22.52 35.30
CA PRO E 135 48.91 23.55 35.87
C PRO E 135 49.59 23.07 37.14
N PHE E 136 50.50 23.90 37.63
CA PHE E 136 51.28 23.60 38.83
C PHE E 136 51.91 24.88 39.34
N LYS E 137 52.85 24.75 40.26
CA LYS E 137 53.51 25.89 40.88
C LYS E 137 54.85 26.16 40.20
N ARG E 138 55.13 27.45 39.97
CA ARG E 138 56.36 27.83 39.28
C ARG E 138 57.59 27.25 39.95
N GLU E 139 57.57 27.12 41.28
CA GLU E 139 58.73 26.58 42.00
C GLU E 139 58.97 25.12 41.66
N ASN E 140 57.97 24.40 41.17
CA ASN E 140 58.10 22.99 40.82
C ASN E 140 58.40 22.77 39.34
N ALA E 141 58.71 23.84 38.60
CA ALA E 141 59.01 23.67 37.18
C ALA E 141 60.31 22.89 36.97
N PRO E 142 61.44 23.26 37.58
CA PRO E 142 62.68 22.48 37.38
C PRO E 142 62.70 21.21 38.22
N SER E 143 61.72 20.33 37.97
CA SER E 143 61.60 19.11 38.74
C SER E 143 60.63 18.14 38.08
N LYS E 144 59.87 17.38 38.88
CA LYS E 144 58.99 16.36 38.34
C LYS E 144 57.88 16.99 37.49
N LYS E 145 57.44 16.24 36.47
CA LYS E 145 56.33 16.64 35.60
C LYS E 145 55.66 15.33 35.15
N SER E 146 54.85 14.76 36.03
CA SER E 146 54.28 13.43 35.85
C SER E 146 52.76 13.49 35.78
N LEU E 147 52.18 12.37 35.36
CA LEU E 147 50.74 12.20 35.32
C LEU E 147 50.44 10.73 35.57
N CYS E 148 49.70 10.44 36.63
CA CYS E 148 49.37 9.09 37.03
C CYS E 148 47.88 8.81 36.78
N LYS E 149 47.52 7.53 36.87
CA LYS E 149 46.15 7.08 36.67
C LYS E 149 45.59 6.61 38.00
N LYS E 150 44.55 7.28 38.48
CA LYS E 150 43.92 6.92 39.74
C LYS E 150 43.02 5.70 39.55
N THR E 151 43.09 4.77 40.50
CA THR E 151 42.27 3.57 40.47
C THR E 151 41.86 3.22 41.90
N ASN E 152 40.86 2.34 42.01
CA ASN E 152 40.41 1.89 43.31
C ASN E 152 41.47 1.08 44.05
N GLN E 153 42.50 0.62 43.36
CA GLN E 153 43.57 -0.16 43.97
C GLN E 153 44.75 0.71 44.37
N SER E 154 45.29 1.49 43.43
CA SER E 154 46.42 2.36 43.70
C SER E 154 46.72 3.18 42.45
N CYS E 155 47.45 4.26 42.62
CA CYS E 155 47.82 5.12 41.51
C CYS E 155 48.96 4.50 40.71
N GLU E 156 48.96 4.77 39.41
CA GLU E 156 49.97 4.23 38.49
C GLU E 156 50.46 5.34 37.58
N LEU E 157 51.77 5.54 37.55
CA LEU E 157 52.35 6.53 36.64
C LEU E 157 52.14 6.10 35.20
N VAL E 158 51.58 6.99 34.39
CA VAL E 158 51.23 6.66 33.01
C VAL E 158 51.99 7.55 32.04
N ILE E 159 52.29 8.78 32.44
CA ILE E 159 53.02 9.73 31.61
C ILE E 159 53.95 10.55 32.50
N ASP E 160 55.12 10.89 31.96
CA ASP E 160 56.09 11.70 32.68
C ASP E 160 57.10 12.25 31.69
N SER E 161 57.70 13.39 32.05
CA SER E 161 58.71 13.99 31.19
C SER E 161 59.99 13.18 31.15
N THR E 162 60.21 12.28 32.10
CA THR E 162 61.40 11.43 32.15
C THR E 162 61.21 10.12 31.40
N GLU E 163 60.30 10.08 30.43
CA GLU E 163 60.03 8.90 29.61
C GLU E 163 59.49 7.73 30.42
N LYS E 164 59.08 7.96 31.66
CA LYS E 164 58.49 6.92 32.50
C LYS E 164 56.98 6.93 32.28
N VAL E 165 56.54 6.15 31.29
CA VAL E 165 55.14 6.13 30.88
C VAL E 165 54.57 4.73 31.03
N ASN E 166 53.31 4.54 30.60
CA ASN E 166 52.63 3.25 30.66
C ASN E 166 52.69 2.55 29.31
N PRO E 167 52.77 1.21 29.28
CA PRO E 167 52.84 0.51 27.99
C PRO E 167 51.67 0.84 27.07
N SER E 168 50.47 1.03 27.63
CA SER E 168 49.29 1.31 26.81
C SER E 168 49.32 2.70 26.18
N TYR E 169 50.26 3.56 26.57
CA TYR E 169 50.36 4.91 26.04
C TYR E 169 51.64 5.16 25.26
N ILE E 170 52.41 4.11 24.97
CA ILE E 170 53.65 4.26 24.20
C ILE E 170 53.26 4.58 22.75
N GLY E 171 53.55 5.80 22.32
CA GLY E 171 53.23 6.26 20.99
C GLY E 171 51.85 6.89 20.87
N ARG E 172 50.87 6.37 21.60
CA ARG E 172 49.52 6.92 21.56
C ARG E 172 49.41 8.26 22.29
N ALA E 173 50.42 8.63 23.07
CA ALA E 173 50.40 9.90 23.79
C ALA E 173 51.84 10.40 23.94
N LYS E 174 51.97 11.66 24.33
CA LYS E 174 53.28 12.26 24.49
C LYS E 174 53.12 13.61 25.18
N LEU E 175 54.11 13.97 25.99
CA LEU E 175 54.13 15.26 26.67
C LEU E 175 54.78 16.31 25.79
N PHE E 176 54.25 17.53 25.83
CA PHE E 176 54.75 18.63 25.04
C PHE E 176 54.95 19.84 25.94
N MET E 177 56.20 20.32 26.02
CA MET E 177 56.54 21.46 26.85
C MET E 177 56.62 22.71 25.97
N LYS E 178 55.74 23.67 26.22
CA LYS E 178 55.71 24.91 25.46
C LYS E 178 56.50 25.99 26.18
N GLY E 179 56.86 27.03 25.42
CA GLY E 179 57.58 28.15 25.99
C GLY E 179 56.66 29.27 26.41
N THR E 180 57.06 30.52 26.16
CA THR E 180 56.26 31.70 26.49
C THR E 180 56.05 31.85 27.99
N ASP E 181 56.81 31.14 28.80
CA ASP E 181 56.69 31.18 30.26
C ASP E 181 55.25 30.86 30.67
N LEU E 182 54.88 29.60 30.45
CA LEU E 182 53.52 29.13 30.69
C LEU E 182 53.35 28.55 32.09
N THR E 183 54.19 27.58 32.45
CA THR E 183 54.11 26.91 33.75
C THR E 183 52.88 26.00 33.82
N VAL E 184 52.59 25.32 32.70
CA VAL E 184 51.47 24.38 32.63
C VAL E 184 51.87 23.25 31.70
N PHE E 185 51.35 22.05 31.98
CA PHE E 185 51.65 20.88 31.18
C PHE E 185 50.59 20.69 30.09
N TYR E 186 51.04 20.36 28.89
CA TYR E 186 50.18 20.05 27.76
C TYR E 186 50.56 18.67 27.24
N VAL E 187 49.67 17.70 27.40
CA VAL E 187 49.91 16.32 27.01
C VAL E 187 48.91 15.95 25.92
N ASN E 188 49.42 15.39 24.82
CA ASN E 188 48.59 14.93 23.72
C ASN E 188 48.33 13.43 23.85
N ILE E 189 47.21 12.99 23.31
CA ILE E 189 46.85 11.58 23.24
C ILE E 189 46.29 11.35 21.83
N SER E 190 47.17 10.95 20.90
CA SER E 190 46.76 10.83 19.50
C SER E 190 45.74 9.72 19.28
N HIS E 191 45.66 8.75 20.19
CA HIS E 191 44.75 7.62 20.05
C HIS E 191 43.97 7.45 21.35
N LEU E 192 42.64 7.47 21.25
CA LEU E 192 41.77 7.33 22.40
C LEU E 192 40.92 6.08 22.24
N THR E 193 40.63 5.42 23.37
CA THR E 193 39.80 4.23 23.39
C THR E 193 38.89 4.29 24.60
N HIS E 194 37.79 3.53 24.52
CA HIS E 194 36.82 3.52 25.62
C HIS E 194 37.46 3.05 26.92
N ASN E 195 38.52 2.23 26.83
CA ASN E 195 39.20 1.77 28.03
C ASN E 195 40.06 2.86 28.67
N ASP E 196 40.48 3.85 27.89
CA ASP E 196 41.31 4.93 28.41
C ASP E 196 40.56 5.80 29.42
N ALA E 197 39.23 5.71 29.48
CA ALA E 197 38.47 6.52 30.42
C ALA E 197 38.87 6.18 31.85
N GLY E 198 38.55 7.10 32.77
CA GLY E 198 38.88 6.93 34.16
C GLY E 198 39.29 8.22 34.83
N LEU E 199 40.19 8.13 35.81
CA LEU E 199 40.68 9.29 36.54
C LEU E 199 42.21 9.29 36.50
N TYR E 200 42.79 10.48 36.43
CA TYR E 200 44.23 10.66 36.39
C TYR E 200 44.64 11.76 37.36
N ILE E 201 45.90 11.73 37.76
CA ILE E 201 46.45 12.68 38.72
C ILE E 201 47.77 13.20 38.17
N CYS E 202 47.85 14.51 37.95
CA CYS E 202 49.07 15.17 37.52
C CYS E 202 49.64 15.99 38.67
N GLN E 203 50.97 16.09 38.71
CA GLN E 203 51.65 16.81 39.78
C GLN E 203 53.04 17.18 39.31
N ALA E 204 53.54 18.29 39.84
CA ALA E 204 54.89 18.77 39.58
C ALA E 204 55.68 18.78 40.88
N GLY E 205 56.94 18.37 40.80
CA GLY E 205 57.79 18.28 41.98
C GLY E 205 57.72 16.92 42.64
N GLU E 206 58.89 16.34 42.91
CA GLU E 206 58.92 15.02 43.55
C GLU E 206 58.35 15.07 44.95
N GLY E 207 58.61 16.16 45.68
CA GLY E 207 58.13 16.30 47.03
C GLY E 207 56.64 16.58 47.07
N PRO E 208 56.11 16.76 48.28
CA PRO E 208 54.69 17.04 48.43
C PRO E 208 54.30 18.42 47.93
N SER E 209 53.79 18.49 46.71
CA SER E 209 53.38 19.74 46.09
C SER E 209 51.88 19.92 46.20
N ALA E 210 51.45 21.19 46.16
CA ALA E 210 50.05 21.54 46.27
C ALA E 210 49.35 21.59 44.90
N ASP E 211 49.83 20.82 43.93
CA ASP E 211 49.24 20.78 42.60
C ASP E 211 48.81 19.37 42.19
N LYS E 212 48.65 18.47 43.15
CA LYS E 212 48.15 17.07 42.86
C LYS E 212 46.77 17.37 42.40
N LYS E 213 46.62 17.49 41.07
CA LYS E 213 45.35 17.84 40.50
C LYS E 213 44.80 16.62 39.77
N ASN E 214 43.57 16.24 40.09
CA ASN E 214 42.92 15.10 39.45
C ASN E 214 42.36 15.51 38.09
N VAL E 215 42.12 14.51 37.25
CA VAL E 215 41.55 14.72 35.93
C VAL E 215 40.53 13.62 35.65
N ASP E 216 39.43 13.99 35.01
CA ASP E 216 38.35 13.08 34.67
C ASP E 216 38.34 12.90 33.15
N LEU E 217 38.85 11.76 32.69
CA LEU E 217 38.90 11.44 31.27
C LEU E 217 37.77 10.47 30.93
N GLN E 218 37.05 10.77 29.84
CA GLN E 218 35.95 9.94 29.39
C GLN E 218 35.97 9.90 27.87
N VAL E 219 36.08 8.69 27.31
CA VAL E 219 36.10 8.49 25.87
C VAL E 219 34.72 8.03 25.44
N LEU E 220 34.07 8.81 24.58
CA LEU E 220 32.73 8.51 24.09
C LEU E 220 32.80 8.08 22.63
N ALA E 221 31.66 7.60 22.13
CA ALA E 221 31.52 7.21 20.74
C ALA E 221 30.66 8.22 19.98
N PRO E 222 30.90 8.41 18.69
CA PRO E 222 30.10 9.40 17.95
C PRO E 222 28.65 8.96 17.82
N GLU E 223 27.75 9.92 17.95
CA GLU E 223 26.32 9.64 17.84
C GLU E 223 26.02 9.05 16.48
N PRO E 224 25.56 7.79 16.40
CA PRO E 224 25.26 7.20 15.09
C PRO E 224 24.24 8.03 14.33
N GLU E 225 24.66 8.55 13.16
CA GLU E 225 23.76 9.33 12.33
C GLU E 225 22.72 8.42 11.69
N LEU E 226 21.45 8.79 11.82
CA LEU E 226 20.36 7.98 11.30
C LEU E 226 20.24 8.17 9.79
N LEU E 227 19.89 7.09 9.09
CA LEU E 227 19.71 7.11 7.64
C LEU E 227 18.45 6.30 7.33
N TYR E 228 17.35 6.99 7.05
CA TYR E 228 16.07 6.35 6.74
C TYR E 228 15.92 6.33 5.23
N LYS E 229 16.35 5.24 4.61
CA LYS E 229 16.27 5.05 3.17
C LYS E 229 15.19 4.04 2.82
N ASP E 230 14.75 4.09 1.56
CA ASP E 230 13.70 3.22 1.06
C ASP E 230 14.31 2.04 0.31
N LEU E 231 13.53 0.96 0.23
CA LEU E 231 13.99 -0.25 -0.42
C LEU E 231 14.26 0.00 -1.91
N ARG E 232 15.23 -0.73 -2.45
CA ARG E 232 15.59 -0.63 -3.86
C ARG E 232 16.02 0.78 -4.25
N SER E 233 16.55 1.53 -3.28
CA SER E 233 17.03 2.88 -3.50
C SER E 233 18.55 2.91 -3.37
N SER E 234 19.10 4.11 -3.19
CA SER E 234 20.54 4.31 -3.04
C SER E 234 20.80 5.02 -1.71
N VAL E 235 22.09 5.26 -1.44
CA VAL E 235 22.50 5.93 -0.22
C VAL E 235 23.91 6.47 -0.44
N THR E 236 24.20 7.60 0.21
CA THR E 236 25.50 8.27 0.10
C THR E 236 26.09 8.41 1.49
N PHE E 237 27.11 7.60 1.79
CA PHE E 237 27.79 7.65 3.08
C PHE E 237 28.91 8.68 2.99
N GLU E 238 28.69 9.84 3.59
CA GLU E 238 29.66 10.94 3.57
C GLU E 238 30.55 10.83 4.80
N CYS E 239 31.79 10.38 4.60
CA CYS E 239 32.78 10.24 5.67
C CYS E 239 33.81 11.35 5.51
N ASP E 240 33.56 12.47 6.17
CA ASP E 240 34.43 13.65 6.11
C ASP E 240 35.21 13.75 7.41
N LEU E 241 36.53 13.59 7.32
CA LEU E 241 37.42 13.69 8.47
C LEU E 241 38.44 14.81 8.20
N GLY E 242 39.42 14.93 9.10
CA GLY E 242 40.43 15.95 8.99
C GLY E 242 41.51 15.58 7.99
N ARG E 243 42.45 16.51 7.80
CA ARG E 243 43.54 16.30 6.87
C ARG E 243 44.56 15.30 7.40
N GLU E 244 44.54 15.02 8.71
CA GLU E 244 45.52 14.11 9.28
C GLU E 244 45.38 12.71 8.70
N VAL E 245 44.14 12.26 8.46
CA VAL E 245 43.89 10.93 7.91
C VAL E 245 43.59 10.97 6.42
N ALA E 246 43.75 12.14 5.78
CA ALA E 246 43.47 12.24 4.35
C ALA E 246 44.37 11.29 3.56
N ASN E 247 45.67 11.31 3.83
CA ASN E 247 46.61 10.46 3.13
C ASN E 247 46.56 9.01 3.58
N GLU E 248 45.71 8.68 4.54
CA GLU E 248 45.58 7.31 5.02
C GLU E 248 44.48 6.58 4.25
N ALA E 249 44.39 5.28 4.50
CA ALA E 249 43.42 4.42 3.82
C ALA E 249 42.15 4.33 4.66
N LYS E 250 41.01 4.70 4.06
CA LYS E 250 39.73 4.63 4.74
C LYS E 250 39.14 3.23 4.55
N TYR E 251 37.91 3.04 5.00
CA TYR E 251 37.22 1.75 4.86
C TYR E 251 35.75 1.97 5.22
N LEU E 252 34.97 0.89 5.10
CA LEU E 252 33.56 0.92 5.45
C LEU E 252 33.14 -0.48 5.83
N CYS E 253 32.83 -0.70 7.10
CA CYS E 253 32.43 -2.00 7.62
C CYS E 253 31.00 -1.93 8.15
N ARG E 254 30.48 -3.10 8.53
CA ARG E 254 29.13 -3.23 9.05
C ARG E 254 29.18 -3.99 10.37
N MET E 255 28.57 -3.42 11.40
CA MET E 255 28.58 -4.04 12.72
C MET E 255 27.66 -5.26 12.73
N ASN E 256 28.23 -6.43 13.06
CA ASN E 256 27.44 -7.65 13.19
C ASN E 256 27.06 -7.86 14.64
N LYS E 257 26.86 -9.11 15.05
CA LYS E 257 26.50 -9.39 16.43
C LYS E 257 27.60 -8.97 17.41
N GLU E 258 28.83 -8.81 16.94
CA GLU E 258 29.93 -8.42 17.81
C GLU E 258 30.85 -7.41 17.11
N THR E 259 31.84 -7.90 16.37
CA THR E 259 32.81 -7.04 15.71
C THR E 259 32.17 -6.42 14.46
N CYS E 260 32.99 -5.76 13.65
CA CYS E 260 32.54 -5.09 12.43
C CYS E 260 33.06 -5.86 11.22
N ASP E 261 32.16 -6.28 10.35
CA ASP E 261 32.52 -7.00 9.14
C ASP E 261 32.84 -5.99 8.03
N VAL E 262 34.07 -6.04 7.53
CA VAL E 262 34.50 -5.11 6.49
C VAL E 262 33.73 -5.40 5.21
N ILE E 263 33.45 -4.34 4.45
CA ILE E 263 32.72 -4.43 3.19
C ILE E 263 33.54 -3.90 2.02
N ILE E 264 34.30 -2.83 2.22
CA ILE E 264 35.07 -2.21 1.16
C ILE E 264 36.11 -1.30 1.78
N ASN E 265 37.22 -1.10 1.06
CA ASN E 265 38.28 -0.21 1.50
C ASN E 265 38.91 0.42 0.26
N THR E 266 39.95 1.22 0.49
CA THR E 266 40.66 1.88 -0.60
C THR E 266 41.72 0.99 -1.24
N LEU E 267 41.88 -0.24 -0.77
CA LEU E 267 42.87 -1.17 -1.30
C LEU E 267 42.28 -2.10 -2.36
N GLY E 268 41.10 -1.79 -2.88
CA GLY E 268 40.46 -2.61 -3.89
C GLY E 268 39.58 -3.72 -3.35
N LYS E 269 39.70 -4.05 -2.07
CA LYS E 269 38.87 -5.10 -1.48
C LYS E 269 37.40 -4.72 -1.59
N ARG E 270 36.56 -5.74 -1.74
CA ARG E 270 35.13 -5.53 -1.89
C ARG E 270 34.41 -6.82 -1.52
N ASP E 271 33.20 -6.66 -0.95
CA ASP E 271 32.42 -7.82 -0.57
C ASP E 271 31.61 -8.33 -1.77
N PRO E 272 31.56 -9.65 -1.99
CA PRO E 272 30.76 -10.16 -3.12
C PRO E 272 29.30 -9.77 -3.04
N ASP E 273 28.77 -9.49 -1.85
CA ASP E 273 27.36 -9.12 -1.74
C ASP E 273 27.06 -7.79 -2.42
N PHE E 274 28.05 -6.87 -2.45
CA PHE E 274 27.87 -5.56 -3.05
C PHE E 274 28.59 -5.43 -4.39
N GLU E 275 29.06 -6.53 -4.97
CA GLU E 275 29.76 -6.49 -6.25
C GLU E 275 28.85 -5.94 -7.34
N GLY E 276 29.09 -4.69 -7.74
CA GLY E 276 28.31 -4.04 -8.77
C GLY E 276 27.43 -2.91 -8.26
N ARG E 277 27.14 -2.89 -6.97
CA ARG E 277 26.29 -1.87 -6.36
C ARG E 277 27.03 -1.12 -5.26
N ILE E 278 28.30 -0.79 -5.51
CA ILE E 278 29.11 -0.07 -4.53
C ILE E 278 30.37 0.45 -5.20
N LEU E 279 30.88 1.57 -4.71
CA LEU E 279 32.11 2.17 -5.22
C LEU E 279 32.59 3.21 -4.21
N ILE E 280 33.67 3.89 -4.56
CA ILE E 280 34.24 4.94 -3.73
C ILE E 280 34.55 6.13 -4.63
N THR E 281 34.13 7.33 -4.22
CA THR E 281 34.37 8.53 -4.99
C THR E 281 35.81 9.01 -4.79
N PRO E 282 36.28 9.90 -5.66
CA PRO E 282 37.63 10.44 -5.49
C PRO E 282 37.79 11.14 -4.14
N LYS E 283 39.05 11.26 -3.71
CA LYS E 283 39.38 11.89 -2.44
C LYS E 283 39.76 13.34 -2.68
N ASP E 284 39.01 14.26 -2.09
CA ASP E 284 39.29 15.68 -2.21
C ASP E 284 40.45 16.07 -1.29
N ASP E 285 40.81 17.35 -1.32
CA ASP E 285 41.89 17.83 -0.46
C ASP E 285 41.55 17.71 1.01
N ASN E 286 40.27 17.68 1.36
CA ASN E 286 39.84 17.54 2.75
C ASN E 286 39.70 16.10 3.20
N GLY E 287 40.03 15.13 2.34
CA GLY E 287 39.91 13.74 2.71
C GLY E 287 38.49 13.26 2.87
N ARG E 288 37.53 13.92 2.23
CA ARG E 288 36.13 13.54 2.34
C ARG E 288 35.82 12.40 1.37
N PHE E 289 35.13 11.38 1.88
CA PHE E 289 34.70 10.24 1.09
C PHE E 289 33.18 10.25 0.95
N SER E 290 32.70 9.79 -0.21
CA SER E 290 31.27 9.75 -0.51
C SER E 290 30.95 8.37 -1.08
N VAL E 291 30.99 7.35 -0.23
CA VAL E 291 30.67 5.99 -0.66
C VAL E 291 29.22 5.93 -1.12
N LEU E 292 28.99 5.28 -2.25
CA LEU E 292 27.68 5.15 -2.84
C LEU E 292 27.27 3.69 -2.93
N ILE E 293 26.00 3.41 -2.64
CA ILE E 293 25.45 2.06 -2.73
C ILE E 293 24.08 2.16 -3.38
N THR E 294 23.75 1.14 -4.18
CA THR E 294 22.47 1.06 -4.87
C THR E 294 21.82 -0.28 -4.57
N GLY E 295 20.57 -0.42 -5.00
CA GLY E 295 19.82 -1.64 -4.78
C GLY E 295 19.76 -2.05 -3.32
N LEU E 296 19.27 -1.15 -2.47
CA LEU E 296 19.20 -1.44 -1.05
C LEU E 296 18.24 -2.60 -0.78
N ARG E 297 18.59 -3.44 0.19
CA ARG E 297 17.77 -4.57 0.58
C ARG E 297 17.74 -4.66 2.10
N LYS E 298 17.00 -5.65 2.61
CA LYS E 298 16.85 -5.79 4.06
C LYS E 298 18.19 -6.05 4.73
N GLU E 299 19.05 -6.86 4.11
CA GLU E 299 20.33 -7.19 4.72
C GLU E 299 21.24 -5.98 4.86
N ASP E 300 20.98 -4.91 4.09
CA ASP E 300 21.82 -3.71 4.18
C ASP E 300 21.55 -2.93 5.46
N ALA E 301 20.40 -3.13 6.10
CA ALA E 301 20.10 -2.41 7.32
C ALA E 301 21.05 -2.82 8.43
N GLY E 302 21.39 -1.86 9.29
CA GLY E 302 22.28 -2.10 10.39
C GLY E 302 23.10 -0.86 10.69
N HIS E 303 24.17 -1.06 11.44
CA HIS E 303 25.08 0.02 11.82
C HIS E 303 26.32 -0.04 10.95
N TYR E 304 26.56 1.03 10.19
CA TYR E 304 27.75 1.16 9.37
C TYR E 304 28.78 2.04 10.07
N GLN E 305 30.05 1.75 9.82
CA GLN E 305 31.16 2.44 10.48
C GLN E 305 32.24 2.76 9.47
N CYS E 306 32.77 3.97 9.55
CA CYS E 306 33.86 4.43 8.68
C CYS E 306 35.01 4.93 9.54
N GLY E 307 36.22 4.53 9.18
CA GLY E 307 37.41 4.93 9.91
C GLY E 307 38.58 5.20 9.00
N ALA E 308 39.80 4.97 9.50
CA ALA E 308 41.00 5.20 8.71
C ALA E 308 42.18 4.56 9.43
N HIS E 309 43.07 3.95 8.65
CA HIS E 309 44.26 3.32 9.17
C HIS E 309 45.17 2.97 8.01
N SER E 310 46.45 2.72 8.33
CA SER E 310 47.41 2.35 7.30
C SER E 310 46.99 1.08 6.58
N SER E 311 46.24 0.20 7.26
CA SER E 311 45.77 -1.04 6.66
C SER E 311 44.36 -0.94 6.10
N GLY E 312 43.65 0.16 6.35
CA GLY E 312 42.29 0.31 5.85
C GLY E 312 41.34 -0.71 6.43
N LEU E 313 41.48 -1.01 7.72
CA LEU E 313 40.63 -1.97 8.41
C LEU E 313 40.27 -1.41 9.78
N PRO E 314 39.14 -1.86 10.35
CA PRO E 314 38.72 -1.32 11.65
C PRO E 314 39.67 -1.71 12.78
N GLN E 315 40.52 -0.78 13.19
CA GLN E 315 41.46 -0.98 14.29
C GLN E 315 41.08 -0.05 15.43
N GLU E 316 40.89 -0.63 16.61
CA GLU E 316 40.47 0.15 17.78
C GLU E 316 41.53 1.20 18.11
N GLY E 317 41.10 2.45 18.23
CA GLY E 317 41.98 3.53 18.60
C GLY E 317 42.24 4.52 17.48
N TRP E 318 41.27 4.69 16.58
CA TRP E 318 41.41 5.61 15.46
C TRP E 318 40.08 6.30 15.19
N PRO E 319 40.07 7.38 14.41
CA PRO E 319 38.81 8.09 14.16
C PRO E 319 37.72 7.16 13.64
N ILE E 320 36.47 7.48 13.99
CA ILE E 320 35.32 6.65 13.64
C ILE E 320 34.15 7.57 13.28
N GLN E 321 33.36 7.13 12.30
CA GLN E 321 32.14 7.83 11.91
C GLN E 321 31.07 6.77 11.65
N THR E 322 30.08 6.69 12.53
CA THR E 322 29.08 5.63 12.49
C THR E 322 27.78 6.14 11.90
N TRP E 323 27.04 5.23 11.27
CA TRP E 323 25.71 5.49 10.75
C TRP E 323 24.79 4.34 11.14
N GLN E 324 23.48 4.61 11.10
CA GLN E 324 22.46 3.60 11.36
C GLN E 324 21.44 3.66 10.23
N LEU E 325 21.49 2.69 9.34
CA LEU E 325 20.63 2.66 8.16
C LEU E 325 19.42 1.77 8.41
N PHE E 326 18.23 2.30 8.15
CA PHE E 326 16.99 1.55 8.24
C PHE E 326 16.33 1.57 6.87
N VAL E 327 16.04 0.38 6.34
CA VAL E 327 15.45 0.24 5.01
C VAL E 327 13.94 0.10 5.17
N ASN E 328 13.20 1.01 4.53
CA ASN E 328 11.74 1.00 4.59
C ASN E 328 11.20 0.12 3.47
N GLU E 329 10.53 -0.96 3.84
CA GLU E 329 9.98 -1.88 2.85
C GLU E 329 8.88 -1.23 2.01
N GLU E 330 8.22 -0.20 2.53
CA GLU E 330 7.17 0.50 1.80
C GLU E 330 7.78 1.63 0.98
N SER E 331 8.50 1.23 -0.06
CA SER E 331 9.20 2.17 -0.93
C SER E 331 8.32 2.59 -2.09
N THR E 332 8.58 3.79 -2.62
CA THR E 332 7.87 4.32 -3.77
C THR E 332 8.55 4.01 -5.10
N ILE E 333 9.81 3.59 -5.07
CA ILE E 333 10.50 3.28 -6.32
C ILE E 333 9.82 2.09 -6.99
N PRO E 334 9.45 2.18 -8.27
CA PRO E 334 8.81 1.02 -8.91
C PRO E 334 9.77 -0.15 -9.03
N ASN E 335 9.23 -1.36 -8.86
CA ASN E 335 10.03 -2.57 -8.92
C ASN E 335 10.69 -2.71 -10.28
N ARG E 336 11.99 -2.44 -10.36
CA ARG E 336 12.72 -2.56 -11.61
C ARG E 336 13.18 -4.01 -11.81
N ARG E 337 13.59 -4.30 -13.05
CA ARG E 337 14.01 -5.65 -13.37
C ARG E 337 15.35 -5.99 -12.76
N SER E 338 16.28 -5.03 -12.73
CA SER E 338 17.56 -5.18 -12.05
C SER E 338 18.53 -6.00 -12.90
N VAL E 339 18.04 -6.58 -14.00
CA VAL E 339 18.84 -7.38 -14.90
C VAL E 339 18.32 -7.18 -16.31
N VAL E 340 19.24 -7.16 -17.28
CA VAL E 340 18.91 -6.98 -18.68
C VAL E 340 19.71 -8.01 -19.47
N LYS E 341 19.02 -9.00 -20.05
CA LYS E 341 19.66 -10.06 -20.81
C LYS E 341 19.64 -9.67 -22.29
N GLY E 342 20.78 -9.19 -22.78
CA GLY E 342 20.91 -8.80 -24.17
C GLY E 342 21.54 -9.88 -25.02
N VAL E 343 21.56 -9.62 -26.33
CA VAL E 343 22.13 -10.54 -27.30
C VAL E 343 23.13 -9.78 -28.15
N THR E 344 24.24 -10.44 -28.50
CA THR E 344 25.26 -9.81 -29.32
C THR E 344 24.70 -9.42 -30.67
N GLY E 345 25.06 -8.21 -31.13
CA GLY E 345 24.61 -7.69 -32.40
C GLY E 345 23.30 -6.93 -32.33
N GLY E 346 22.41 -7.31 -31.42
CA GLY E 346 21.14 -6.64 -31.28
C GLY E 346 21.25 -5.25 -30.68
N SER E 347 20.40 -4.95 -29.71
CA SER E 347 20.42 -3.65 -29.05
C SER E 347 19.72 -3.78 -27.70
N VAL E 348 19.87 -2.74 -26.88
CA VAL E 348 19.29 -2.70 -25.55
C VAL E 348 18.79 -1.29 -25.28
N ALA E 349 17.69 -1.20 -24.54
CA ALA E 349 17.06 0.08 -24.18
C ALA E 349 16.81 0.06 -22.68
N ILE E 350 17.68 0.71 -21.92
CA ILE E 350 17.57 0.79 -20.46
C ILE E 350 16.92 2.11 -20.09
N ALA E 351 16.09 2.10 -19.04
CA ALA E 351 15.37 3.28 -18.58
C ALA E 351 15.95 3.70 -17.23
N CYS E 352 16.60 4.86 -17.21
CA CYS E 352 17.17 5.40 -15.98
C CYS E 352 16.16 6.34 -15.35
N PRO E 353 15.74 6.13 -14.10
CA PRO E 353 14.71 6.98 -13.50
C PRO E 353 15.30 8.17 -12.75
N TYR E 354 14.41 9.06 -12.33
CA TYR E 354 14.77 10.23 -11.55
C TYR E 354 13.47 10.93 -11.13
N ASN E 355 13.61 11.84 -10.17
CA ASN E 355 12.44 12.58 -9.69
C ASN E 355 12.00 13.57 -10.77
N PRO E 356 10.72 13.57 -11.16
CA PRO E 356 10.29 14.46 -12.25
C PRO E 356 10.48 15.94 -11.93
N LYS E 357 10.68 16.31 -10.66
CA LYS E 357 10.87 17.71 -10.32
C LYS E 357 12.28 18.19 -10.65
N GLU E 358 13.27 17.31 -10.58
CA GLU E 358 14.66 17.65 -10.89
C GLU E 358 15.03 17.32 -12.33
N SER E 359 14.06 17.34 -13.25
CA SER E 359 14.36 17.02 -14.64
C SER E 359 15.34 18.03 -15.24
N SER E 360 15.34 19.26 -14.75
CA SER E 360 16.27 20.29 -15.23
C SER E 360 17.60 20.18 -14.52
N SER E 361 18.24 19.02 -14.69
CA SER E 361 19.53 18.74 -14.07
C SER E 361 20.37 17.96 -15.08
N LEU E 362 21.54 17.51 -14.63
CA LEU E 362 22.47 16.75 -15.47
C LEU E 362 22.34 15.27 -15.16
N LYS E 363 22.28 14.47 -16.22
CA LYS E 363 22.20 13.02 -16.11
C LYS E 363 23.40 12.39 -16.80
N TYR E 364 23.83 11.24 -16.28
CA TYR E 364 25.02 10.57 -16.79
C TYR E 364 24.78 9.08 -16.95
N TRP E 365 25.85 8.34 -17.28
CA TRP E 365 25.76 6.90 -17.52
C TRP E 365 27.16 6.31 -17.67
N CYS E 366 27.58 5.48 -16.72
CA CYS E 366 28.92 4.93 -16.68
C CYS E 366 28.86 3.42 -16.60
N ARG E 367 30.04 2.80 -16.73
CA ARG E 367 30.20 1.36 -16.61
C ARG E 367 31.04 1.05 -15.39
N TRP E 368 30.54 0.18 -14.52
CA TRP E 368 31.22 -0.16 -13.28
C TRP E 368 32.44 -1.01 -13.59
N GLU E 369 33.63 -0.42 -13.46
CA GLU E 369 34.86 -1.18 -13.65
C GLU E 369 34.96 -2.31 -12.64
N GLY E 370 35.01 -1.97 -11.36
CA GLY E 370 34.94 -2.98 -10.31
C GLY E 370 36.24 -3.22 -9.58
N ASP E 371 36.97 -4.27 -9.97
CA ASP E 371 38.19 -4.64 -9.26
C ASP E 371 39.30 -3.59 -9.06
N GLY E 372 39.50 -2.66 -9.98
CA GLY E 372 40.56 -1.67 -9.81
C GLY E 372 40.53 -0.90 -8.48
N ASN E 373 39.54 -0.04 -8.37
CA ASN E 373 39.26 0.78 -7.17
C ASN E 373 37.86 1.41 -7.13
N GLY E 374 36.79 0.68 -7.49
CA GLY E 374 35.48 1.26 -7.52
C GLY E 374 35.34 2.52 -8.39
N HIS E 375 35.41 2.39 -9.71
CA HIS E 375 35.25 3.52 -10.60
C HIS E 375 33.86 3.68 -11.22
N CYS E 376 33.74 4.69 -12.08
CA CYS E 376 32.49 4.98 -12.78
C CYS E 376 32.75 6.01 -13.88
N PRO E 377 33.47 5.64 -14.94
CA PRO E 377 33.79 6.62 -15.99
C PRO E 377 32.57 6.93 -16.84
N VAL E 378 32.13 8.19 -16.78
CA VAL E 378 30.94 8.60 -17.52
C VAL E 378 31.14 8.31 -19.00
N LEU E 379 30.17 7.61 -19.59
CA LEU E 379 30.19 7.28 -21.01
C LEU E 379 29.32 8.21 -21.85
N VAL E 380 28.27 8.77 -21.27
CA VAL E 380 27.37 9.69 -21.99
C VAL E 380 26.47 10.39 -20.99
N GLY E 381 26.15 11.66 -21.27
CA GLY E 381 25.31 12.42 -20.38
C GLY E 381 24.64 13.55 -21.13
N THR E 382 23.89 14.36 -20.37
CA THR E 382 23.20 15.50 -20.98
C THR E 382 24.19 16.50 -21.57
N GLN E 383 25.40 16.56 -21.02
CA GLN E 383 26.44 17.47 -21.52
C GLN E 383 27.70 16.76 -22.00
N ALA E 384 27.97 15.54 -21.52
CA ALA E 384 29.16 14.82 -21.93
C ALA E 384 28.94 14.17 -23.29
N GLN E 385 30.01 14.09 -24.07
CA GLN E 385 29.96 13.49 -25.39
C GLN E 385 30.27 11.99 -25.30
N VAL E 386 30.49 11.35 -26.44
CA VAL E 386 30.79 9.92 -26.51
C VAL E 386 32.25 9.75 -26.89
N GLN E 387 32.86 8.69 -26.35
CA GLN E 387 34.28 8.41 -26.59
C GLN E 387 34.45 7.88 -28.02
N GLU E 388 35.63 7.33 -28.29
CA GLU E 388 35.94 6.79 -29.62
C GLU E 388 35.67 5.30 -29.72
N GLU E 389 35.67 4.58 -28.60
CA GLU E 389 35.38 3.15 -28.64
C GLU E 389 33.99 2.86 -29.17
N TYR E 390 33.08 3.83 -29.15
CA TYR E 390 31.72 3.64 -29.60
C TYR E 390 31.52 4.21 -31.00
N GLU E 391 31.59 5.54 -31.12
CA GLU E 391 31.33 6.22 -32.39
C GLU E 391 30.00 5.74 -32.98
N GLY E 392 28.98 5.72 -32.12
CA GLY E 392 27.68 5.15 -32.42
C GLY E 392 27.28 4.20 -31.33
N ARG E 393 26.36 3.29 -31.66
CA ARG E 393 25.93 2.23 -30.75
C ARG E 393 25.74 2.72 -29.32
N LEU E 394 25.39 4.01 -29.16
CA LEU E 394 25.17 4.58 -27.84
C LEU E 394 24.66 6.01 -27.97
N ALA E 395 23.57 6.32 -27.27
CA ALA E 395 22.99 7.65 -27.33
C ALA E 395 21.96 7.78 -26.21
N LEU E 396 21.62 9.02 -25.88
CA LEU E 396 20.65 9.33 -24.86
C LEU E 396 19.35 9.82 -25.49
N PHE E 397 18.26 9.68 -24.73
CA PHE E 397 16.93 10.12 -25.17
C PHE E 397 16.21 10.67 -23.94
N ASP E 398 16.40 11.95 -23.68
CA ASP E 398 15.83 12.61 -22.50
C ASP E 398 14.35 12.87 -22.77
N GLN E 399 13.49 12.05 -22.21
CA GLN E 399 12.05 12.25 -22.33
C GLN E 399 11.67 13.56 -21.64
N PRO E 400 10.97 14.49 -22.31
CA PRO E 400 10.62 15.75 -21.66
C PRO E 400 9.83 15.30 -20.45
N GLY E 401 10.35 15.61 -19.25
CA GLY E 401 9.72 15.12 -18.04
C GLY E 401 9.39 13.63 -17.99
N ASN E 402 8.19 13.34 -17.49
CA ASN E 402 7.63 11.99 -17.40
C ASN E 402 8.33 11.13 -16.33
N GLY E 403 9.41 11.62 -15.72
CA GLY E 403 10.04 10.91 -14.63
C GLY E 403 11.38 10.29 -14.97
N THR E 404 11.45 9.57 -16.10
CA THR E 404 12.62 8.79 -16.46
C THR E 404 13.12 9.19 -17.84
N TYR E 405 14.34 8.75 -18.15
CA TYR E 405 14.94 8.93 -19.46
C TYR E 405 15.56 7.62 -19.91
N THR E 406 15.64 7.43 -21.22
CA THR E 406 16.07 6.17 -21.81
C THR E 406 17.50 6.25 -22.31
N VAL E 407 18.17 5.10 -22.33
CA VAL E 407 19.53 4.96 -22.85
C VAL E 407 19.54 3.80 -23.83
N ILE E 408 20.17 4.00 -24.98
CA ILE E 408 20.25 2.99 -26.02
C ILE E 408 21.68 2.48 -26.11
N LEU E 409 21.80 1.19 -26.46
CA LEU E 409 23.11 0.55 -26.58
C LEU E 409 23.00 -0.54 -27.64
N ASN E 410 23.46 -0.24 -28.86
CA ASN E 410 23.42 -1.18 -29.96
C ASN E 410 24.78 -1.86 -30.11
N GLN E 411 24.90 -2.70 -31.14
CA GLN E 411 26.13 -3.43 -31.43
C GLN E 411 26.66 -4.11 -30.17
N LEU E 412 25.77 -4.78 -29.46
CA LEU E 412 26.12 -5.41 -28.20
C LEU E 412 27.14 -6.53 -28.41
N THR E 413 27.99 -6.74 -27.40
CA THR E 413 28.99 -7.78 -27.45
C THR E 413 29.25 -8.26 -26.03
N THR E 414 29.90 -9.42 -25.92
CA THR E 414 30.17 -10.00 -24.60
C THR E 414 31.04 -9.06 -23.75
N GLU E 415 31.86 -8.23 -24.39
CA GLU E 415 32.71 -7.31 -23.65
C GLU E 415 31.93 -6.17 -22.99
N ASP E 416 30.65 -6.01 -23.32
CA ASP E 416 29.83 -4.96 -22.75
C ASP E 416 29.11 -5.39 -21.47
N ALA E 417 29.05 -6.68 -21.18
CA ALA E 417 28.37 -7.15 -19.98
C ALA E 417 29.06 -6.60 -18.73
N GLY E 418 28.27 -6.42 -17.69
CA GLY E 418 28.77 -5.91 -16.43
C GLY E 418 27.66 -5.23 -15.65
N PHE E 419 27.97 -4.07 -15.10
CA PHE E 419 27.03 -3.28 -14.32
C PHE E 419 27.08 -1.83 -14.79
N TYR E 420 25.91 -1.23 -14.97
CA TYR E 420 25.79 0.16 -15.39
C TYR E 420 24.87 0.89 -14.44
N TRP E 421 25.28 2.09 -14.01
CA TRP E 421 24.54 2.88 -13.06
C TRP E 421 23.84 4.04 -13.75
N CYS E 422 22.87 4.63 -13.06
CA CYS E 422 22.09 5.76 -13.55
C CYS E 422 22.38 6.95 -12.64
N LEU E 423 23.44 7.68 -12.94
CA LEU E 423 23.84 8.83 -12.15
C LEU E 423 23.12 10.10 -12.64
N THR E 424 23.15 11.13 -11.81
CA THR E 424 22.54 12.40 -12.13
C THR E 424 22.88 13.40 -11.03
N ASN E 425 23.09 14.66 -11.43
CA ASN E 425 23.40 15.73 -10.49
C ASN E 425 22.12 16.16 -9.77
N GLY E 426 21.63 15.28 -8.91
CA GLY E 426 20.42 15.54 -8.15
C GLY E 426 20.44 14.87 -6.80
N ASP E 427 19.93 15.56 -5.78
CA ASP E 427 19.90 15.03 -4.42
C ASP E 427 18.80 14.00 -4.21
N SER E 428 18.04 13.65 -5.25
CA SER E 428 17.00 12.64 -5.11
C SER E 428 17.59 11.29 -4.73
N ARG E 429 18.82 11.00 -5.18
CA ARG E 429 19.51 9.76 -4.85
C ARG E 429 18.70 8.54 -5.32
N TRP E 430 18.35 8.54 -6.60
CA TRP E 430 17.63 7.44 -7.24
C TRP E 430 18.54 6.64 -8.16
N ARG E 431 19.83 6.57 -7.84
CA ARG E 431 20.79 5.85 -8.66
C ARG E 431 20.44 4.37 -8.72
N THR E 432 20.01 3.89 -9.88
CA THR E 432 19.65 2.50 -10.09
C THR E 432 20.79 1.76 -10.78
N THR E 433 21.05 0.54 -10.33
CA THR E 433 22.09 -0.32 -10.89
C THR E 433 21.45 -1.39 -11.75
N ILE E 434 21.96 -1.56 -12.97
CA ILE E 434 21.45 -2.52 -13.93
C ILE E 434 22.57 -3.50 -14.27
N GLU E 435 22.27 -4.79 -14.19
CA GLU E 435 23.22 -5.85 -14.52
C GLU E 435 22.97 -6.28 -15.96
N LEU E 436 23.92 -5.97 -16.84
CA LEU E 436 23.79 -6.28 -18.26
C LEU E 436 24.38 -7.65 -18.54
N GLN E 437 23.54 -8.59 -18.95
CA GLN E 437 23.96 -9.95 -19.31
C GLN E 437 23.91 -10.10 -20.82
N VAL E 438 24.97 -10.65 -21.40
CA VAL E 438 25.09 -10.81 -22.84
C VAL E 438 25.07 -12.30 -23.17
N ALA E 439 24.50 -12.62 -24.33
CA ALA E 439 24.42 -13.98 -24.82
C ALA E 439 24.80 -14.02 -26.28
N GLU E 440 25.23 -15.19 -26.74
CA GLU E 440 25.63 -15.36 -28.13
C GLU E 440 24.44 -15.11 -29.06
N ALA E 441 24.75 -15.04 -30.36
CA ALA E 441 23.72 -14.81 -31.37
C ALA E 441 22.78 -16.00 -31.24
N THR E 442 21.62 -15.81 -30.61
CA THR E 442 20.63 -16.87 -30.52
C THR E 442 19.82 -16.92 -31.81
N ARG E 443 19.07 -15.87 -32.11
CA ARG E 443 18.23 -15.80 -33.29
C ARG E 443 18.54 -14.51 -34.05
N GLU E 444 17.84 -14.31 -35.16
CA GLU E 444 18.04 -13.13 -35.97
C GLU E 444 17.31 -11.93 -35.36
N PRO E 445 17.77 -10.72 -35.64
CA PRO E 445 17.11 -9.53 -35.08
C PRO E 445 15.82 -9.20 -35.80
N ASN E 446 14.87 -8.65 -35.04
CA ASN E 446 13.58 -8.27 -35.61
C ASN E 446 13.70 -7.08 -36.56
N LEU E 447 14.78 -6.30 -36.46
CA LEU E 447 14.99 -5.14 -37.32
C LEU E 447 16.27 -5.35 -38.11
N GLU E 448 16.16 -5.31 -39.43
CA GLU E 448 17.30 -5.48 -40.32
C GLU E 448 17.13 -4.57 -41.53
N VAL E 449 18.16 -3.78 -41.81
CA VAL E 449 18.12 -2.87 -42.95
C VAL E 449 18.42 -3.63 -44.22
N THR E 450 17.89 -3.15 -45.34
CA THR E 450 18.05 -3.84 -46.62
C THR E 450 19.42 -3.57 -47.22
N PRO E 451 19.79 -2.30 -47.51
CA PRO E 451 21.15 -2.03 -47.99
C PRO E 451 22.15 -2.04 -46.84
N GLN E 452 23.01 -3.05 -46.82
CA GLN E 452 24.02 -3.16 -45.78
C GLN E 452 25.18 -2.20 -46.06
N ASN E 453 25.98 -2.49 -47.08
CA ASN E 453 27.11 -1.64 -47.46
C ASN E 453 26.56 -0.49 -48.31
N ALA E 454 25.99 0.50 -47.63
CA ALA E 454 25.40 1.64 -48.31
C ALA E 454 26.50 2.55 -48.85
N THR E 455 26.49 2.77 -50.17
CA THR E 455 27.47 3.63 -50.84
C THR E 455 26.67 4.60 -51.72
N ALA E 456 26.19 5.69 -51.11
CA ALA E 456 25.39 6.67 -51.82
C ALA E 456 26.29 7.50 -52.74
N VAL E 457 25.70 8.53 -53.36
CA VAL E 457 26.43 9.42 -54.27
C VAL E 457 26.04 10.85 -53.93
N LEU E 458 27.00 11.76 -54.06
CA LEU E 458 26.76 13.17 -53.75
C LEU E 458 25.77 13.77 -54.74
N GLY E 459 24.84 14.56 -54.23
CA GLY E 459 23.87 15.22 -55.08
C GLY E 459 22.97 14.28 -55.84
N GLU E 460 22.71 13.08 -55.29
CA GLU E 460 21.86 12.10 -55.93
C GLU E 460 20.98 11.45 -54.87
N THR E 461 19.68 11.33 -55.16
CA THR E 461 18.75 10.80 -54.19
C THR E 461 19.17 9.41 -53.74
N PHE E 462 19.09 9.17 -52.43
CA PHE E 462 19.43 7.89 -51.83
C PHE E 462 18.29 7.45 -50.92
N THR E 463 18.07 6.14 -50.85
CA THR E 463 16.98 5.58 -50.08
C THR E 463 17.48 4.38 -49.28
N VAL E 464 16.92 4.21 -48.09
CA VAL E 464 17.23 3.08 -47.22
C VAL E 464 15.97 2.69 -46.46
N SER E 465 15.64 1.41 -46.47
CA SER E 465 14.43 0.89 -45.85
C SER E 465 14.80 -0.08 -44.74
N CYS E 466 14.17 0.09 -43.58
CA CYS E 466 14.36 -0.79 -42.43
C CYS E 466 13.20 -1.77 -42.34
N HIS E 467 13.52 -3.05 -42.16
CA HIS E 467 12.48 -4.05 -42.02
C HIS E 467 11.58 -3.71 -40.84
N TYR E 468 10.32 -4.10 -40.95
CA TYR E 468 9.29 -3.75 -39.96
C TYR E 468 8.35 -4.93 -39.78
N PRO E 469 8.70 -5.87 -38.91
CA PRO E 469 7.82 -7.02 -38.69
C PRO E 469 6.54 -6.61 -37.99
N CYS E 470 5.55 -7.51 -38.04
CA CYS E 470 4.27 -7.26 -37.41
C CYS E 470 4.35 -7.19 -35.89
N LYS E 471 5.43 -7.71 -35.30
CA LYS E 471 5.58 -7.67 -33.85
C LYS E 471 5.42 -6.26 -33.30
N PHE E 472 5.83 -5.25 -34.07
CA PHE E 472 5.72 -3.85 -33.68
C PHE E 472 4.75 -3.10 -34.58
N TYR E 473 3.73 -3.78 -35.09
CA TYR E 473 2.80 -3.15 -36.02
C TYR E 473 2.12 -1.93 -35.39
N SER E 474 1.77 -2.03 -34.11
CA SER E 474 1.06 -0.97 -33.42
C SER E 474 1.99 -0.01 -32.68
N GLN E 475 3.29 -0.11 -32.90
CA GLN E 475 4.27 0.75 -32.24
C GLN E 475 4.77 1.82 -33.19
N GLU E 476 5.31 2.89 -32.60
CA GLU E 476 5.85 4.00 -33.38
C GLU E 476 7.27 3.67 -33.84
N LYS E 477 7.67 4.31 -34.94
CA LYS E 477 8.98 4.08 -35.55
C LYS E 477 9.67 5.42 -35.77
N TYR E 478 10.98 5.36 -35.97
CA TYR E 478 11.76 6.58 -36.11
C TYR E 478 13.14 6.25 -36.66
N TRP E 479 13.63 7.12 -37.54
CA TRP E 479 15.02 7.11 -37.98
C TRP E 479 15.72 8.33 -37.40
N CYS E 480 16.92 8.13 -36.86
CA CYS E 480 17.66 9.23 -36.24
C CYS E 480 19.14 9.11 -36.56
N LYS E 481 19.76 10.24 -36.84
CA LYS E 481 21.19 10.31 -37.10
C LYS E 481 21.95 10.43 -35.78
N TRP E 482 22.99 9.63 -35.62
CA TRP E 482 23.76 9.61 -34.38
C TRP E 482 24.76 10.75 -34.35
N SER E 483 25.01 11.26 -33.15
CA SER E 483 26.02 12.28 -32.93
C SER E 483 26.72 11.97 -31.61
N ASN E 484 27.87 12.64 -31.41
CA ASN E 484 28.63 12.42 -30.18
C ASN E 484 27.87 12.79 -28.92
N LYS E 485 26.75 13.50 -29.05
CA LYS E 485 25.94 13.87 -27.90
C LYS E 485 24.62 13.12 -27.83
N GLY E 486 24.11 12.62 -28.96
CA GLY E 486 22.85 11.90 -28.97
C GLY E 486 22.41 11.52 -30.36
N CYS E 487 21.10 11.36 -30.57
CA CYS E 487 20.55 11.01 -31.87
C CYS E 487 19.46 12.01 -32.22
N HIS E 488 19.58 12.62 -33.40
CA HIS E 488 18.61 13.58 -33.90
C HIS E 488 17.62 12.88 -34.80
N ILE E 489 16.32 13.05 -34.49
CA ILE E 489 15.28 12.37 -35.27
C ILE E 489 15.28 12.90 -36.69
N LEU E 490 14.87 12.04 -37.62
CA LEU E 490 14.80 12.38 -39.05
C LEU E 490 13.41 12.05 -39.56
N PRO E 491 12.58 13.05 -39.91
CA PRO E 491 11.27 12.75 -40.47
C PRO E 491 11.37 11.88 -41.72
N SER E 492 11.06 10.60 -41.58
CA SER E 492 11.16 9.63 -42.66
C SER E 492 9.76 9.23 -43.14
N HIS E 493 9.73 8.28 -44.08
CA HIS E 493 8.50 7.79 -44.66
C HIS E 493 8.19 6.40 -44.10
N ASP E 494 6.93 6.17 -43.75
CA ASP E 494 6.49 4.91 -43.18
C ASP E 494 5.64 4.15 -44.19
N GLU E 495 5.67 2.82 -44.08
CA GLU E 495 4.91 1.93 -44.94
C GLU E 495 4.18 0.90 -44.08
N GLY E 496 2.95 0.59 -44.47
CA GLY E 496 2.15 -0.37 -43.74
C GLY E 496 2.56 -1.81 -44.02
N GLN E 509 5.07 -3.40 -45.01
CA GLN E 509 5.69 -3.61 -43.70
C GLN E 509 7.16 -3.20 -43.74
N LEU E 510 7.39 -1.90 -43.96
CA LEU E 510 8.75 -1.37 -44.02
C LEU E 510 8.75 0.04 -43.46
N VAL E 511 9.95 0.54 -43.17
CA VAL E 511 10.16 1.90 -42.68
C VAL E 511 11.17 2.53 -43.62
N SER E 512 10.68 3.26 -44.63
CA SER E 512 11.54 3.84 -45.64
C SER E 512 12.19 5.13 -45.12
N MET E 513 13.33 5.47 -45.73
CA MET E 513 14.04 6.70 -45.41
C MET E 513 14.71 7.20 -46.69
N THR E 514 14.31 8.40 -47.13
CA THR E 514 14.79 8.97 -48.38
C THR E 514 15.50 10.28 -48.13
N LEU E 515 16.61 10.50 -48.83
CA LEU E 515 17.38 11.73 -48.77
C LEU E 515 17.39 12.32 -50.18
N ASN E 516 16.39 13.16 -50.49
CA ASN E 516 16.33 13.77 -51.81
C ASN E 516 17.64 14.43 -52.20
N PRO E 517 18.16 15.40 -51.44
CA PRO E 517 19.53 15.84 -51.63
C PRO E 517 20.50 14.96 -50.86
N VAL E 518 21.80 15.17 -51.10
CA VAL E 518 22.84 14.41 -50.42
C VAL E 518 24.05 15.32 -50.24
N SER E 519 24.49 15.44 -48.98
CA SER E 519 25.68 16.19 -48.64
C SER E 519 26.63 15.29 -47.87
N LYS E 520 27.93 15.61 -47.95
CA LYS E 520 28.93 14.80 -47.26
C LYS E 520 28.67 14.75 -45.75
N GLU E 521 27.98 15.74 -45.19
CA GLU E 521 27.68 15.72 -43.76
C GLU E 521 26.63 14.67 -43.41
N ASP E 522 25.87 14.18 -44.40
CA ASP E 522 24.86 13.16 -44.12
C ASP E 522 25.48 11.84 -43.69
N GLU E 523 26.77 11.64 -43.93
CA GLU E 523 27.43 10.40 -43.51
C GLU E 523 27.40 10.27 -41.99
N GLY E 524 27.59 9.05 -41.53
CA GLY E 524 27.60 8.74 -40.11
C GLY E 524 26.82 7.48 -39.84
N TRP E 525 26.41 7.31 -38.59
CA TRP E 525 25.67 6.14 -38.14
C TRP E 525 24.20 6.51 -37.99
N TYR E 526 23.34 5.92 -38.81
CA TYR E 526 21.90 6.12 -38.73
C TYR E 526 21.27 4.94 -38.00
N TRP E 527 20.24 5.22 -37.20
CA TRP E 527 19.61 4.24 -36.35
C TRP E 527 18.16 4.00 -36.76
N CYS E 528 17.74 2.74 -36.66
CA CYS E 528 16.35 2.34 -36.94
C CYS E 528 15.79 1.74 -35.66
N GLY E 529 14.87 2.45 -35.02
CA GLY E 529 14.30 2.00 -33.76
C GLY E 529 12.79 2.07 -33.72
N VAL E 530 12.22 1.84 -32.54
CA VAL E 530 10.77 1.86 -32.33
C VAL E 530 10.47 2.64 -31.06
N LYS E 531 9.18 2.83 -30.80
CA LYS E 531 8.74 3.56 -29.61
C LYS E 531 7.32 3.11 -29.26
N GLN E 532 7.12 2.78 -27.99
CA GLN E 532 5.83 2.37 -27.47
C GLN E 532 5.22 3.50 -26.66
N GLY E 533 4.80 4.55 -27.37
CA GLY E 533 4.22 5.72 -26.73
C GLY E 533 5.25 6.69 -26.22
N GLN E 534 6.11 6.23 -25.31
CA GLN E 534 7.14 7.08 -24.73
C GLN E 534 8.45 6.32 -24.60
N THR E 535 8.37 5.06 -24.19
CA THR E 535 9.57 4.24 -24.04
C THR E 535 10.10 3.82 -25.40
N TYR E 536 11.25 3.16 -25.39
CA TYR E 536 11.91 2.66 -26.58
C TYR E 536 11.97 1.14 -26.56
N GLY E 537 12.50 0.56 -27.63
CA GLY E 537 12.62 -0.88 -27.74
C GLY E 537 13.89 -1.29 -28.46
N GLU E 538 13.82 -2.40 -29.21
CA GLU E 538 14.98 -2.86 -29.95
C GLU E 538 15.28 -1.91 -31.11
N THR E 539 16.56 -1.66 -31.34
CA THR E 539 17.02 -0.76 -32.39
C THR E 539 18.19 -1.39 -33.12
N THR E 540 18.63 -0.73 -34.18
CA THR E 540 19.77 -1.19 -34.97
C THR E 540 20.44 0.02 -35.60
N ALA E 541 21.73 -0.11 -35.88
CA ALA E 541 22.55 0.96 -36.45
C ALA E 541 23.06 0.54 -37.82
N ILE E 542 23.60 1.52 -38.54
CA ILE E 542 24.17 1.29 -39.86
C ILE E 542 24.97 2.51 -40.28
N TYR E 543 26.17 2.30 -40.80
CA TYR E 543 27.01 3.39 -41.28
C TYR E 543 26.71 3.67 -42.73
N ILE E 544 26.66 4.96 -43.08
CA ILE E 544 26.33 5.41 -44.42
C ILE E 544 27.50 6.25 -44.94
N ALA E 545 28.00 5.91 -46.12
CA ALA E 545 29.07 6.64 -46.76
C ALA E 545 28.64 7.03 -48.17
N VAL E 546 29.25 8.09 -48.68
CA VAL E 546 28.95 8.64 -50.00
C VAL E 546 30.20 8.59 -50.85
N GLU E 547 30.03 8.26 -52.13
CA GLU E 547 31.14 8.18 -53.06
C GLU E 547 31.32 9.54 -53.75
N GLU E 548 32.18 9.59 -54.76
CA GLU E 548 32.44 10.81 -55.50
C GLU E 548 32.41 10.56 -57.00
N GLU F 3 12.39 -16.07 10.44
CA GLU F 3 11.11 -15.48 10.81
C GLU F 3 9.99 -16.06 9.95
N ALA F 4 8.81 -15.46 10.02
CA ALA F 4 7.66 -15.91 9.27
C ALA F 4 7.58 -15.21 7.92
N THR F 5 7.12 -15.94 6.92
CA THR F 5 6.97 -15.42 5.56
C THR F 5 5.53 -15.02 5.31
N ILE F 6 5.34 -13.92 4.59
CA ILE F 6 4.02 -13.39 4.29
C ILE F 6 3.55 -13.95 2.96
N LEU F 7 2.28 -14.32 2.89
CA LEU F 7 1.66 -14.81 1.66
C LEU F 7 0.57 -13.90 1.12
N ALA F 8 -0.08 -13.11 1.97
CA ALA F 8 -1.13 -12.20 1.54
C ALA F 8 -1.44 -11.24 2.66
N ASP F 9 -1.56 -9.94 2.31
CA ASP F 9 -1.91 -8.88 3.27
C ASP F 9 -2.88 -7.95 2.55
N ASN F 10 -4.14 -8.35 2.50
CA ASN F 10 -5.18 -7.62 1.78
C ASN F 10 -5.87 -6.65 2.74
N LYS F 11 -5.77 -5.35 2.44
CA LYS F 11 -6.48 -4.36 3.24
C LYS F 11 -7.99 -4.47 3.00
N CYS F 12 -8.42 -4.48 1.74
CA CYS F 12 -9.80 -4.78 1.42
C CYS F 12 -10.16 -6.13 2.03
N MET F 13 -11.05 -6.12 3.03
CA MET F 13 -11.27 -7.29 3.86
C MET F 13 -9.98 -7.60 4.61
N CYS F 14 -9.72 -6.84 5.69
CA CYS F 14 -8.46 -6.95 6.41
C CYS F 14 -8.16 -8.40 6.78
N THR F 15 -7.05 -8.91 6.26
CA THR F 15 -6.63 -10.28 6.53
C THR F 15 -5.14 -10.39 6.22
N ARG F 16 -4.41 -11.03 7.13
CA ARG F 16 -2.97 -11.23 6.99
C ARG F 16 -2.69 -12.73 7.09
N VAL F 17 -2.37 -13.35 5.96
CA VAL F 17 -2.07 -14.78 5.90
C VAL F 17 -0.57 -14.94 5.73
N THR F 18 0.08 -15.47 6.77
CA THR F 18 1.52 -15.71 6.76
C THR F 18 1.78 -17.19 6.98
N SER F 19 3.02 -17.60 6.68
CA SER F 19 3.41 -18.99 6.83
C SER F 19 4.90 -19.05 7.14
N ARG F 20 5.35 -20.24 7.54
CA ARG F 20 6.76 -20.44 7.89
C ARG F 20 7.05 -21.93 7.85
N ILE F 21 8.34 -22.25 7.78
CA ILE F 21 8.83 -23.63 7.77
C ILE F 21 9.60 -23.84 9.06
N ILE F 22 9.12 -24.74 9.90
CA ILE F 22 9.74 -25.04 11.18
C ILE F 22 10.27 -26.47 11.15
N PRO F 23 11.48 -26.74 11.64
CA PRO F 23 11.96 -28.12 11.66
C PRO F 23 11.09 -28.99 12.57
N SER F 24 10.61 -30.10 12.02
CA SER F 24 9.74 -30.99 12.77
C SER F 24 10.43 -31.45 14.05
N THR F 25 9.80 -31.15 15.19
CA THR F 25 10.40 -31.53 16.47
C THR F 25 10.52 -33.04 16.60
N GLU F 26 9.69 -33.80 15.89
CA GLU F 26 9.74 -35.26 15.94
C GLU F 26 10.68 -35.86 14.91
N ASP F 27 11.21 -35.06 13.99
CA ASP F 27 12.11 -35.56 12.95
C ASP F 27 12.89 -34.41 12.33
N PRO F 28 14.16 -34.21 12.71
CA PRO F 28 14.93 -33.11 12.10
C PRO F 28 14.94 -33.14 10.59
N ASN F 29 14.81 -34.32 9.98
CA ASN F 29 14.78 -34.40 8.51
C ASN F 29 13.51 -33.76 7.96
N GLU F 30 12.37 -34.04 8.57
CA GLU F 30 11.10 -33.49 8.11
C GLU F 30 10.94 -32.06 8.63
N ASP F 31 10.25 -31.24 7.84
CA ASP F 31 9.99 -29.84 8.18
C ASP F 31 8.49 -29.59 8.07
N ILE F 32 7.91 -29.03 9.13
CA ILE F 32 6.49 -28.73 9.18
C ILE F 32 6.26 -27.34 8.60
N VAL F 33 5.12 -27.17 7.93
CA VAL F 33 4.74 -25.92 7.31
C VAL F 33 3.60 -25.33 8.14
N GLU F 34 3.93 -24.36 8.99
CA GLU F 34 2.93 -23.70 9.82
C GLU F 34 2.37 -22.47 9.10
N ARG F 35 1.10 -22.17 9.38
CA ARG F 35 0.41 -21.06 8.77
C ARG F 35 -0.28 -20.24 9.85
N ASN F 36 -0.02 -18.93 9.86
CA ASN F 36 -0.63 -18.01 10.81
C ASN F 36 -1.56 -17.05 10.06
N ILE F 37 -2.72 -16.79 10.65
CA ILE F 37 -3.73 -15.92 10.05
C ILE F 37 -4.17 -14.90 11.10
N ARG F 38 -4.34 -13.65 10.67
CA ARG F 38 -4.78 -12.57 11.54
C ARG F 38 -5.94 -11.86 10.88
N ILE F 39 -7.12 -11.93 11.48
CA ILE F 39 -8.33 -11.30 10.97
C ILE F 39 -8.72 -10.18 11.92
N VAL F 40 -9.20 -9.08 11.36
CA VAL F 40 -9.62 -7.91 12.14
C VAL F 40 -11.08 -7.66 11.77
N VAL F 41 -12.00 -8.20 12.56
CA VAL F 41 -13.43 -8.05 12.33
C VAL F 41 -13.87 -6.77 13.06
N PRO F 42 -14.26 -5.71 12.33
CA PRO F 42 -14.67 -4.48 13.02
C PRO F 42 -16.04 -4.62 13.68
N LEU F 43 -16.50 -3.55 14.33
CA LEU F 43 -17.80 -3.55 14.98
C LEU F 43 -18.61 -2.28 14.71
N ASN F 44 -18.04 -1.31 13.98
CA ASN F 44 -18.74 -0.07 13.65
C ASN F 44 -18.93 0.13 12.16
N ASN F 45 -18.31 -0.68 11.31
CA ASN F 45 -18.46 -0.55 9.87
C ASN F 45 -19.82 -1.10 9.42
N ARG F 46 -20.13 -0.87 8.16
CA ARG F 46 -21.41 -1.25 7.58
C ARG F 46 -21.19 -2.21 6.41
N GLU F 47 -22.30 -2.77 5.92
CA GLU F 47 -22.23 -3.69 4.79
C GLU F 47 -21.52 -3.05 3.60
N ASN F 48 -21.79 -1.77 3.39
CA ASN F 48 -21.11 -1.01 2.35
C ASN F 48 -20.37 0.09 3.10
N ILE F 49 -19.09 0.27 2.86
CA ILE F 49 -18.34 1.31 3.57
C ILE F 49 -18.33 2.64 2.83
N SER F 50 -18.70 2.62 1.56
CA SER F 50 -18.76 3.84 0.76
C SER F 50 -20.12 4.53 0.94
N ASP F 51 -21.16 3.72 1.11
CA ASP F 51 -22.52 4.22 1.30
C ASP F 51 -22.92 4.00 2.76
N PRO F 52 -23.16 5.09 3.52
CA PRO F 52 -23.50 4.92 4.94
C PRO F 52 -24.96 4.58 5.27
N THR F 53 -25.84 4.49 4.28
CA THR F 53 -27.25 4.18 4.56
C THR F 53 -27.45 2.69 4.85
N SER F 54 -26.50 1.86 4.42
CA SER F 54 -26.58 0.42 4.64
C SER F 54 -26.49 0.09 6.13
N PRO F 55 -27.13 -1.01 6.55
CA PRO F 55 -27.09 -1.39 7.97
C PRO F 55 -25.75 -1.98 8.41
N LEU F 56 -25.56 -2.14 9.72
CA LEU F 56 -24.33 -2.69 10.27
C LEU F 56 -24.06 -4.12 9.74
N ARG F 57 -22.79 -4.46 9.54
CA ARG F 57 -22.43 -5.77 9.04
C ARG F 57 -22.11 -6.76 10.17
N ARG F 58 -22.94 -7.78 10.35
CA ARG F 58 -22.69 -8.77 11.39
C ARG F 58 -22.62 -10.18 10.80
N ASN F 59 -22.28 -10.27 9.51
CA ASN F 59 -22.17 -11.55 8.82
C ASN F 59 -20.71 -11.97 8.65
N PHE F 60 -19.91 -11.07 8.06
CA PHE F 60 -18.48 -11.29 7.84
C PHE F 60 -18.09 -12.64 7.24
N VAL F 61 -18.36 -12.83 5.96
CA VAL F 61 -17.99 -14.07 5.29
C VAL F 61 -16.53 -13.93 4.86
N TYR F 62 -15.68 -14.89 5.19
CA TYR F 62 -14.26 -14.80 4.84
C TYR F 62 -13.77 -15.99 4.01
N HIS F 63 -13.62 -15.82 2.70
CA HIS F 63 -13.12 -16.88 1.85
C HIS F 63 -11.61 -16.71 1.67
N LEU F 64 -10.87 -17.82 1.60
CA LEU F 64 -9.42 -17.75 1.43
C LEU F 64 -9.02 -17.45 -0.01
N SER F 65 -9.94 -17.70 -0.93
CA SER F 65 -9.68 -17.46 -2.35
C SER F 65 -9.70 -15.96 -2.66
N ASP F 66 -10.46 -15.21 -1.87
CA ASP F 66 -10.56 -13.77 -2.06
C ASP F 66 -9.44 -13.01 -1.36
N VAL F 67 -8.82 -13.66 -0.37
CA VAL F 67 -7.74 -13.03 0.38
C VAL F 67 -6.45 -13.02 -0.46
N CYS F 68 -5.96 -14.19 -0.83
CA CYS F 68 -4.75 -14.30 -1.64
C CYS F 68 -5.16 -14.23 -3.10
N LYS F 69 -5.45 -13.03 -3.58
CA LYS F 69 -5.91 -12.83 -4.95
C LYS F 69 -4.83 -12.30 -5.90
N LYS F 70 -4.08 -11.30 -5.45
CA LYS F 70 -3.02 -10.67 -6.25
C LYS F 70 -3.52 -10.30 -7.65
N CYS F 71 -4.45 -9.35 -7.71
CA CYS F 71 -5.02 -8.89 -8.98
C CYS F 71 -3.99 -8.20 -9.87
N ASP F 72 -3.04 -7.51 -9.24
CA ASP F 72 -1.99 -6.78 -9.96
C ASP F 72 -1.28 -7.64 -11.00
N PRO F 73 -1.01 -7.08 -12.19
CA PRO F 73 -0.32 -7.85 -13.24
C PRO F 73 1.17 -8.04 -12.98
N VAL F 74 1.81 -8.91 -13.76
CA VAL F 74 3.23 -9.18 -13.61
C VAL F 74 3.85 -9.51 -14.98
N GLU F 75 5.08 -9.05 -15.22
CA GLU F 75 5.75 -9.31 -16.48
C GLU F 75 6.35 -10.72 -16.48
N VAL F 76 6.39 -11.36 -17.64
CA VAL F 76 6.92 -12.71 -17.76
C VAL F 76 7.97 -12.78 -18.88
N GLU F 77 9.07 -13.50 -18.66
CA GLU F 77 10.12 -13.62 -19.66
C GLU F 77 10.21 -15.06 -20.18
N LEU F 78 9.99 -15.29 -21.47
CA LEU F 78 10.07 -16.63 -22.06
C LEU F 78 11.18 -16.69 -23.09
N GLU F 79 12.29 -16.08 -22.73
CA GLU F 79 13.52 -16.02 -23.56
C GLU F 79 13.32 -15.36 -24.94
N ASP F 80 12.36 -14.44 -25.03
CA ASP F 80 12.09 -13.70 -26.27
C ASP F 80 11.31 -12.39 -26.05
N GLN F 81 10.09 -12.49 -25.51
CA GLN F 81 9.28 -11.31 -25.26
C GLN F 81 9.02 -11.15 -23.77
N VAL F 82 8.73 -9.93 -23.35
CA VAL F 82 8.45 -9.65 -21.95
C VAL F 82 6.98 -9.27 -21.82
N VAL F 83 6.12 -10.22 -22.15
CA VAL F 83 4.68 -10.02 -22.11
C VAL F 83 4.14 -9.84 -20.68
N THR F 84 2.97 -9.23 -20.58
CA THR F 84 2.32 -9.01 -19.29
C THR F 84 1.30 -10.10 -19.03
N ALA F 85 1.02 -10.36 -17.76
CA ALA F 85 0.05 -11.40 -17.38
C ALA F 85 -0.57 -11.10 -16.03
N THR F 86 -1.75 -11.67 -15.79
CA THR F 86 -2.44 -11.48 -14.52
C THR F 86 -2.15 -12.66 -13.61
N GLN F 87 -2.39 -12.49 -12.31
CA GLN F 87 -2.11 -13.55 -11.34
C GLN F 87 -3.39 -14.09 -10.70
N SER F 88 -4.53 -13.89 -11.35
CA SER F 88 -5.79 -14.38 -10.82
C SER F 88 -6.85 -14.50 -11.91
N ASN F 89 -7.85 -15.34 -11.65
CA ASN F 89 -8.94 -15.56 -12.59
C ASN F 89 -10.28 -15.04 -12.06
N ILE F 90 -10.26 -14.32 -10.94
CA ILE F 90 -11.49 -13.80 -10.35
C ILE F 90 -11.42 -12.29 -10.10
N CYS F 91 -10.58 -11.60 -10.85
CA CYS F 91 -10.44 -10.15 -10.70
C CYS F 91 -11.29 -9.42 -11.74
N ASN F 92 -12.61 -9.57 -11.62
CA ASN F 92 -13.53 -8.94 -12.55
C ASN F 92 -13.81 -7.49 -12.14
N GLU F 93 -14.30 -6.70 -13.08
CA GLU F 93 -14.60 -5.29 -12.83
C GLU F 93 -15.99 -4.94 -13.38
N VAL F 97 -18.33 -3.82 -11.38
CA VAL F 97 -18.89 -3.34 -10.12
C VAL F 97 -17.88 -3.57 -8.99
N PRO F 98 -17.54 -2.51 -8.23
CA PRO F 98 -16.59 -2.67 -7.12
C PRO F 98 -16.96 -3.80 -6.15
N GLU F 99 -15.97 -4.60 -5.72
CA GLU F 99 -16.23 -5.69 -4.79
C GLU F 99 -16.37 -5.16 -3.37
N THR F 100 -16.91 -5.97 -2.48
CA THR F 100 -17.11 -5.57 -1.10
C THR F 100 -15.80 -5.54 -0.30
N CYS F 101 -15.54 -4.46 0.42
CA CYS F 101 -14.34 -4.34 1.23
C CYS F 101 -14.77 -4.04 2.66
N TYR F 102 -14.73 -5.05 3.52
CA TYR F 102 -15.15 -4.92 4.90
C TYR F 102 -14.53 -3.72 5.61
N MET F 103 -13.21 -3.55 5.48
CA MET F 103 -12.53 -2.44 6.13
C MET F 103 -11.94 -1.45 5.14
N TYR F 104 -11.66 -0.24 5.62
CA TYR F 104 -11.08 0.82 4.79
C TYR F 104 -9.60 0.56 4.56
N ASP F 105 -9.06 1.23 3.54
CA ASP F 105 -7.65 1.13 3.21
C ASP F 105 -7.12 2.57 3.31
N ARG F 106 -6.24 2.84 4.26
CA ARG F 106 -5.72 4.20 4.46
C ARG F 106 -5.21 4.90 3.19
N ASN F 107 -4.48 4.18 2.35
CA ASN F 107 -3.95 4.75 1.11
C ASN F 107 -5.07 5.28 0.23
N LYS F 108 -6.14 4.50 0.09
CA LYS F 108 -7.28 4.89 -0.74
C LYS F 108 -8.12 5.97 -0.07
N CYS F 109 -8.93 6.67 -0.87
CA CYS F 109 -9.78 7.73 -0.37
C CYS F 109 -11.25 7.42 -0.67
N TYR F 110 -12.04 7.10 0.37
CA TYR F 110 -13.45 6.79 0.17
C TYR F 110 -14.32 8.00 0.49
N THR F 111 -15.15 8.45 -0.46
CA THR F 111 -16.01 9.60 -0.22
C THR F 111 -17.47 9.25 -0.47
N THR F 112 -18.36 10.15 -0.03
CA THR F 112 -19.79 9.94 -0.19
C THR F 112 -20.43 11.25 -0.65
N MET F 113 -21.49 11.16 -1.44
CA MET F 113 -22.17 12.35 -1.93
C MET F 113 -23.29 12.75 -0.96
N VAL F 114 -23.39 14.04 -0.64
CA VAL F 114 -24.43 14.50 0.28
C VAL F 114 -25.01 15.82 -0.23
N PRO F 115 -26.34 15.87 -0.43
CA PRO F 115 -26.91 17.13 -0.93
C PRO F 115 -27.02 18.18 0.19
N LEU F 116 -26.85 19.46 -0.16
CA LEU F 116 -26.94 20.52 0.81
C LEU F 116 -27.62 21.73 0.18
N ARG F 117 -28.18 22.61 1.01
CA ARG F 117 -28.86 23.79 0.52
C ARG F 117 -28.01 25.05 0.67
N TYR F 118 -28.25 26.05 -0.17
CA TYR F 118 -27.50 27.30 -0.14
C TYR F 118 -28.29 28.38 -0.88
N HIS F 119 -28.84 29.36 -0.16
CA HIS F 119 -29.62 30.45 -0.75
C HIS F 119 -30.69 29.95 -1.73
N GLY F 120 -31.47 28.96 -1.29
CA GLY F 120 -32.53 28.40 -2.09
C GLY F 120 -32.06 27.54 -3.26
N GLU F 121 -30.86 27.00 -3.16
CA GLU F 121 -30.30 26.16 -4.21
C GLU F 121 -29.66 24.92 -3.60
N THR F 122 -29.66 23.82 -4.34
CA THR F 122 -29.08 22.58 -3.84
C THR F 122 -27.74 22.30 -4.54
N LYS F 123 -26.80 21.68 -3.82
CA LYS F 123 -25.49 21.37 -4.38
C LYS F 123 -25.05 19.99 -3.93
N MET F 124 -24.29 19.30 -4.77
CA MET F 124 -23.82 17.95 -4.45
C MET F 124 -22.39 17.98 -3.92
N VAL F 125 -22.25 18.30 -2.63
CA VAL F 125 -20.93 18.35 -2.00
C VAL F 125 -20.50 16.94 -1.58
N GLN F 126 -19.21 16.64 -1.68
CA GLN F 126 -18.72 15.33 -1.31
C GLN F 126 -18.01 15.42 0.05
N ALA F 127 -18.13 14.39 0.88
CA ALA F 127 -17.49 14.40 2.19
C ALA F 127 -16.43 13.30 2.29
N ALA F 128 -15.47 13.50 3.18
CA ALA F 128 -14.40 12.54 3.37
C ALA F 128 -14.67 11.72 4.65
N LEU F 129 -14.58 10.39 4.55
CA LEU F 129 -14.81 9.55 5.72
C LEU F 129 -13.54 9.38 6.56
N THR F 130 -12.39 9.52 5.90
CA THR F 130 -11.11 9.38 6.57
C THR F 130 -10.36 10.72 6.59
N PRO F 131 -10.37 11.41 7.74
CA PRO F 131 -9.67 12.71 7.82
C PRO F 131 -8.20 12.65 7.38
N ASP F 132 -7.48 11.61 7.79
CA ASP F 132 -6.07 11.47 7.43
C ASP F 132 -5.86 11.39 5.92
N SER F 133 -6.76 10.68 5.24
CA SER F 133 -6.69 10.51 3.79
C SER F 133 -7.44 11.65 3.07
N CYS F 134 -7.53 11.59 1.74
CA CYS F 134 -8.22 12.59 0.92
C CYS F 134 -7.70 14.01 1.17
N TYR F 135 -6.43 14.20 0.84
CA TYR F 135 -5.77 15.50 0.96
C TYR F 135 -5.15 15.80 -0.40
N PRO F 136 -5.18 17.08 -0.83
CA PRO F 136 -4.59 17.31 -2.16
C PRO F 136 -3.05 17.38 -2.13
N ASP F 137 -2.42 16.21 -2.10
CA ASP F 137 -0.96 16.13 -2.06
C ASP F 137 -0.50 14.74 -2.49
C1 NAG G . 14.75 18.98 7.41
C2 NAG G . 14.35 20.44 7.62
C3 NAG G . 15.58 21.29 7.95
C4 NAG G . 16.33 20.69 9.12
C5 NAG G . 16.68 19.24 8.82
C6 NAG G . 17.37 18.54 9.97
C7 NAG G . 13.07 22.16 6.41
C8 NAG G . 12.43 22.53 5.11
N2 NAG G . 13.67 20.97 6.45
O3 NAG G . 15.17 22.61 8.27
O4 NAG G . 17.52 21.43 9.36
O5 NAG G . 15.48 18.51 8.55
O6 NAG G . 16.63 18.70 11.18
O7 NAG G . 13.06 22.91 7.38
H4 NAG G . 15.76 20.70 9.92
H5 NAG G . 17.26 19.20 8.04
H61 NAG G . 18.26 18.90 10.09
H62 NAG G . 17.44 17.59 9.77
H81 NAG G . 12.02 23.42 5.20
H82 NAG G . 11.74 21.89 4.90
H83 NAG G . 13.10 22.55 4.41
HN2 NAG G . 13.65 20.45 5.69
HO6 NAG G . 17.06 18.28 11.84
C1 NAG G . 17.39 22.34 10.47
C2 NAG G . 18.14 23.62 10.10
C3 NAG G . 18.03 24.65 11.21
C4 NAG G . 16.57 24.88 11.58
C5 NAG G . 15.89 23.56 11.90
C6 NAG G . 14.41 23.71 12.16
C7 NAG G . 20.44 22.75 10.56
C8 NAG G . 19.96 22.31 11.92
N2 NAG G . 19.54 23.35 9.76
O3 NAG G . 18.63 25.88 10.77
O4 NAG G . 16.49 25.74 12.73
O5 NAG G . 16.02 22.67 10.78
O6 NAG G . 13.69 24.06 10.98
O7 NAG G . 21.60 22.57 10.21
H4 NAG G . 16.12 25.30 10.83
H5 NAG G . 16.32 23.16 12.68
H61 NAG G . 14.28 24.40 12.83
H62 NAG G . 14.06 22.86 12.51
H81 NAG G . 20.73 22.04 12.45
H82 NAG G . 19.36 21.55 11.83
H83 NAG G . 19.50 23.04 12.39
HN2 NAG G . 19.83 23.62 8.94
HO6 NAG G . 13.90 23.49 10.33
C1 BMA G . 16.59 27.11 12.29
C2 BMA G . 16.04 28.01 13.43
C3 BMA G . 16.28 29.48 13.10
C4 BMA G . 17.74 29.73 12.67
C5 BMA G . 18.12 28.77 11.54
C6 BMA G . 19.57 28.93 11.09
O2 BMA G . 16.70 27.75 14.65
O3 BMA G . 15.94 30.33 14.18
O4 BMA G . 17.90 31.07 12.24
O5 BMA G . 17.95 27.44 12.00
O6 BMA G . 20.05 27.66 10.68
H1 BMA G . 15.98 27.27 11.39
H2 BMA G . 14.95 27.82 13.53
H3 BMA G . 15.63 29.78 12.26
H4 BMA G . 18.39 29.51 13.54
H5 BMA G . 17.47 28.96 10.67
H61 BMA G . 20.14 29.41 11.92
H62 BMA G . 19.57 29.64 10.26
HO2 BMA G . 16.03 27.39 15.25
HO3 BMA G . 15.15 30.82 13.90
HO4 BMA G . 18.85 31.27 12.36
HO6 BMA G . 19.62 27.45 9.82
C1 MAN G . 20.97 27.17 11.67
C2 MAN G . 22.33 26.89 10.96
C3 MAN G . 23.14 25.88 11.75
C4 MAN G . 22.72 25.90 13.22
C5 MAN G . 21.26 25.41 13.35
C6 MAN G . 20.62 25.77 14.67
O2 MAN G . 23.13 28.07 10.89
O3 MAN G . 24.53 26.10 11.63
O4 MAN G . 23.56 25.04 13.97
O5 MAN G . 20.46 26.00 12.29
O6 MAN G . 21.49 25.34 15.71
H3 MAN G . 22.94 24.88 11.35
H4 MAN G . 22.78 26.93 13.60
H5 MAN G . 21.26 24.32 13.25
H61 MAN G . 19.64 25.27 14.74
H62 MAN G . 20.46 26.85 14.69
HO4 MAN G . 23.29 25.16 14.90
HO6 MAN G . 20.94 25.12 16.48
C1 MAN G . 25.06 25.28 10.56
C2 MAN G . 26.51 24.89 10.96
C3 MAN G . 27.41 26.11 10.88
C4 MAN G . 27.28 26.81 9.53
C5 MAN G . 25.80 27.18 9.29
C6 MAN G . 25.57 27.82 7.94
O2 MAN G . 27.05 23.94 10.03
O3 MAN G . 28.78 25.77 11.12
O4 MAN G . 28.06 28.00 9.52
O5 MAN G . 25.01 25.98 9.34
O6 MAN G . 24.18 28.07 7.79
H3 MAN G . 27.13 26.82 11.67
H4 MAN G . 27.59 26.12 8.74
H5 MAN G . 25.48 27.88 10.06
H61 MAN G . 25.94 27.14 7.15
H62 MAN G . 26.16 28.75 7.89
HO3 MAN G . 28.83 24.81 10.98
HO4 MAN G . 28.87 27.77 10.00
HO6 MAN G . 23.71 27.24 7.94
C1 NAG H . 46.51 13.17 16.49
C2 NAG H . 45.95 12.99 15.08
C3 NAG H . 46.80 11.99 14.30
C4 NAG H . 48.26 12.40 14.32
C5 NAG H . 48.73 12.66 15.76
C6 NAG H . 50.12 13.25 15.85
C7 NAG H . 43.53 13.39 15.00
C8 NAG H . 42.17 12.78 15.07
N2 NAG H . 44.56 12.55 15.12
O3 NAG H . 46.33 11.90 12.96
O4 NAG H . 49.04 11.37 13.73
O5 NAG H . 47.86 13.60 16.41
O6 NAG H . 50.33 14.24 14.85
O7 NAG H . 43.68 14.60 14.83
H4 NAG H . 48.37 13.23 13.80
H5 NAG H . 48.71 11.82 16.25
H61 NAG H . 50.78 12.55 15.75
H62 NAG H . 50.23 13.66 16.72
H81 NAG H . 41.49 13.47 14.98
H82 NAG H . 42.06 12.32 15.92
H83 NAG H . 42.07 12.13 14.34
HN2 NAG H . 44.39 11.67 15.24
HO6 NAG H . 51.19 14.49 14.86
C1 NAG H . 50.29 11.89 13.21
C2 NAG H . 51.34 10.80 13.34
C3 NAG H . 52.69 11.31 12.84
C4 NAG H . 52.56 11.90 11.44
C5 NAG H . 51.40 12.89 11.35
C6 NAG H . 51.11 13.33 9.93
C7 NAG H . 50.74 9.28 15.18
C8 NAG H . 50.97 8.94 16.61
N2 NAG H . 51.44 10.32 14.70
O3 NAG H . 53.63 10.24 12.85
O4 NAG H . 53.78 12.59 11.15
O5 NAG H . 50.19 12.30 11.85
O6 NAG H . 51.83 14.50 9.60
O7 NAG H . 49.95 8.65 14.47
H4 NAG H . 52.43 11.18 10.80
H5 NAG H . 51.61 13.68 11.89
H61 NAG H . 50.16 13.52 9.86
H62 NAG H . 51.33 12.61 9.31
H81 NAG H . 50.41 8.17 16.86
H82 NAG H . 50.73 9.69 17.18
H83 NAG H . 51.90 8.71 16.76
HN2 NAG H . 52.01 10.76 15.28
HO6 NAG H . 51.76 14.65 8.73
C1 BMA H . 54.13 12.51 9.76
C2 BMA H . 55.37 13.42 9.56
C3 BMA H . 55.98 13.23 8.18
C4 BMA H . 56.16 11.74 7.86
C5 BMA H . 54.81 11.02 8.00
C6 BMA H . 54.88 9.55 7.66
O2 BMA H . 56.38 13.11 10.52
O3 BMA H . 57.24 13.89 8.07
O4 BMA H . 56.65 11.59 6.53
O5 BMA H . 54.40 11.17 9.37
O6 BMA H . 53.58 9.13 7.26
H1 BMA H . 53.36 12.88 9.11
H2 BMA H . 55.04 14.47 9.69
H3 BMA H . 55.33 13.67 7.41
H4 BMA H . 56.85 11.31 8.59
H5 BMA H . 54.08 11.51 7.33
H61 BMA H . 55.23 9.01 8.55
H62 BMA H . 55.62 9.42 6.86
HO2 BMA H . 56.44 13.88 11.09
HO3 BMA H . 57.07 14.66 7.50
HO4 BMA H . 57.54 11.22 6.63
HO6 BMA H . 53.67 8.63 6.44
C1 NAG I . 49.05 18.16 20.00
C2 NAG I . 50.11 18.37 18.90
C3 NAG I . 49.88 19.72 18.21
C4 NAG I . 48.45 19.81 17.68
C5 NAG I . 47.47 19.56 18.82
C6 NAG I . 46.03 19.53 18.36
C7 NAG I . 51.88 19.09 20.45
C8 NAG I . 53.29 18.88 20.89
N2 NAG I . 51.45 18.31 19.45
O3 NAG I . 50.81 19.85 17.14
O4 NAG I . 48.22 21.09 17.11
O5 NAG I . 47.74 18.28 19.42
O6 NAG I . 45.82 18.54 17.37
O7 NAG I . 51.15 19.94 20.96
H4 NAG I . 48.33 19.13 17.00
H5 NAG I . 47.58 20.25 19.49
H61 NAG I . 45.80 20.41 17.98
H62 NAG I . 45.45 19.36 19.12
HN2 NAG I . 52.03 17.70 19.11
HO6 NAG I . 46.30 17.81 17.58
C1 NAG I . 48.53 21.01 15.70
C2 NAG I . 47.40 21.64 14.90
C3 NAG I . 47.72 21.61 13.41
C4 NAG I . 49.08 22.26 13.15
C5 NAG I . 50.15 21.63 14.02
C6 NAG I . 51.49 22.30 13.90
C7 NAG I . 44.95 21.40 14.76
C8 NAG I . 43.77 20.56 15.12
N2 NAG I . 46.14 20.95 15.16
O3 NAG I . 46.71 22.31 12.69
O4 NAG I . 49.43 22.11 11.78
O5 NAG I . 49.77 21.70 15.40
O6 NAG I . 51.48 23.59 14.48
O7 NAG I . 44.84 22.46 14.14
H4 NAG I . 49.01 23.21 13.37
H5 NAG I . 50.24 20.68 13.77
H61 NAG I . 51.73 22.37 12.96
H62 NAG I . 52.16 21.75 14.35
H81 NAG I . 42.95 20.99 14.78
H82 NAG I . 43.71 20.47 16.09
H83 NAG I . 43.86 19.68 14.71
HN2 NAG I . 46.17 20.15 15.62
HO4 NAG I . 49.99 22.76 11.55
HO6 NAG I . 50.90 23.60 15.16
C1 NAG J . -21.58 1.05 -2.11
C2 NAG J . -21.98 0.33 -3.40
C3 NAG J . -21.37 0.99 -4.63
C4 NAG J . -21.52 2.52 -4.60
C5 NAG J . -21.10 3.06 -3.25
C6 NAG J . -21.29 4.58 -3.17
C7 NAG J . -22.25 -2.02 -3.95
C8 NAG J . -21.69 -3.41 -3.78
N2 NAG J . -21.57 -1.06 -3.33
O3 NAG J . -21.99 0.48 -5.81
O4 NAG J . -20.75 3.12 -5.63
O5 NAG J . -21.87 2.44 -2.21
O6 NAG J . -22.66 4.90 -3.38
O7 NAG J . -23.25 -1.79 -4.60
H4 NAG J . -22.59 2.75 -4.74
H5 NAG J . -20.03 2.83 -3.10
H61 NAG J . -20.66 5.06 -3.93
H62 NAG J . -20.96 4.94 -2.20
H81 NAG J . -22.19 -4.07 -4.45
H82 NAG J . -21.84 -3.72 -2.79
H83 NAG J . -20.65 -3.40 -4.00
HN2 NAG J . -20.74 -1.28 -2.80
HO6 NAG J . -23.22 4.29 -2.89
C1 NAG J . -21.63 3.89 -6.48
C2 NAG J . -20.85 4.68 -7.53
C3 NAG J . -21.80 5.51 -8.39
C4 NAG J . -22.96 4.67 -8.89
C5 NAG J . -23.60 3.87 -7.75
C6 NAG J . -24.73 2.99 -8.26
C7 NAG J . -18.58 5.31 -6.94
C8 NAG J . -18.18 4.09 -7.72
N2 NAG J . -19.89 5.55 -6.87
O3 NAG J . -21.07 6.02 -9.52
O4 NAG J . -23.95 5.52 -9.48
O5 NAG J . -22.60 3.08 -7.12
O6 NAG J . -24.18 1.86 -8.94
O7 NAG J . -17.76 6.03 -6.40
H4 NAG J . -22.59 3.96 -9.64
H5 NAG J . -24.02 4.59 -7.03
H61 NAG J . -25.37 3.56 -8.94
H62 NAG J . -25.35 2.66 -7.42
H81 NAG J . -17.13 3.95 -7.63
H82 NAG J . -18.43 4.23 -8.74
H83 NAG J . -18.70 3.24 -7.35
HN2 NAG J . -20.23 6.35 -6.36
HO4 NAG J . -24.25 5.15 -10.31
HO6 NAG J . -23.57 1.39 -8.35
C1 NAG K . -12.86 23.80 -0.23
C2 NAG K . -12.98 23.27 -1.66
C3 NAG K . -12.06 24.06 -2.59
C4 NAG K . -12.33 25.56 -2.47
C5 NAG K . -12.24 25.99 -1.01
C6 NAG K . -12.63 27.43 -0.80
C7 NAG K . -12.96 21.09 -2.78
C8 NAG K . -12.57 19.64 -2.68
N2 NAG K . -12.68 21.85 -1.72
O3 NAG K . -12.28 23.64 -3.94
O4 NAG K . -11.40 26.29 -3.24
O5 NAG K . -13.14 25.20 -0.21
O6 NAG K . -12.34 28.22 -1.94
O7 NAG K . -13.52 21.55 -3.78
H4 NAG K . -13.23 25.75 -2.80
H5 NAG K . -11.33 25.84 -0.69
H61 NAG K . -12.13 27.78 -0.03
H62 NAG K . -13.57 27.48 -0.60
H81 NAG K . -12.70 19.22 -3.54
H82 NAG K . -13.15 19.21 -2.02
H83 NAG K . -11.64 19.58 -2.41
HN2 NAG K . -12.27 21.47 -1.01
HO4 NAG K . -11.70 27.11 -3.37
HO6 NAG K . -12.78 28.99 -1.89
C1 NAG L . -5.14 -10.24 -27.06
C2 NAG L . -5.33 -8.73 -27.01
C3 NAG L . -6.55 -8.34 -27.83
C4 NAG L . -6.45 -8.90 -29.24
C5 NAG L . -6.12 -10.40 -29.22
C6 NAG L . -5.82 -10.94 -30.59
C7 NAG L . -4.87 -7.17 -25.16
C8 NAG L . -4.02 -6.41 -26.15
N2 NAG L . -5.47 -8.28 -25.63
O3 NAG L . -6.65 -6.91 -27.88
O4 NAG L . -7.69 -8.71 -29.92
O5 NAG L . -4.97 -10.65 -28.41
O6 NAG L . -4.74 -10.24 -31.21
O7 NAG L . -5.01 -6.81 -24.00
H4 NAG L . -5.74 -8.43 -29.72
H5 NAG L . -6.88 -10.87 -28.85
H61 NAG L . -6.61 -10.86 -31.16
H62 NAG L . -5.59 -11.89 -30.51
H81 NAG L . -3.63 -5.65 -25.70
H82 NAG L . -4.58 -6.11 -26.89
H83 NAG L . -3.31 -7.00 -26.48
HN2 NAG L . -5.99 -8.75 -25.06
HO4 NAG L . -8.04 -9.50 -30.11
HO6 NAG L . -4.17 -9.98 -30.58
C1 NAG M . 1.76 -29.94 15.49
C2 NAG M . 1.62 -29.69 16.99
C3 NAG M . 1.85 -30.97 17.77
C4 NAG M . 0.94 -32.08 17.25
C5 NAG M . 1.11 -32.24 15.74
C6 NAG M . 0.14 -33.23 15.14
C7 NAG M . 2.21 -27.35 17.45
C8 NAG M . 3.28 -26.41 17.93
N2 NAG M . 2.53 -28.64 17.44
O3 NAG M . 1.61 -30.75 19.15
O4 NAG M . 1.27 -33.31 17.88
O5 NAG M . 0.86 -30.98 15.10
O6 NAG M . -0.74 -33.76 16.12
O7 NAG M . 1.12 -26.95 17.08
H4 NAG M . 0.02 -31.85 17.45
H5 NAG M . 2.01 -32.52 15.54
H61 NAG M . 0.64 -33.96 14.74
H62 NAG M . -0.38 -32.78 14.45
H81 NAG M . 2.95 -25.50 17.90
H82 NAG M . 4.07 -26.49 17.37
H83 NAG M . 3.52 -26.65 18.85
HN2 NAG M . 3.36 -28.89 17.73
HO4 NAG M . 0.54 -33.82 17.91
HO6 NAG M . -1.40 -33.18 16.28
C1 NAG N . -2.62 -31.55 18.43
C2 NAG N . -2.77 -31.30 19.93
C3 NAG N . -2.32 -32.52 20.71
C4 NAG N . -3.06 -33.77 20.22
C5 NAG N . -2.90 -33.92 18.71
C6 NAG N . -3.72 -35.06 18.14
C7 NAG N . -2.56 -28.90 20.39
C8 NAG N . -1.64 -27.80 20.85
N2 NAG N . -2.02 -30.12 20.34
O3 NAG N . -2.58 -32.33 22.10
O4 NAG N . -2.52 -34.93 20.86
O5 NAG N . -3.35 -32.71 18.06
O6 NAG N . -3.44 -36.28 18.80
O7 NAG N . -3.72 -28.69 20.09
H4 NAG N . -4.01 -33.69 20.44
H5 NAG N . -1.97 -34.06 18.50
H61 NAG N . -3.51 -35.15 17.20
H62 NAG N . -4.67 -34.85 18.24
H81 NAG N . -2.12 -26.96 20.85
H82 NAG N . -0.89 -27.74 20.23
H83 NAG N . -1.32 -27.99 21.74
HN2 NAG N . -1.14 -30.23 20.58
HO4 NAG N . -3.09 -35.61 20.75
HO6 NAG N . -3.92 -36.93 18.45
#